data_7F9K
# 
_entry.id   7F9K 
# 
_audit_conform.dict_name       mmcif_pdbx.dic 
_audit_conform.dict_version    5.398 
_audit_conform.dict_location   http://mmcif.pdb.org/dictionaries/ascii/mmcif_pdbx.dic 
# 
loop_
_database_2.database_id 
_database_2.database_code 
_database_2.pdbx_database_accession 
_database_2.pdbx_DOI 
PDB   7F9K         pdb_00007f9k 10.2210/pdb7f9k/pdb 
WWPDB D_1300022491 ?            ?                   
# 
loop_
_pdbx_audit_revision_history.ordinal 
_pdbx_audit_revision_history.data_content_type 
_pdbx_audit_revision_history.major_revision 
_pdbx_audit_revision_history.minor_revision 
_pdbx_audit_revision_history.revision_date 
1 'Structure model' 1 0 2021-08-18 
2 'Structure model' 1 1 2021-09-01 
3 'Structure model' 1 2 2022-02-16 
4 'Structure model' 1 3 2023-11-29 
5 'Structure model' 1 4 2024-11-20 
# 
_pdbx_audit_revision_details.ordinal             1 
_pdbx_audit_revision_details.revision_ordinal    1 
_pdbx_audit_revision_details.data_content_type   'Structure model' 
_pdbx_audit_revision_details.provider            repository 
_pdbx_audit_revision_details.type                'Initial release' 
_pdbx_audit_revision_details.description         ? 
_pdbx_audit_revision_details.details             ? 
# 
loop_
_pdbx_audit_revision_group.ordinal 
_pdbx_audit_revision_group.revision_ordinal 
_pdbx_audit_revision_group.data_content_type 
_pdbx_audit_revision_group.group 
1 2 'Structure model' 'Database references'    
2 3 'Structure model' 'Database references'    
3 4 'Structure model' 'Data collection'        
4 4 'Structure model' 'Refinement description' 
5 5 'Structure model' 'Structure summary'      
# 
loop_
_pdbx_audit_revision_category.ordinal 
_pdbx_audit_revision_category.revision_ordinal 
_pdbx_audit_revision_category.data_content_type 
_pdbx_audit_revision_category.category 
1 2 'Structure model' citation                      
2 2 'Structure model' citation_author               
3 3 'Structure model' citation                      
4 3 'Structure model' citation_author               
5 4 'Structure model' chem_comp_atom                
6 4 'Structure model' chem_comp_bond                
7 4 'Structure model' pdbx_initial_refinement_model 
8 5 'Structure model' pdbx_entry_details            
9 5 'Structure model' pdbx_modification_feature     
# 
loop_
_pdbx_audit_revision_item.ordinal 
_pdbx_audit_revision_item.revision_ordinal 
_pdbx_audit_revision_item.data_content_type 
_pdbx_audit_revision_item.item 
1  2 'Structure model' '_citation.country'                 
2  2 'Structure model' '_citation.journal_abbrev'          
3  2 'Structure model' '_citation.journal_id_CSD'          
4  2 'Structure model' '_citation.journal_id_ISSN'         
5  2 'Structure model' '_citation.pdbx_database_id_DOI'    
6  2 'Structure model' '_citation.title'                   
7  2 'Structure model' '_citation.year'                    
8  3 'Structure model' '_citation.journal_volume'          
9  3 'Structure model' '_citation.page_first'              
10 3 'Structure model' '_citation.page_last'               
11 3 'Structure model' '_citation.pdbx_database_id_PubMed' 
12 3 'Structure model' '_citation_author.identifier_ORCID' 
# 
_pdbx_database_status.status_code                     REL 
_pdbx_database_status.status_code_sf                  REL 
_pdbx_database_status.status_code_mr                  ? 
_pdbx_database_status.entry_id                        7F9K 
_pdbx_database_status.recvd_initial_deposition_date   2021-07-04 
_pdbx_database_status.SG_entry                        N 
_pdbx_database_status.deposit_site                    PDBJ 
_pdbx_database_status.process_site                    PDBJ 
_pdbx_database_status.status_code_cs                  ? 
_pdbx_database_status.status_code_nmr_data            ? 
_pdbx_database_status.methods_development_category    ? 
_pdbx_database_status.pdb_format_compatible           Y 
# 
loop_
_audit_author.name 
_audit_author.pdbx_ordinal 
_audit_author.identifier_ORCID 
'Xie, Y.'   1 0000-0002-7654-6662 
'Song, H.'  2 0000-0002-2811-0370 
'Li, X.'    3 0000-0002-3824-1243 
'Qi, J.'    4 0000-0002-9358-4732 
'Gao, G.F.' 5 0000-0002-3869-615X 
# 
_citation.abstract                  ? 
_citation.abstract_id_CAS           ? 
_citation.book_id_ISBN              ? 
_citation.book_publisher            ? 
_citation.book_publisher_city       ? 
_citation.book_title                ? 
_citation.coordinate_linkage        ? 
_citation.country                   US 
_citation.database_id_Medline       ? 
_citation.details                   ? 
_citation.id                        primary 
_citation.journal_abbrev            'Cell Rep' 
_citation.journal_id_ASTM           ? 
_citation.journal_id_CSD            ? 
_citation.journal_id_ISSN           2211-1247 
_citation.journal_full              ? 
_citation.journal_issue             ? 
_citation.journal_volume            36 
_citation.language                  ? 
_citation.page_first                109600 
_citation.page_last                 109600 
_citation.title                     'Structural basis of malarial parasite RIFIN-mediated immune escape against LAIR1.' 
_citation.year                      2021 
_citation.database_id_CSD           ? 
_citation.pdbx_database_id_DOI      10.1016/j.celrep.2021.109600 
_citation.pdbx_database_id_PubMed   34433057 
_citation.pdbx_database_id_patent   ? 
_citation.unpublished_flag          ? 
# 
loop_
_citation_author.citation_id 
_citation_author.name 
_citation_author.ordinal 
_citation_author.identifier_ORCID 
primary 'Xie, Y.'   1 ? 
primary 'Li, X.'    2 ? 
primary 'Chai, Y.'  3 ? 
primary 'Song, H.'  4 ? 
primary 'Qi, J.'    5 ? 
primary 'Gao, G.F.' 6 ? 
# 
loop_
_entity.id 
_entity.type 
_entity.src_method 
_entity.pdbx_description 
_entity.formula_weight 
_entity.pdbx_number_of_molecules 
_entity.pdbx_ec 
_entity.pdbx_mutation 
_entity.pdbx_fragment 
_entity.details 
1 polymer man Rifin 17002.520 1  ? ? ? ? 
2 water   nat water 18.015    55 ? ? ? ? 
# 
_entity_poly.entity_id                      1 
_entity_poly.type                           'polypeptide(L)' 
_entity_poly.nstd_linkage                   no 
_entity_poly.nstd_monomer                   no 
_entity_poly.pdbx_seq_one_letter_code       
;GEIAALAVNAWKTTALKNAIAAAQKAGDAAGKIAGESKGVETIIGILEQYYSIYELKGTPLKSFFATTHYTDISNIATVI
DTELNTSCGLNSLANQAICGLRTKLGLVAKPGQVMVTQKEAITKMITNVVHKSEITAEAAKTEVAATKTAAAIKMNTEAI
EAA
;
_entity_poly.pdbx_seq_one_letter_code_can   
;GEIAALAVNAWKTTALKNAIAAAQKAGDAAGKIAGESKGVETIIGILEQYYSIYELKGTPLKSFFATTHYTDISNIATVI
DTELNTSCGLNSLANQAICGLRTKLGLVAKPGQVMVTQKEAITKMITNVVHKSEITAEAAKTEVAATKTAAAIKMNTEAI
EAA
;
_entity_poly.pdbx_strand_id                 A 
_entity_poly.pdbx_target_identifier         ? 
# 
_pdbx_entity_nonpoly.entity_id   2 
_pdbx_entity_nonpoly.name        water 
_pdbx_entity_nonpoly.comp_id     HOH 
# 
loop_
_entity_poly_seq.entity_id 
_entity_poly_seq.num 
_entity_poly_seq.mon_id 
_entity_poly_seq.hetero 
1 1   GLY n 
1 2   GLU n 
1 3   ILE n 
1 4   ALA n 
1 5   ALA n 
1 6   LEU n 
1 7   ALA n 
1 8   VAL n 
1 9   ASN n 
1 10  ALA n 
1 11  TRP n 
1 12  LYS n 
1 13  THR n 
1 14  THR n 
1 15  ALA n 
1 16  LEU n 
1 17  LYS n 
1 18  ASN n 
1 19  ALA n 
1 20  ILE n 
1 21  ALA n 
1 22  ALA n 
1 23  ALA n 
1 24  GLN n 
1 25  LYS n 
1 26  ALA n 
1 27  GLY n 
1 28  ASP n 
1 29  ALA n 
1 30  ALA n 
1 31  GLY n 
1 32  LYS n 
1 33  ILE n 
1 34  ALA n 
1 35  GLY n 
1 36  GLU n 
1 37  SER n 
1 38  LYS n 
1 39  GLY n 
1 40  VAL n 
1 41  GLU n 
1 42  THR n 
1 43  ILE n 
1 44  ILE n 
1 45  GLY n 
1 46  ILE n 
1 47  LEU n 
1 48  GLU n 
1 49  GLN n 
1 50  TYR n 
1 51  TYR n 
1 52  SER n 
1 53  ILE n 
1 54  TYR n 
1 55  GLU n 
1 56  LEU n 
1 57  LYS n 
1 58  GLY n 
1 59  THR n 
1 60  PRO n 
1 61  LEU n 
1 62  LYS n 
1 63  SER n 
1 64  PHE n 
1 65  PHE n 
1 66  ALA n 
1 67  THR n 
1 68  THR n 
1 69  HIS n 
1 70  TYR n 
1 71  THR n 
1 72  ASP n 
1 73  ILE n 
1 74  SER n 
1 75  ASN n 
1 76  ILE n 
1 77  ALA n 
1 78  THR n 
1 79  VAL n 
1 80  ILE n 
1 81  ASP n 
1 82  THR n 
1 83  GLU n 
1 84  LEU n 
1 85  ASN n 
1 86  THR n 
1 87  SER n 
1 88  CYS n 
1 89  GLY n 
1 90  LEU n 
1 91  ASN n 
1 92  SER n 
1 93  LEU n 
1 94  ALA n 
1 95  ASN n 
1 96  GLN n 
1 97  ALA n 
1 98  ILE n 
1 99  CYS n 
1 100 GLY n 
1 101 LEU n 
1 102 ARG n 
1 103 THR n 
1 104 LYS n 
1 105 LEU n 
1 106 GLY n 
1 107 LEU n 
1 108 VAL n 
1 109 ALA n 
1 110 LYS n 
1 111 PRO n 
1 112 GLY n 
1 113 GLN n 
1 114 VAL n 
1 115 MET n 
1 116 VAL n 
1 117 THR n 
1 118 GLN n 
1 119 LYS n 
1 120 GLU n 
1 121 ALA n 
1 122 ILE n 
1 123 THR n 
1 124 LYS n 
1 125 MET n 
1 126 ILE n 
1 127 THR n 
1 128 ASN n 
1 129 VAL n 
1 130 VAL n 
1 131 HIS n 
1 132 LYS n 
1 133 SER n 
1 134 GLU n 
1 135 ILE n 
1 136 THR n 
1 137 ALA n 
1 138 GLU n 
1 139 ALA n 
1 140 ALA n 
1 141 LYS n 
1 142 THR n 
1 143 GLU n 
1 144 VAL n 
1 145 ALA n 
1 146 ALA n 
1 147 THR n 
1 148 LYS n 
1 149 THR n 
1 150 ALA n 
1 151 ALA n 
1 152 ALA n 
1 153 ILE n 
1 154 LYS n 
1 155 MET n 
1 156 ASN n 
1 157 THR n 
1 158 GLU n 
1 159 ALA n 
1 160 ILE n 
1 161 GLU n 
1 162 ALA n 
1 163 ALA n 
# 
_entity_src_gen.entity_id                          1 
_entity_src_gen.pdbx_src_id                        1 
_entity_src_gen.pdbx_alt_source_flag               sample 
_entity_src_gen.pdbx_seq_type                      'Biological sequence' 
_entity_src_gen.pdbx_beg_seq_num                   1 
_entity_src_gen.pdbx_end_seq_num                   163 
_entity_src_gen.gene_src_common_name               ? 
_entity_src_gen.gene_src_genus                     ? 
_entity_src_gen.pdbx_gene_src_gene                 PF3D7_1400600 
_entity_src_gen.gene_src_species                   ? 
_entity_src_gen.gene_src_strain                    'isolate 3D7' 
_entity_src_gen.gene_src_tissue                    ? 
_entity_src_gen.gene_src_tissue_fraction           ? 
_entity_src_gen.gene_src_details                   ? 
_entity_src_gen.pdbx_gene_src_fragment             ? 
_entity_src_gen.pdbx_gene_src_scientific_name      'Plasmodium falciparum (isolate 3D7)' 
_entity_src_gen.pdbx_gene_src_ncbi_taxonomy_id     36329 
_entity_src_gen.pdbx_gene_src_variant              ? 
_entity_src_gen.pdbx_gene_src_cell_line            ? 
_entity_src_gen.pdbx_gene_src_atcc                 ? 
_entity_src_gen.pdbx_gene_src_organ                ? 
_entity_src_gen.pdbx_gene_src_organelle            ? 
_entity_src_gen.pdbx_gene_src_cell                 ? 
_entity_src_gen.pdbx_gene_src_cellular_location    ? 
_entity_src_gen.host_org_common_name               ? 
_entity_src_gen.pdbx_host_org_scientific_name      'Escherichia coli K-12' 
_entity_src_gen.pdbx_host_org_ncbi_taxonomy_id     83333 
_entity_src_gen.host_org_genus                     ? 
_entity_src_gen.pdbx_host_org_gene                 ? 
_entity_src_gen.pdbx_host_org_organ                ? 
_entity_src_gen.host_org_species                   ? 
_entity_src_gen.pdbx_host_org_tissue               ? 
_entity_src_gen.pdbx_host_org_tissue_fraction      ? 
_entity_src_gen.pdbx_host_org_strain               ? 
_entity_src_gen.pdbx_host_org_variant              ? 
_entity_src_gen.pdbx_host_org_cell_line            ? 
_entity_src_gen.pdbx_host_org_atcc                 ? 
_entity_src_gen.pdbx_host_org_culture_collection   ? 
_entity_src_gen.pdbx_host_org_cell                 ? 
_entity_src_gen.pdbx_host_org_organelle            ? 
_entity_src_gen.pdbx_host_org_cellular_location    ? 
_entity_src_gen.pdbx_host_org_vector_type          ? 
_entity_src_gen.pdbx_host_org_vector               ? 
_entity_src_gen.host_org_details                   ? 
_entity_src_gen.expression_system_id               ? 
_entity_src_gen.plasmid_name                       ? 
_entity_src_gen.plasmid_details                    ? 
_entity_src_gen.pdbx_description                   ? 
# 
loop_
_chem_comp.id 
_chem_comp.type 
_chem_comp.mon_nstd_flag 
_chem_comp.name 
_chem_comp.pdbx_synonyms 
_chem_comp.formula 
_chem_comp.formula_weight 
ALA 'L-peptide linking' y ALANINE         ? 'C3 H7 N O2'     89.093  
ARG 'L-peptide linking' y ARGININE        ? 'C6 H15 N4 O2 1' 175.209 
ASN 'L-peptide linking' y ASPARAGINE      ? 'C4 H8 N2 O3'    132.118 
ASP 'L-peptide linking' y 'ASPARTIC ACID' ? 'C4 H7 N O4'     133.103 
CYS 'L-peptide linking' y CYSTEINE        ? 'C3 H7 N O2 S'   121.158 
GLN 'L-peptide linking' y GLUTAMINE       ? 'C5 H10 N2 O3'   146.144 
GLU 'L-peptide linking' y 'GLUTAMIC ACID' ? 'C5 H9 N O4'     147.129 
GLY 'peptide linking'   y GLYCINE         ? 'C2 H5 N O2'     75.067  
HIS 'L-peptide linking' y HISTIDINE       ? 'C6 H10 N3 O2 1' 156.162 
HOH non-polymer         . WATER           ? 'H2 O'           18.015  
ILE 'L-peptide linking' y ISOLEUCINE      ? 'C6 H13 N O2'    131.173 
LEU 'L-peptide linking' y LEUCINE         ? 'C6 H13 N O2'    131.173 
LYS 'L-peptide linking' y LYSINE          ? 'C6 H15 N2 O2 1' 147.195 
MET 'L-peptide linking' y METHIONINE      ? 'C5 H11 N O2 S'  149.211 
PHE 'L-peptide linking' y PHENYLALANINE   ? 'C9 H11 N O2'    165.189 
PRO 'L-peptide linking' y PROLINE         ? 'C5 H9 N O2'     115.130 
SER 'L-peptide linking' y SERINE          ? 'C3 H7 N O3'     105.093 
THR 'L-peptide linking' y THREONINE       ? 'C4 H9 N O3'     119.119 
TRP 'L-peptide linking' y TRYPTOPHAN      ? 'C11 H12 N2 O2'  204.225 
TYR 'L-peptide linking' y TYROSINE        ? 'C9 H11 N O3'    181.189 
VAL 'L-peptide linking' y VALINE          ? 'C5 H11 N O2'    117.146 
# 
loop_
_pdbx_poly_seq_scheme.asym_id 
_pdbx_poly_seq_scheme.entity_id 
_pdbx_poly_seq_scheme.seq_id 
_pdbx_poly_seq_scheme.mon_id 
_pdbx_poly_seq_scheme.ndb_seq_num 
_pdbx_poly_seq_scheme.pdb_seq_num 
_pdbx_poly_seq_scheme.auth_seq_num 
_pdbx_poly_seq_scheme.pdb_mon_id 
_pdbx_poly_seq_scheme.auth_mon_id 
_pdbx_poly_seq_scheme.pdb_strand_id 
_pdbx_poly_seq_scheme.pdb_ins_code 
_pdbx_poly_seq_scheme.hetero 
A 1 1   GLY 1   157 ?   ?   ?   A . n 
A 1 2   GLU 2   158 ?   ?   ?   A . n 
A 1 3   ILE 3   159 ?   ?   ?   A . n 
A 1 4   ALA 4   160 ?   ?   ?   A . n 
A 1 5   ALA 5   161 161 ALA ALA A . n 
A 1 6   LEU 6   162 162 LEU LEU A . n 
A 1 7   ALA 7   163 163 ALA ALA A . n 
A 1 8   VAL 8   164 164 VAL VAL A . n 
A 1 9   ASN 9   165 165 ASN ASN A . n 
A 1 10  ALA 10  166 166 ALA ALA A . n 
A 1 11  TRP 11  167 167 TRP TRP A . n 
A 1 12  LYS 12  168 168 LYS LYS A . n 
A 1 13  THR 13  169 169 THR THR A . n 
A 1 14  THR 14  170 170 THR THR A . n 
A 1 15  ALA 15  171 171 ALA ALA A . n 
A 1 16  LEU 16  172 172 LEU LEU A . n 
A 1 17  LYS 17  173 173 LYS LYS A . n 
A 1 18  ASN 18  174 174 ASN ASN A . n 
A 1 19  ALA 19  175 175 ALA ALA A . n 
A 1 20  ILE 20  176 176 ILE ILE A . n 
A 1 21  ALA 21  177 177 ALA ALA A . n 
A 1 22  ALA 22  178 178 ALA ALA A . n 
A 1 23  ALA 23  179 179 ALA ALA A . n 
A 1 24  GLN 24  180 180 GLN GLN A . n 
A 1 25  LYS 25  181 181 LYS LYS A . n 
A 1 26  ALA 26  182 182 ALA ALA A . n 
A 1 27  GLY 27  183 183 GLY GLY A . n 
A 1 28  ASP 28  184 184 ASP ASP A . n 
A 1 29  ALA 29  185 185 ALA ALA A . n 
A 1 30  ALA 30  186 186 ALA ALA A . n 
A 1 31  GLY 31  187 187 GLY GLY A . n 
A 1 32  LYS 32  188 188 LYS LYS A . n 
A 1 33  ILE 33  189 189 ILE ILE A . n 
A 1 34  ALA 34  190 190 ALA ALA A . n 
A 1 35  GLY 35  191 191 GLY GLY A . n 
A 1 36  GLU 36  192 192 GLU GLU A . n 
A 1 37  SER 37  193 193 SER SER A . n 
A 1 38  LYS 38  194 194 LYS LYS A . n 
A 1 39  GLY 39  195 195 GLY GLY A . n 
A 1 40  VAL 40  196 196 VAL VAL A . n 
A 1 41  GLU 41  197 197 GLU GLU A . n 
A 1 42  THR 42  198 198 THR THR A . n 
A 1 43  ILE 43  199 199 ILE ILE A . n 
A 1 44  ILE 44  200 200 ILE ILE A . n 
A 1 45  GLY 45  201 201 GLY GLY A . n 
A 1 46  ILE 46  202 202 ILE ILE A . n 
A 1 47  LEU 47  203 203 LEU LEU A . n 
A 1 48  GLU 48  204 204 GLU GLU A . n 
A 1 49  GLN 49  205 205 GLN GLN A . n 
A 1 50  TYR 50  206 206 TYR TYR A . n 
A 1 51  TYR 51  207 207 TYR TYR A . n 
A 1 52  SER 52  208 208 SER SER A . n 
A 1 53  ILE 53  209 209 ILE ILE A . n 
A 1 54  TYR 54  210 210 TYR TYR A . n 
A 1 55  GLU 55  211 211 GLU GLU A . n 
A 1 56  LEU 56  212 212 LEU LEU A . n 
A 1 57  LYS 57  213 213 LYS LYS A . n 
A 1 58  GLY 58  214 214 GLY GLY A . n 
A 1 59  THR 59  215 215 THR THR A . n 
A 1 60  PRO 60  216 216 PRO PRO A . n 
A 1 61  LEU 61  217 217 LEU LEU A . n 
A 1 62  LYS 62  218 218 LYS LYS A . n 
A 1 63  SER 63  219 219 SER SER A . n 
A 1 64  PHE 64  220 220 PHE PHE A . n 
A 1 65  PHE 65  221 221 PHE PHE A . n 
A 1 66  ALA 66  222 222 ALA ALA A . n 
A 1 67  THR 67  223 223 THR THR A . n 
A 1 68  THR 68  224 224 THR THR A . n 
A 1 69  HIS 69  225 225 HIS HIS A . n 
A 1 70  TYR 70  226 226 TYR TYR A . n 
A 1 71  THR 71  227 227 THR THR A . n 
A 1 72  ASP 72  228 228 ASP ASP A . n 
A 1 73  ILE 73  229 229 ILE ILE A . n 
A 1 74  SER 74  230 230 SER SER A . n 
A 1 75  ASN 75  231 231 ASN ASN A . n 
A 1 76  ILE 76  232 232 ILE ILE A . n 
A 1 77  ALA 77  233 233 ALA ALA A . n 
A 1 78  THR 78  234 234 THR THR A . n 
A 1 79  VAL 79  235 235 VAL VAL A . n 
A 1 80  ILE 80  236 236 ILE ILE A . n 
A 1 81  ASP 81  237 237 ASP ASP A . n 
A 1 82  THR 82  238 238 THR THR A . n 
A 1 83  GLU 83  239 239 GLU GLU A . n 
A 1 84  LEU 84  240 240 LEU LEU A . n 
A 1 85  ASN 85  241 241 ASN ASN A . n 
A 1 86  THR 86  242 242 THR THR A . n 
A 1 87  SER 87  243 243 SER SER A . n 
A 1 88  CYS 88  244 244 CYS CYS A . n 
A 1 89  GLY 89  245 245 GLY GLY A . n 
A 1 90  LEU 90  246 246 LEU LEU A . n 
A 1 91  ASN 91  247 247 ASN ASN A . n 
A 1 92  SER 92  248 248 SER SER A . n 
A 1 93  LEU 93  249 249 LEU LEU A . n 
A 1 94  ALA 94  250 250 ALA ALA A . n 
A 1 95  ASN 95  251 251 ASN ASN A . n 
A 1 96  GLN 96  252 252 GLN GLN A . n 
A 1 97  ALA 97  253 253 ALA ALA A . n 
A 1 98  ILE 98  254 254 ILE ILE A . n 
A 1 99  CYS 99  255 255 CYS CYS A . n 
A 1 100 GLY 100 256 256 GLY GLY A . n 
A 1 101 LEU 101 257 257 LEU LEU A . n 
A 1 102 ARG 102 258 258 ARG ARG A . n 
A 1 103 THR 103 259 259 THR THR A . n 
A 1 104 LYS 104 260 260 LYS LYS A . n 
A 1 105 LEU 105 261 261 LEU LEU A . n 
A 1 106 GLY 106 262 262 GLY GLY A . n 
A 1 107 LEU 107 263 263 LEU LEU A . n 
A 1 108 VAL 108 264 264 VAL VAL A . n 
A 1 109 ALA 109 265 265 ALA ALA A . n 
A 1 110 LYS 110 266 266 LYS LYS A . n 
A 1 111 PRO 111 267 ?   ?   ?   A . n 
A 1 112 GLY 112 268 ?   ?   ?   A . n 
A 1 113 GLN 113 269 ?   ?   ?   A . n 
A 1 114 VAL 114 270 ?   ?   ?   A . n 
A 1 115 MET 115 271 271 MET MET A . n 
A 1 116 VAL 116 272 272 VAL VAL A . n 
A 1 117 THR 117 273 273 THR THR A . n 
A 1 118 GLN 118 274 274 GLN GLN A . n 
A 1 119 LYS 119 275 275 LYS LYS A . n 
A 1 120 GLU 120 276 276 GLU GLU A . n 
A 1 121 ALA 121 277 277 ALA ALA A . n 
A 1 122 ILE 122 278 278 ILE ILE A . n 
A 1 123 THR 123 279 279 THR THR A . n 
A 1 124 LYS 124 280 280 LYS LYS A . n 
A 1 125 MET 125 281 281 MET MET A . n 
A 1 126 ILE 126 282 282 ILE ILE A . n 
A 1 127 THR 127 283 283 THR THR A . n 
A 1 128 ASN 128 284 284 ASN ASN A . n 
A 1 129 VAL 129 285 285 VAL VAL A . n 
A 1 130 VAL 130 286 286 VAL VAL A . n 
A 1 131 HIS 131 287 287 HIS HIS A . n 
A 1 132 LYS 132 288 288 LYS LYS A . n 
A 1 133 SER 133 289 289 SER SER A . n 
A 1 134 GLU 134 290 290 GLU GLU A . n 
A 1 135 ILE 135 291 291 ILE ILE A . n 
A 1 136 THR 136 292 292 THR THR A . n 
A 1 137 ALA 137 293 293 ALA ALA A . n 
A 1 138 GLU 138 294 294 GLU GLU A . n 
A 1 139 ALA 139 295 295 ALA ALA A . n 
A 1 140 ALA 140 296 296 ALA ALA A . n 
A 1 141 LYS 141 297 297 LYS LYS A . n 
A 1 142 THR 142 298 298 THR THR A . n 
A 1 143 GLU 143 299 299 GLU GLU A . n 
A 1 144 VAL 144 300 300 VAL VAL A . n 
A 1 145 ALA 145 301 301 ALA ALA A . n 
A 1 146 ALA 146 302 302 ALA ALA A . n 
A 1 147 THR 147 303 303 THR THR A . n 
A 1 148 LYS 148 304 304 LYS LYS A . n 
A 1 149 THR 149 305 305 THR THR A . n 
A 1 150 ALA 150 306 306 ALA ALA A . n 
A 1 151 ALA 151 307 307 ALA ALA A . n 
A 1 152 ALA 152 308 308 ALA ALA A . n 
A 1 153 ILE 153 309 309 ILE ILE A . n 
A 1 154 LYS 154 310 310 LYS LYS A . n 
A 1 155 MET 155 311 311 MET MET A . n 
A 1 156 ASN 156 312 312 ASN ASN A . n 
A 1 157 THR 157 313 313 THR THR A . n 
A 1 158 GLU 158 314 314 GLU GLU A . n 
A 1 159 ALA 159 315 315 ALA ALA A . n 
A 1 160 ILE 160 316 316 ILE ILE A . n 
A 1 161 GLU 161 317 317 GLU GLU A . n 
A 1 162 ALA 162 318 318 ALA ALA A . n 
A 1 163 ALA 163 319 319 ALA ALA A . n 
# 
loop_
_pdbx_nonpoly_scheme.asym_id 
_pdbx_nonpoly_scheme.entity_id 
_pdbx_nonpoly_scheme.mon_id 
_pdbx_nonpoly_scheme.ndb_seq_num 
_pdbx_nonpoly_scheme.pdb_seq_num 
_pdbx_nonpoly_scheme.auth_seq_num 
_pdbx_nonpoly_scheme.pdb_mon_id 
_pdbx_nonpoly_scheme.auth_mon_id 
_pdbx_nonpoly_scheme.pdb_strand_id 
_pdbx_nonpoly_scheme.pdb_ins_code 
B 2 HOH 1  401 47 HOH HOH A . 
B 2 HOH 2  402 44 HOH HOH A . 
B 2 HOH 3  403 17 HOH HOH A . 
B 2 HOH 4  404 13 HOH HOH A . 
B 2 HOH 5  405 26 HOH HOH A . 
B 2 HOH 6  406 9  HOH HOH A . 
B 2 HOH 7  407 39 HOH HOH A . 
B 2 HOH 8  408 4  HOH HOH A . 
B 2 HOH 9  409 3  HOH HOH A . 
B 2 HOH 10 410 42 HOH HOH A . 
B 2 HOH 11 411 27 HOH HOH A . 
B 2 HOH 12 412 55 HOH HOH A . 
B 2 HOH 13 413 15 HOH HOH A . 
B 2 HOH 14 414 43 HOH HOH A . 
B 2 HOH 15 415 16 HOH HOH A . 
B 2 HOH 16 416 8  HOH HOH A . 
B 2 HOH 17 417 1  HOH HOH A . 
B 2 HOH 18 418 21 HOH HOH A . 
B 2 HOH 19 419 7  HOH HOH A . 
B 2 HOH 20 420 50 HOH HOH A . 
B 2 HOH 21 421 5  HOH HOH A . 
B 2 HOH 22 422 35 HOH HOH A . 
B 2 HOH 23 423 14 HOH HOH A . 
B 2 HOH 24 424 51 HOH HOH A . 
B 2 HOH 25 425 11 HOH HOH A . 
B 2 HOH 26 426 19 HOH HOH A . 
B 2 HOH 27 427 30 HOH HOH A . 
B 2 HOH 28 428 6  HOH HOH A . 
B 2 HOH 29 429 25 HOH HOH A . 
B 2 HOH 30 430 46 HOH HOH A . 
B 2 HOH 31 431 24 HOH HOH A . 
B 2 HOH 32 432 52 HOH HOH A . 
B 2 HOH 33 433 2  HOH HOH A . 
B 2 HOH 34 434 53 HOH HOH A . 
B 2 HOH 35 435 12 HOH HOH A . 
B 2 HOH 36 436 31 HOH HOH A . 
B 2 HOH 37 437 34 HOH HOH A . 
B 2 HOH 38 438 38 HOH HOH A . 
B 2 HOH 39 439 33 HOH HOH A . 
B 2 HOH 40 440 20 HOH HOH A . 
B 2 HOH 41 441 18 HOH HOH A . 
B 2 HOH 42 442 36 HOH HOH A . 
B 2 HOH 43 443 32 HOH HOH A . 
B 2 HOH 44 444 29 HOH HOH A . 
B 2 HOH 45 445 48 HOH HOH A . 
B 2 HOH 46 446 22 HOH HOH A . 
B 2 HOH 47 447 10 HOH HOH A . 
B 2 HOH 48 448 49 HOH HOH A . 
B 2 HOH 49 449 41 HOH HOH A . 
B 2 HOH 50 450 54 HOH HOH A . 
B 2 HOH 51 451 40 HOH HOH A . 
B 2 HOH 52 452 45 HOH HOH A . 
B 2 HOH 53 453 37 HOH HOH A . 
B 2 HOH 54 454 23 HOH HOH A . 
B 2 HOH 55 455 28 HOH HOH A . 
# 
loop_
_software.citation_id 
_software.classification 
_software.compiler_name 
_software.compiler_version 
_software.contact_author 
_software.contact_author_email 
_software.date 
_software.description 
_software.dependencies 
_software.hardware 
_software.language 
_software.location 
_software.mods 
_software.name 
_software.os 
_software.os_version 
_software.type 
_software.version 
_software.pdbx_ordinal 
? refinement       ? ? ? ? ? ? ? ? ? ? ? PHENIX   ? ? ? 1.13_2998 1 
? 'data reduction' ? ? ? ? ? ? ? ? ? ? ? HKL-2000 ? ? ? .         2 
? 'data scaling'   ? ? ? ? ? ? ? ? ? ? ? HKL-2000 ? ? ? .         3 
? phasing          ? ? ? ? ? ? ? ? ? ? ? CNS      ? ? ? .         4 
# 
_cell.angle_alpha                  90.000 
_cell.angle_alpha_esd              ? 
_cell.angle_beta                   96.762 
_cell.angle_beta_esd               ? 
_cell.angle_gamma                  90.000 
_cell.angle_gamma_esd              ? 
_cell.entry_id                     7F9K 
_cell.details                      ? 
_cell.formula_units_Z              ? 
_cell.length_a                     159.127 
_cell.length_a_esd                 ? 
_cell.length_b                     24.496 
_cell.length_b_esd                 ? 
_cell.length_c                     36.642 
_cell.length_c_esd                 ? 
_cell.volume                       141836.051 
_cell.volume_esd                   ? 
_cell.Z_PDB                        4 
_cell.reciprocal_angle_alpha       ? 
_cell.reciprocal_angle_beta        ? 
_cell.reciprocal_angle_gamma       ? 
_cell.reciprocal_angle_alpha_esd   ? 
_cell.reciprocal_angle_beta_esd    ? 
_cell.reciprocal_angle_gamma_esd   ? 
_cell.reciprocal_length_a          ? 
_cell.reciprocal_length_b          ? 
_cell.reciprocal_length_c          ? 
_cell.reciprocal_length_a_esd      ? 
_cell.reciprocal_length_b_esd      ? 
_cell.reciprocal_length_c_esd      ? 
_cell.pdbx_unique_axis             ? 
# 
_symmetry.entry_id                         7F9K 
_symmetry.cell_setting                     ? 
_symmetry.Int_Tables_number                5 
_symmetry.space_group_name_Hall            'C 2y' 
_symmetry.space_group_name_H-M             'C 1 2 1' 
_symmetry.pdbx_full_space_group_name_H-M   ? 
# 
_exptl.absorpt_coefficient_mu     ? 
_exptl.absorpt_correction_T_max   ? 
_exptl.absorpt_correction_T_min   ? 
_exptl.absorpt_correction_type    ? 
_exptl.absorpt_process_details    ? 
_exptl.entry_id                   7F9K 
_exptl.crystals_number            1 
_exptl.details                    ? 
_exptl.method                     'X-RAY DIFFRACTION' 
_exptl.method_details             ? 
# 
_exptl_crystal.colour                      ? 
_exptl_crystal.density_diffrn              ? 
_exptl_crystal.density_Matthews            2.09 
_exptl_crystal.density_method              ? 
_exptl_crystal.density_percent_sol         41.02 
_exptl_crystal.description                 ? 
_exptl_crystal.F_000                       ? 
_exptl_crystal.id                          1 
_exptl_crystal.preparation                 ? 
_exptl_crystal.size_max                    ? 
_exptl_crystal.size_mid                    ? 
_exptl_crystal.size_min                    ? 
_exptl_crystal.size_rad                    ? 
_exptl_crystal.colour_lustre               ? 
_exptl_crystal.colour_modifier             ? 
_exptl_crystal.colour_primary              ? 
_exptl_crystal.density_meas                ? 
_exptl_crystal.density_meas_esd            ? 
_exptl_crystal.density_meas_gt             ? 
_exptl_crystal.density_meas_lt             ? 
_exptl_crystal.density_meas_temp           ? 
_exptl_crystal.density_meas_temp_esd       ? 
_exptl_crystal.density_meas_temp_gt        ? 
_exptl_crystal.density_meas_temp_lt        ? 
_exptl_crystal.pdbx_crystal_image_url      ? 
_exptl_crystal.pdbx_crystal_image_format   ? 
_exptl_crystal.pdbx_mosaicity              ? 
_exptl_crystal.pdbx_mosaicity_esd          ? 
# 
_exptl_crystal_grow.apparatus       ? 
_exptl_crystal_grow.atmosphere      ? 
_exptl_crystal_grow.crystal_id      1 
_exptl_crystal_grow.details         ? 
_exptl_crystal_grow.method          'VAPOR DIFFUSION, SITTING DROP' 
_exptl_crystal_grow.method_ref      ? 
_exptl_crystal_grow.pH              ? 
_exptl_crystal_grow.pressure        ? 
_exptl_crystal_grow.pressure_esd    ? 
_exptl_crystal_grow.seeding         ? 
_exptl_crystal_grow.seeding_ref     ? 
_exptl_crystal_grow.temp            291 
_exptl_crystal_grow.temp_details    ? 
_exptl_crystal_grow.temp_esd        ? 
_exptl_crystal_grow.time            ? 
_exptl_crystal_grow.pdbx_details    '0.1 M PCTP buffer, 25% w/v polyethylene glycol 1,500, pH 7.0' 
_exptl_crystal_grow.pdbx_pH_range   ? 
# 
_diffrn.ambient_environment              ? 
_diffrn.ambient_temp                     100 
_diffrn.ambient_temp_details             ? 
_diffrn.ambient_temp_esd                 ? 
_diffrn.crystal_id                       1 
_diffrn.crystal_support                  ? 
_diffrn.crystal_treatment                ? 
_diffrn.details                          ? 
_diffrn.id                               1 
_diffrn.ambient_pressure                 ? 
_diffrn.ambient_pressure_esd             ? 
_diffrn.ambient_pressure_gt              ? 
_diffrn.ambient_pressure_lt              ? 
_diffrn.ambient_temp_gt                  ? 
_diffrn.ambient_temp_lt                  ? 
_diffrn.pdbx_serial_crystal_experiment   N 
# 
_diffrn_detector.details                      ? 
_diffrn_detector.detector                     CCD 
_diffrn_detector.diffrn_id                    1 
_diffrn_detector.type                         SDMS 
_diffrn_detector.area_resol_mean              ? 
_diffrn_detector.dtime                        ? 
_diffrn_detector.pdbx_frames_total            ? 
_diffrn_detector.pdbx_collection_time_total   ? 
_diffrn_detector.pdbx_collection_date         2019-10-25 
_diffrn_detector.pdbx_frequency               ? 
# 
_diffrn_radiation.collimation                      ? 
_diffrn_radiation.diffrn_id                        1 
_diffrn_radiation.filter_edge                      ? 
_diffrn_radiation.inhomogeneity                    ? 
_diffrn_radiation.monochromator                    ? 
_diffrn_radiation.polarisn_norm                    ? 
_diffrn_radiation.polarisn_ratio                   ? 
_diffrn_radiation.probe                            ? 
_diffrn_radiation.type                             ? 
_diffrn_radiation.xray_symbol                      ? 
_diffrn_radiation.wavelength_id                    1 
_diffrn_radiation.pdbx_monochromatic_or_laue_m_l   M 
_diffrn_radiation.pdbx_wavelength_list             ? 
_diffrn_radiation.pdbx_wavelength                  ? 
_diffrn_radiation.pdbx_diffrn_protocol             'SINGLE WAVELENGTH' 
_diffrn_radiation.pdbx_analyzer                    ? 
_diffrn_radiation.pdbx_scattering_type             x-ray 
# 
_diffrn_radiation_wavelength.id           1 
_diffrn_radiation_wavelength.wavelength   0.97918 
_diffrn_radiation_wavelength.wt           1.0 
# 
_diffrn_source.current                     ? 
_diffrn_source.details                     ? 
_diffrn_source.diffrn_id                   1 
_diffrn_source.power                       ? 
_diffrn_source.size                        ? 
_diffrn_source.source                      SYNCHROTRON 
_diffrn_source.target                      ? 
_diffrn_source.type                        'SSRF BEAMLINE BL17U1' 
_diffrn_source.voltage                     ? 
_diffrn_source.take-off_angle              ? 
_diffrn_source.pdbx_wavelength_list        0.97918 
_diffrn_source.pdbx_wavelength             ? 
_diffrn_source.pdbx_synchrotron_beamline   BL17U1 
_diffrn_source.pdbx_synchrotron_site       SSRF 
# 
_reflns.B_iso_Wilson_estimate                          26.40 
_reflns.entry_id                                       7F9K 
_reflns.data_reduction_details                         ? 
_reflns.data_reduction_method                          ? 
_reflns.d_resolution_high                              2.18 
_reflns.d_resolution_low                               50.00 
_reflns.details                                        ? 
_reflns.limit_h_max                                    ? 
_reflns.limit_h_min                                    ? 
_reflns.limit_k_max                                    ? 
_reflns.limit_k_min                                    ? 
_reflns.limit_l_max                                    ? 
_reflns.limit_l_min                                    ? 
_reflns.number_all                                     ? 
_reflns.number_obs                                     7466 
_reflns.observed_criterion                             ? 
_reflns.observed_criterion_F_max                       ? 
_reflns.observed_criterion_F_min                       ? 
_reflns.observed_criterion_I_max                       ? 
_reflns.observed_criterion_I_min                       ? 
_reflns.observed_criterion_sigma_F                     ? 
_reflns.observed_criterion_sigma_I                     ? 
_reflns.percent_possible_obs                           99.0 
_reflns.R_free_details                                 ? 
_reflns.Rmerge_F_all                                   ? 
_reflns.Rmerge_F_obs                                   ? 
_reflns.Friedel_coverage                               ? 
_reflns.number_gt                                      ? 
_reflns.threshold_expression                           ? 
_reflns.pdbx_redundancy                                6.0 
_reflns.pdbx_Rmerge_I_obs                              ? 
_reflns.pdbx_Rmerge_I_all                              ? 
_reflns.pdbx_Rsym_value                                ? 
_reflns.pdbx_netI_over_av_sigmaI                       ? 
_reflns.pdbx_netI_over_sigmaI                          37.98 
_reflns.pdbx_res_netI_over_av_sigmaI_2                 ? 
_reflns.pdbx_res_netI_over_sigmaI_2                    ? 
_reflns.pdbx_chi_squared                               ? 
_reflns.pdbx_scaling_rejects                           ? 
_reflns.pdbx_d_res_high_opt                            ? 
_reflns.pdbx_d_res_low_opt                             ? 
_reflns.pdbx_d_res_opt_method                          ? 
_reflns.phase_calculation_details                      ? 
_reflns.pdbx_Rrim_I_all                                ? 
_reflns.pdbx_Rpim_I_all                                ? 
_reflns.pdbx_d_opt                                     ? 
_reflns.pdbx_number_measured_all                       ? 
_reflns.pdbx_diffrn_id                                 1 
_reflns.pdbx_ordinal                                   1 
_reflns.pdbx_CC_half                                   0.998 
_reflns.pdbx_CC_star                                   ? 
_reflns.pdbx_R_split                                   ? 
_reflns.pdbx_aniso_diffraction_limit_axis_1_ortho[1]   ? 
_reflns.pdbx_aniso_diffraction_limit_axis_1_ortho[2]   ? 
_reflns.pdbx_aniso_diffraction_limit_axis_1_ortho[3]   ? 
_reflns.pdbx_aniso_diffraction_limit_axis_2_ortho[1]   ? 
_reflns.pdbx_aniso_diffraction_limit_axis_2_ortho[2]   ? 
_reflns.pdbx_aniso_diffraction_limit_axis_2_ortho[3]   ? 
_reflns.pdbx_aniso_diffraction_limit_axis_3_ortho[1]   ? 
_reflns.pdbx_aniso_diffraction_limit_axis_3_ortho[2]   ? 
_reflns.pdbx_aniso_diffraction_limit_axis_3_ortho[3]   ? 
_reflns.pdbx_aniso_diffraction_limit_1                 ? 
_reflns.pdbx_aniso_diffraction_limit_2                 ? 
_reflns.pdbx_aniso_diffraction_limit_3                 ? 
_reflns.pdbx_aniso_B_tensor_eigenvector_1_ortho[1]     ? 
_reflns.pdbx_aniso_B_tensor_eigenvector_1_ortho[2]     ? 
_reflns.pdbx_aniso_B_tensor_eigenvector_1_ortho[3]     ? 
_reflns.pdbx_aniso_B_tensor_eigenvector_2_ortho[1]     ? 
_reflns.pdbx_aniso_B_tensor_eigenvector_2_ortho[2]     ? 
_reflns.pdbx_aniso_B_tensor_eigenvector_2_ortho[3]     ? 
_reflns.pdbx_aniso_B_tensor_eigenvector_3_ortho[1]     ? 
_reflns.pdbx_aniso_B_tensor_eigenvector_3_ortho[2]     ? 
_reflns.pdbx_aniso_B_tensor_eigenvector_3_ortho[3]     ? 
_reflns.pdbx_aniso_B_tensor_eigenvalue_1               ? 
_reflns.pdbx_aniso_B_tensor_eigenvalue_2               ? 
_reflns.pdbx_aniso_B_tensor_eigenvalue_3               ? 
_reflns.pdbx_orthogonalization_convention              ? 
_reflns.pdbx_percent_possible_ellipsoidal              ? 
_reflns.pdbx_percent_possible_spherical                ? 
_reflns.pdbx_percent_possible_ellipsoidal_anomalous    ? 
_reflns.pdbx_percent_possible_spherical_anomalous      ? 
_reflns.pdbx_redundancy_anomalous                      ? 
_reflns.pdbx_CC_half_anomalous                         ? 
_reflns.pdbx_absDiff_over_sigma_anomalous              ? 
_reflns.pdbx_percent_possible_anomalous                ? 
_reflns.pdbx_observed_signal_threshold                 ? 
_reflns.pdbx_signal_type                               ? 
_reflns.pdbx_signal_details                            ? 
_reflns.pdbx_signal_software_id                        ? 
# 
_reflns_shell.d_res_high                                    2.20 
_reflns_shell.d_res_low                                     2.28 
_reflns_shell.meanI_over_sigI_all                           ? 
_reflns_shell.meanI_over_sigI_obs                           ? 
_reflns_shell.number_measured_all                           ? 
_reflns_shell.number_measured_obs                           ? 
_reflns_shell.number_possible                               ? 
_reflns_shell.number_unique_all                             ? 
_reflns_shell.number_unique_obs                             7466 
_reflns_shell.percent_possible_all                          ? 
_reflns_shell.percent_possible_obs                          ? 
_reflns_shell.Rmerge_F_all                                  ? 
_reflns_shell.Rmerge_F_obs                                  ? 
_reflns_shell.Rmerge_I_all                                  ? 
_reflns_shell.Rmerge_I_obs                                  ? 
_reflns_shell.meanI_over_sigI_gt                            ? 
_reflns_shell.meanI_over_uI_all                             ? 
_reflns_shell.meanI_over_uI_gt                              ? 
_reflns_shell.number_measured_gt                            ? 
_reflns_shell.number_unique_gt                              ? 
_reflns_shell.percent_possible_gt                           ? 
_reflns_shell.Rmerge_F_gt                                   ? 
_reflns_shell.Rmerge_I_gt                                   ? 
_reflns_shell.pdbx_redundancy                               ? 
_reflns_shell.pdbx_Rsym_value                               ? 
_reflns_shell.pdbx_chi_squared                              ? 
_reflns_shell.pdbx_netI_over_sigmaI_all                     ? 
_reflns_shell.pdbx_netI_over_sigmaI_obs                     ? 
_reflns_shell.pdbx_Rrim_I_all                               ? 
_reflns_shell.pdbx_Rpim_I_all                               ? 
_reflns_shell.pdbx_rejects                                  ? 
_reflns_shell.pdbx_ordinal                                  1 
_reflns_shell.pdbx_diffrn_id                                1 
_reflns_shell.pdbx_CC_half                                  0.990 
_reflns_shell.pdbx_CC_star                                  ? 
_reflns_shell.pdbx_R_split                                  ? 
_reflns_shell.pdbx_percent_possible_ellipsoidal             ? 
_reflns_shell.pdbx_percent_possible_spherical               ? 
_reflns_shell.pdbx_percent_possible_ellipsoidal_anomalous   ? 
_reflns_shell.pdbx_percent_possible_spherical_anomalous     ? 
_reflns_shell.pdbx_redundancy_anomalous                     ? 
_reflns_shell.pdbx_CC_half_anomalous                        ? 
_reflns_shell.pdbx_absDiff_over_sigma_anomalous             ? 
_reflns_shell.pdbx_percent_possible_anomalous               ? 
# 
_refine.aniso_B[1][1]                            ? 
_refine.aniso_B[1][2]                            ? 
_refine.aniso_B[1][3]                            ? 
_refine.aniso_B[2][2]                            ? 
_refine.aniso_B[2][3]                            ? 
_refine.aniso_B[3][3]                            ? 
_refine.B_iso_max                                ? 
_refine.B_iso_mean                               34.61 
_refine.B_iso_min                                ? 
_refine.correlation_coeff_Fo_to_Fc               ? 
_refine.correlation_coeff_Fo_to_Fc_free          ? 
_refine.details                                  ? 
_refine.diff_density_max                         ? 
_refine.diff_density_max_esd                     ? 
_refine.diff_density_min                         ? 
_refine.diff_density_min_esd                     ? 
_refine.diff_density_rms                         ? 
_refine.diff_density_rms_esd                     ? 
_refine.entry_id                                 7F9K 
_refine.pdbx_refine_id                           'X-RAY DIFFRACTION' 
_refine.ls_abs_structure_details                 ? 
_refine.ls_abs_structure_Flack                   ? 
_refine.ls_abs_structure_Flack_esd               ? 
_refine.ls_abs_structure_Rogers                  ? 
_refine.ls_abs_structure_Rogers_esd              ? 
_refine.ls_d_res_high                            2.18 
_refine.ls_d_res_low                             36.39 
_refine.ls_extinction_coef                       ? 
_refine.ls_extinction_coef_esd                   ? 
_refine.ls_extinction_expression                 ? 
_refine.ls_extinction_method                     ? 
_refine.ls_goodness_of_fit_all                   ? 
_refine.ls_goodness_of_fit_all_esd               ? 
_refine.ls_goodness_of_fit_obs                   ? 
_refine.ls_goodness_of_fit_obs_esd               ? 
_refine.ls_hydrogen_treatment                    ? 
_refine.ls_matrix_type                           ? 
_refine.ls_number_constraints                    ? 
_refine.ls_number_parameters                     ? 
_refine.ls_number_reflns_all                     ? 
_refine.ls_number_reflns_obs                     7461 
_refine.ls_number_reflns_R_free                  387 
_refine.ls_number_reflns_R_work                  7074 
_refine.ls_number_restraints                     ? 
_refine.ls_percent_reflns_obs                    97.64 
_refine.ls_percent_reflns_R_free                 5.19 
_refine.ls_R_factor_all                          ? 
_refine.ls_R_factor_obs                          0.2089 
_refine.ls_R_factor_R_free                       0.2587 
_refine.ls_R_factor_R_free_error                 ? 
_refine.ls_R_factor_R_free_error_details         ? 
_refine.ls_R_factor_R_work                       0.2061 
_refine.ls_R_Fsqd_factor_obs                     ? 
_refine.ls_R_I_factor_obs                        ? 
_refine.ls_redundancy_reflns_all                 ? 
_refine.ls_redundancy_reflns_obs                 ? 
_refine.ls_restrained_S_all                      ? 
_refine.ls_restrained_S_obs                      ? 
_refine.ls_shift_over_esd_max                    ? 
_refine.ls_shift_over_esd_mean                   ? 
_refine.ls_structure_factor_coef                 ? 
_refine.ls_weighting_details                     ? 
_refine.ls_weighting_scheme                      ? 
_refine.ls_wR_factor_all                         ? 
_refine.ls_wR_factor_obs                         ? 
_refine.ls_wR_factor_R_free                      ? 
_refine.ls_wR_factor_R_work                      ? 
_refine.occupancy_max                            ? 
_refine.occupancy_min                            ? 
_refine.solvent_model_details                    'FLAT BULK SOLVENT MODEL' 
_refine.solvent_model_param_bsol                 ? 
_refine.solvent_model_param_ksol                 ? 
_refine.pdbx_R_complete                          ? 
_refine.ls_R_factor_gt                           ? 
_refine.ls_goodness_of_fit_gt                    ? 
_refine.ls_goodness_of_fit_ref                   ? 
_refine.ls_shift_over_su_max                     ? 
_refine.ls_shift_over_su_max_lt                  ? 
_refine.ls_shift_over_su_mean                    ? 
_refine.ls_shift_over_su_mean_lt                 ? 
_refine.pdbx_ls_sigma_I                          ? 
_refine.pdbx_ls_sigma_F                          1.37 
_refine.pdbx_ls_sigma_Fsqd                       ? 
_refine.pdbx_data_cutoff_high_absF               ? 
_refine.pdbx_data_cutoff_high_rms_absF           ? 
_refine.pdbx_data_cutoff_low_absF                ? 
_refine.pdbx_isotropic_thermal_model             ? 
_refine.pdbx_ls_cross_valid_method               'FREE R-VALUE' 
_refine.pdbx_method_to_determine_struct          'MOLECULAR REPLACEMENT' 
_refine.pdbx_starting_model                      7F9L 
_refine.pdbx_stereochemistry_target_values       'GeoStd + Monomer Library' 
_refine.pdbx_R_Free_selection_details            ? 
_refine.pdbx_stereochem_target_val_spec_case     ? 
_refine.pdbx_overall_ESU_R                       ? 
_refine.pdbx_overall_ESU_R_Free                  ? 
_refine.pdbx_solvent_vdw_probe_radii             1.1100 
_refine.pdbx_solvent_ion_probe_radii             ? 
_refine.pdbx_solvent_shrinkage_radii             0.9000 
_refine.pdbx_real_space_R                        ? 
_refine.pdbx_density_correlation                 ? 
_refine.pdbx_pd_number_of_powder_patterns        ? 
_refine.pdbx_pd_number_of_points                 ? 
_refine.pdbx_pd_meas_number_of_points            ? 
_refine.pdbx_pd_proc_ls_prof_R_factor            ? 
_refine.pdbx_pd_proc_ls_prof_wR_factor           ? 
_refine.pdbx_pd_Marquardt_correlation_coeff      ? 
_refine.pdbx_pd_Fsqrd_R_factor                   ? 
_refine.pdbx_pd_ls_matrix_band_width             ? 
_refine.pdbx_overall_phase_error                 28.1330 
_refine.pdbx_overall_SU_R_free_Cruickshank_DPI   ? 
_refine.pdbx_overall_SU_R_free_Blow_DPI          ? 
_refine.pdbx_overall_SU_R_Blow_DPI               ? 
_refine.pdbx_TLS_residual_ADP_flag               ? 
_refine.pdbx_diffrn_id                           1 
_refine.overall_SU_B                             ? 
_refine.overall_SU_ML                            0.2533 
_refine.overall_SU_R_Cruickshank_DPI             ? 
_refine.overall_SU_R_free                        ? 
_refine.overall_FOM_free_R_set                   ? 
_refine.overall_FOM_work_R_set                   ? 
_refine.pdbx_average_fsc_overall                 ? 
_refine.pdbx_average_fsc_work                    ? 
_refine.pdbx_average_fsc_free                    ? 
# 
_refine_hist.pdbx_refine_id                   'X-RAY DIFFRACTION' 
_refine_hist.cycle_id                         LAST 
_refine_hist.details                          ? 
_refine_hist.d_res_high                       2.18 
_refine_hist.d_res_low                        36.39 
_refine_hist.number_atoms_solvent             55 
_refine_hist.number_atoms_total               1191 
_refine_hist.number_reflns_all                ? 
_refine_hist.number_reflns_obs                ? 
_refine_hist.number_reflns_R_free             ? 
_refine_hist.number_reflns_R_work             ? 
_refine_hist.R_factor_all                     ? 
_refine_hist.R_factor_obs                     ? 
_refine_hist.R_factor_R_free                  ? 
_refine_hist.R_factor_R_work                  ? 
_refine_hist.pdbx_number_residues_total       ? 
_refine_hist.pdbx_B_iso_mean_ligand           ? 
_refine_hist.pdbx_B_iso_mean_solvent          ? 
_refine_hist.pdbx_number_atoms_protein        1136 
_refine_hist.pdbx_number_atoms_nucleic_acid   0 
_refine_hist.pdbx_number_atoms_ligand         0 
_refine_hist.pdbx_number_atoms_lipid          ? 
_refine_hist.pdbx_number_atoms_carb           ? 
_refine_hist.pdbx_pseudo_atom_details         ? 
# 
loop_
_refine_ls_restr.pdbx_refine_id 
_refine_ls_restr.criterion 
_refine_ls_restr.dev_ideal 
_refine_ls_restr.dev_ideal_target 
_refine_ls_restr.number 
_refine_ls_restr.rejects 
_refine_ls_restr.type 
_refine_ls_restr.weight 
_refine_ls_restr.pdbx_restraint_function 
'X-RAY DIFFRACTION' ? 0.0080 ? 1146 ? f_bond_d           ? ? 
'X-RAY DIFFRACTION' ? 0.8556 ? 1551 ? f_angle_d          ? ? 
'X-RAY DIFFRACTION' ? 0.0446 ? 199  ? f_chiral_restr     ? ? 
'X-RAY DIFFRACTION' ? 0.0047 ? 190  ? f_plane_restr      ? ? 
'X-RAY DIFFRACTION' ? 3.3726 ? 699  ? f_dihedral_angle_d ? ? 
# 
loop_
_refine_ls_shell.pdbx_refine_id 
_refine_ls_shell.d_res_high 
_refine_ls_shell.d_res_low 
_refine_ls_shell.number_reflns_all 
_refine_ls_shell.number_reflns_obs 
_refine_ls_shell.number_reflns_R_free 
_refine_ls_shell.number_reflns_R_work 
_refine_ls_shell.percent_reflns_obs 
_refine_ls_shell.percent_reflns_R_free 
_refine_ls_shell.R_factor_all 
_refine_ls_shell.R_factor_obs 
_refine_ls_shell.R_factor_R_free 
_refine_ls_shell.R_factor_R_free_error 
_refine_ls_shell.R_factor_R_work 
_refine_ls_shell.redundancy_reflns_all 
_refine_ls_shell.redundancy_reflns_obs 
_refine_ls_shell.wR_factor_all 
_refine_ls_shell.wR_factor_obs 
_refine_ls_shell.wR_factor_R_free 
_refine_ls_shell.wR_factor_R_work 
_refine_ls_shell.pdbx_R_complete 
_refine_ls_shell.pdbx_total_number_of_bins_used 
_refine_ls_shell.pdbx_phase_error 
_refine_ls_shell.pdbx_fsc_work 
_refine_ls_shell.pdbx_fsc_free 
'X-RAY DIFFRACTION' 2.18 2.50  . . 118 2219 93.33 . . . 0.2985 . 0.2344 . . . . . . . . . . . 
'X-RAY DIFFRACTION' 2.50 3.14  . . 133 2384 99.88 . . . 0.3130 . 0.2303 . . . . . . . . . . . 
'X-RAY DIFFRACTION' 3.14 36.39 . . 136 2471 99.62 . . . 0.2243 . 0.1863 . . . . . . . . . . . 
# 
_struct.entry_id                     7F9K 
_struct.title                        'Crystal structure of the variable region of Plasmodium RIFIN #6(PF3D7_1400600)' 
_struct.pdbx_model_details           ? 
_struct.pdbx_formula_weight          ? 
_struct.pdbx_formula_weight_method   ? 
_struct.pdbx_model_type_details      ? 
_struct.pdbx_CASP_flag               N 
# 
_struct_keywords.entry_id        7F9K 
_struct_keywords.text            'malaria, Plasmodium falciparum, RIFIN, IMMUNE SYSTEM' 
_struct_keywords.pdbx_keywords   'IMMUNE SYSTEM' 
# 
loop_
_struct_asym.id 
_struct_asym.pdbx_blank_PDB_chainid_flag 
_struct_asym.pdbx_modified 
_struct_asym.entity_id 
_struct_asym.details 
A N N 1 ? 
B N N 2 ? 
# 
_struct_ref.id                         1 
_struct_ref.db_name                    UNP 
_struct_ref.db_code                    Q8IM82_PLAF7 
_struct_ref.pdbx_db_accession          Q8IM82 
_struct_ref.pdbx_db_isoform            ? 
_struct_ref.entity_id                  1 
_struct_ref.pdbx_seq_one_letter_code   
;GEIAALAVNAWKTTALKNAIAAAQKAGDAAGKIAGESKGVETIIGILEQYYSIYELKGTPLKSFFATTHYTDISNIATVI
DTELNTSCGLNSLANQAICGLRTKLGLVAKPGQVMVTQKEAITKMITNVVHKSEITAEAAKTEVAATKTAAAIKMNTEAI
EAA
;
_struct_ref.pdbx_align_begin           157 
# 
_struct_ref_seq.align_id                      1 
_struct_ref_seq.ref_id                        1 
_struct_ref_seq.pdbx_PDB_id_code              7F9K 
_struct_ref_seq.pdbx_strand_id                A 
_struct_ref_seq.seq_align_beg                 1 
_struct_ref_seq.pdbx_seq_align_beg_ins_code   ? 
_struct_ref_seq.seq_align_end                 163 
_struct_ref_seq.pdbx_seq_align_end_ins_code   ? 
_struct_ref_seq.pdbx_db_accession             Q8IM82 
_struct_ref_seq.db_align_beg                  157 
_struct_ref_seq.pdbx_db_align_beg_ins_code    ? 
_struct_ref_seq.db_align_end                  319 
_struct_ref_seq.pdbx_db_align_end_ins_code    ? 
_struct_ref_seq.pdbx_auth_seq_align_beg       157 
_struct_ref_seq.pdbx_auth_seq_align_end       319 
# 
_pdbx_struct_assembly.id                   1 
_pdbx_struct_assembly.details              author_defined_assembly 
_pdbx_struct_assembly.method_details       ? 
_pdbx_struct_assembly.oligomeric_details   monomeric 
_pdbx_struct_assembly.oligomeric_count     1 
# 
_pdbx_struct_assembly_gen.assembly_id       1 
_pdbx_struct_assembly_gen.oper_expression   1 
_pdbx_struct_assembly_gen.asym_id_list      A,B 
# 
_pdbx_struct_assembly_auth_evidence.id                     1 
_pdbx_struct_assembly_auth_evidence.assembly_id            1 
_pdbx_struct_assembly_auth_evidence.experimental_support   none 
_pdbx_struct_assembly_auth_evidence.details                ? 
# 
_pdbx_struct_oper_list.id                   1 
_pdbx_struct_oper_list.type                 'identity operation' 
_pdbx_struct_oper_list.name                 1_555 
_pdbx_struct_oper_list.symmetry_operation   x,y,z 
_pdbx_struct_oper_list.matrix[1][1]         1.0000000000 
_pdbx_struct_oper_list.matrix[1][2]         0.0000000000 
_pdbx_struct_oper_list.matrix[1][3]         0.0000000000 
_pdbx_struct_oper_list.vector[1]            0.0000000000 
_pdbx_struct_oper_list.matrix[2][1]         0.0000000000 
_pdbx_struct_oper_list.matrix[2][2]         1.0000000000 
_pdbx_struct_oper_list.matrix[2][3]         0.0000000000 
_pdbx_struct_oper_list.vector[2]            0.0000000000 
_pdbx_struct_oper_list.matrix[3][1]         0.0000000000 
_pdbx_struct_oper_list.matrix[3][2]         0.0000000000 
_pdbx_struct_oper_list.matrix[3][3]         1.0000000000 
_pdbx_struct_oper_list.vector[3]            0.0000000000 
# 
loop_
_struct_conf.conf_type_id 
_struct_conf.id 
_struct_conf.pdbx_PDB_helix_id 
_struct_conf.beg_label_comp_id 
_struct_conf.beg_label_asym_id 
_struct_conf.beg_label_seq_id 
_struct_conf.pdbx_beg_PDB_ins_code 
_struct_conf.end_label_comp_id 
_struct_conf.end_label_asym_id 
_struct_conf.end_label_seq_id 
_struct_conf.pdbx_end_PDB_ins_code 
_struct_conf.beg_auth_comp_id 
_struct_conf.beg_auth_asym_id 
_struct_conf.beg_auth_seq_id 
_struct_conf.end_auth_comp_id 
_struct_conf.end_auth_asym_id 
_struct_conf.end_auth_seq_id 
_struct_conf.pdbx_PDB_helix_class 
_struct_conf.details 
_struct_conf.pdbx_PDB_helix_length 
HELX_P HELX_P1 AA1 ALA A 5   ? TYR A 51  ? ALA A 161 TYR A 207 1 ? 47 
HELX_P HELX_P2 AA2 LEU A 61  ? THR A 68  ? LEU A 217 THR A 224 1 ? 8  
HELX_P HELX_P3 AA3 ASP A 72  ? CYS A 88  ? ASP A 228 CYS A 244 1 ? 17 
HELX_P HELX_P4 AA4 GLN A 96  ? CYS A 99  ? GLN A 252 CYS A 255 5 ? 4  
HELX_P HELX_P5 AA5 GLY A 100 ? LEU A 105 ? GLY A 256 LEU A 261 1 ? 6  
HELX_P HELX_P6 AA6 THR A 117 ? ALA A 163 ? THR A 273 ALA A 319 1 ? 47 
# 
_struct_conf_type.id          HELX_P 
_struct_conf_type.criteria    ? 
_struct_conf_type.reference   ? 
# 
_struct_conn.id                            disulf1 
_struct_conn.conn_type_id                  disulf 
_struct_conn.pdbx_leaving_atom_flag        ? 
_struct_conn.pdbx_PDB_id                   ? 
_struct_conn.ptnr1_label_asym_id           A 
_struct_conn.ptnr1_label_comp_id           CYS 
_struct_conn.ptnr1_label_seq_id            88 
_struct_conn.ptnr1_label_atom_id           SG 
_struct_conn.pdbx_ptnr1_label_alt_id       ? 
_struct_conn.pdbx_ptnr1_PDB_ins_code       ? 
_struct_conn.pdbx_ptnr1_standard_comp_id   ? 
_struct_conn.ptnr1_symmetry                1_555 
_struct_conn.ptnr2_label_asym_id           A 
_struct_conn.ptnr2_label_comp_id           CYS 
_struct_conn.ptnr2_label_seq_id            99 
_struct_conn.ptnr2_label_atom_id           SG 
_struct_conn.pdbx_ptnr2_label_alt_id       ? 
_struct_conn.pdbx_ptnr2_PDB_ins_code       ? 
_struct_conn.ptnr1_auth_asym_id            A 
_struct_conn.ptnr1_auth_comp_id            CYS 
_struct_conn.ptnr1_auth_seq_id             244 
_struct_conn.ptnr2_auth_asym_id            A 
_struct_conn.ptnr2_auth_comp_id            CYS 
_struct_conn.ptnr2_auth_seq_id             255 
_struct_conn.ptnr2_symmetry                1_555 
_struct_conn.pdbx_ptnr3_label_atom_id      ? 
_struct_conn.pdbx_ptnr3_label_seq_id       ? 
_struct_conn.pdbx_ptnr3_label_comp_id      ? 
_struct_conn.pdbx_ptnr3_label_asym_id      ? 
_struct_conn.pdbx_ptnr3_label_alt_id       ? 
_struct_conn.pdbx_ptnr3_PDB_ins_code       ? 
_struct_conn.details                       ? 
_struct_conn.pdbx_dist_value               2.051 
_struct_conn.pdbx_value_order              ? 
_struct_conn.pdbx_role                     ? 
# 
_struct_conn_type.id          disulf 
_struct_conn_type.criteria    ? 
_struct_conn_type.reference   ? 
# 
_pdbx_modification_feature.ordinal                            1 
_pdbx_modification_feature.label_comp_id                      CYS 
_pdbx_modification_feature.label_asym_id                      A 
_pdbx_modification_feature.label_seq_id                       88 
_pdbx_modification_feature.label_alt_id                       ? 
_pdbx_modification_feature.modified_residue_label_comp_id     CYS 
_pdbx_modification_feature.modified_residue_label_asym_id     A 
_pdbx_modification_feature.modified_residue_label_seq_id      99 
_pdbx_modification_feature.modified_residue_label_alt_id      ? 
_pdbx_modification_feature.auth_comp_id                       CYS 
_pdbx_modification_feature.auth_asym_id                       A 
_pdbx_modification_feature.auth_seq_id                        244 
_pdbx_modification_feature.PDB_ins_code                       ? 
_pdbx_modification_feature.symmetry                           1_555 
_pdbx_modification_feature.modified_residue_auth_comp_id      CYS 
_pdbx_modification_feature.modified_residue_auth_asym_id      A 
_pdbx_modification_feature.modified_residue_auth_seq_id       255 
_pdbx_modification_feature.modified_residue_PDB_ins_code      ? 
_pdbx_modification_feature.modified_residue_symmetry          1_555 
_pdbx_modification_feature.comp_id_linking_atom               SG 
_pdbx_modification_feature.modified_residue_id_linking_atom   SG 
_pdbx_modification_feature.modified_residue_id                . 
_pdbx_modification_feature.ref_pcm_id                         . 
_pdbx_modification_feature.ref_comp_id                        . 
_pdbx_modification_feature.type                               None 
_pdbx_modification_feature.category                           'Disulfide bridge' 
# 
_struct_sheet.id               AA1 
_struct_sheet.type             ? 
_struct_sheet.number_strands   2 
_struct_sheet.details          ? 
# 
_struct_sheet_order.sheet_id     AA1 
_struct_sheet_order.range_id_1   1 
_struct_sheet_order.range_id_2   2 
_struct_sheet_order.offset       ? 
_struct_sheet_order.sense        anti-parallel 
# 
loop_
_struct_sheet_range.sheet_id 
_struct_sheet_range.id 
_struct_sheet_range.beg_label_comp_id 
_struct_sheet_range.beg_label_asym_id 
_struct_sheet_range.beg_label_seq_id 
_struct_sheet_range.pdbx_beg_PDB_ins_code 
_struct_sheet_range.end_label_comp_id 
_struct_sheet_range.end_label_asym_id 
_struct_sheet_range.end_label_seq_id 
_struct_sheet_range.pdbx_end_PDB_ins_code 
_struct_sheet_range.beg_auth_comp_id 
_struct_sheet_range.beg_auth_asym_id 
_struct_sheet_range.beg_auth_seq_id 
_struct_sheet_range.end_auth_comp_id 
_struct_sheet_range.end_auth_asym_id 
_struct_sheet_range.end_auth_seq_id 
AA1 1 GLU A 55 ? LEU A 56 ? GLU A 211 LEU A 212 
AA1 2 THR A 59 ? PRO A 60 ? THR A 215 PRO A 216 
# 
_pdbx_struct_sheet_hbond.sheet_id                AA1 
_pdbx_struct_sheet_hbond.range_id_1              1 
_pdbx_struct_sheet_hbond.range_id_2              2 
_pdbx_struct_sheet_hbond.range_1_label_atom_id   N 
_pdbx_struct_sheet_hbond.range_1_label_comp_id   LEU 
_pdbx_struct_sheet_hbond.range_1_label_asym_id   A 
_pdbx_struct_sheet_hbond.range_1_label_seq_id    56 
_pdbx_struct_sheet_hbond.range_1_PDB_ins_code    ? 
_pdbx_struct_sheet_hbond.range_1_auth_atom_id    N 
_pdbx_struct_sheet_hbond.range_1_auth_comp_id    LEU 
_pdbx_struct_sheet_hbond.range_1_auth_asym_id    A 
_pdbx_struct_sheet_hbond.range_1_auth_seq_id     212 
_pdbx_struct_sheet_hbond.range_2_label_atom_id   O 
_pdbx_struct_sheet_hbond.range_2_label_comp_id   THR 
_pdbx_struct_sheet_hbond.range_2_label_asym_id   A 
_pdbx_struct_sheet_hbond.range_2_label_seq_id    59 
_pdbx_struct_sheet_hbond.range_2_PDB_ins_code    ? 
_pdbx_struct_sheet_hbond.range_2_auth_atom_id    O 
_pdbx_struct_sheet_hbond.range_2_auth_comp_id    THR 
_pdbx_struct_sheet_hbond.range_2_auth_asym_id    A 
_pdbx_struct_sheet_hbond.range_2_auth_seq_id     215 
# 
_pdbx_entry_details.entry_id                   7F9K 
_pdbx_entry_details.compound_details           ? 
_pdbx_entry_details.source_details             ? 
_pdbx_entry_details.nonpolymer_details         ? 
_pdbx_entry_details.sequence_details           ? 
_pdbx_entry_details.has_ligand_of_interest     ? 
_pdbx_entry_details.has_protein_modification   Y 
# 
_pdbx_validate_close_contact.id               1 
_pdbx_validate_close_contact.PDB_model_num    1 
_pdbx_validate_close_contact.auth_atom_id_1   O 
_pdbx_validate_close_contact.auth_asym_id_1   A 
_pdbx_validate_close_contact.auth_comp_id_1   VAL 
_pdbx_validate_close_contact.auth_seq_id_1    264 
_pdbx_validate_close_contact.PDB_ins_code_1   ? 
_pdbx_validate_close_contact.label_alt_id_1   ? 
_pdbx_validate_close_contact.auth_atom_id_2   NZ 
_pdbx_validate_close_contact.auth_asym_id_2   A 
_pdbx_validate_close_contact.auth_comp_id_2   LYS 
_pdbx_validate_close_contact.auth_seq_id_2    266 
_pdbx_validate_close_contact.PDB_ins_code_2   ? 
_pdbx_validate_close_contact.label_alt_id_2   ? 
_pdbx_validate_close_contact.dist             2.19 
# 
_pdbx_validate_symm_contact.id                1 
_pdbx_validate_symm_contact.PDB_model_num     1 
_pdbx_validate_symm_contact.auth_atom_id_1    O 
_pdbx_validate_symm_contact.auth_asym_id_1    A 
_pdbx_validate_symm_contact.auth_comp_id_1    HOH 
_pdbx_validate_symm_contact.auth_seq_id_1     431 
_pdbx_validate_symm_contact.PDB_ins_code_1    ? 
_pdbx_validate_symm_contact.label_alt_id_1    ? 
_pdbx_validate_symm_contact.site_symmetry_1   1_555 
_pdbx_validate_symm_contact.auth_atom_id_2    O 
_pdbx_validate_symm_contact.auth_asym_id_2    A 
_pdbx_validate_symm_contact.auth_comp_id_2    HOH 
_pdbx_validate_symm_contact.auth_seq_id_2     453 
_pdbx_validate_symm_contact.PDB_ins_code_2    ? 
_pdbx_validate_symm_contact.label_alt_id_2    ? 
_pdbx_validate_symm_contact.site_symmetry_2   1_544 
_pdbx_validate_symm_contact.dist              2.10 
# 
loop_
_pdbx_validate_torsion.id 
_pdbx_validate_torsion.PDB_model_num 
_pdbx_validate_torsion.auth_comp_id 
_pdbx_validate_torsion.auth_asym_id 
_pdbx_validate_torsion.auth_seq_id 
_pdbx_validate_torsion.PDB_ins_code 
_pdbx_validate_torsion.label_alt_id 
_pdbx_validate_torsion.phi 
_pdbx_validate_torsion.psi 
1 1 SER A 208 ? ? 48.31 29.79 
2 1 ALA A 250 ? ? 54.46 11.90 
# 
_pdbx_validate_peptide_omega.id               1 
_pdbx_validate_peptide_omega.PDB_model_num    1 
_pdbx_validate_peptide_omega.auth_comp_id_1   LEU 
_pdbx_validate_peptide_omega.auth_asym_id_1   A 
_pdbx_validate_peptide_omega.auth_seq_id_1    249 
_pdbx_validate_peptide_omega.PDB_ins_code_1   ? 
_pdbx_validate_peptide_omega.label_alt_id_1   ? 
_pdbx_validate_peptide_omega.auth_comp_id_2   ALA 
_pdbx_validate_peptide_omega.auth_asym_id_2   A 
_pdbx_validate_peptide_omega.auth_seq_id_2    250 
_pdbx_validate_peptide_omega.PDB_ins_code_2   ? 
_pdbx_validate_peptide_omega.label_alt_id_2   ? 
_pdbx_validate_peptide_omega.omega            139.26 
# 
loop_
_space_group_symop.id 
_space_group_symop.operation_xyz 
1 x,y,z           
2 -x,y,-z         
3 x+1/2,y+1/2,z   
4 -x+1/2,y+1/2,-z 
# 
loop_
_pdbx_unobs_or_zero_occ_residues.id 
_pdbx_unobs_or_zero_occ_residues.PDB_model_num 
_pdbx_unobs_or_zero_occ_residues.polymer_flag 
_pdbx_unobs_or_zero_occ_residues.occupancy_flag 
_pdbx_unobs_or_zero_occ_residues.auth_asym_id 
_pdbx_unobs_or_zero_occ_residues.auth_comp_id 
_pdbx_unobs_or_zero_occ_residues.auth_seq_id 
_pdbx_unobs_or_zero_occ_residues.PDB_ins_code 
_pdbx_unobs_or_zero_occ_residues.label_asym_id 
_pdbx_unobs_or_zero_occ_residues.label_comp_id 
_pdbx_unobs_or_zero_occ_residues.label_seq_id 
1 1 Y 1 A GLY 157 ? A GLY 1   
2 1 Y 1 A GLU 158 ? A GLU 2   
3 1 Y 1 A ILE 159 ? A ILE 3   
4 1 Y 1 A ALA 160 ? A ALA 4   
5 1 Y 1 A PRO 267 ? A PRO 111 
6 1 Y 1 A GLY 268 ? A GLY 112 
7 1 Y 1 A GLN 269 ? A GLN 113 
8 1 Y 1 A VAL 270 ? A VAL 114 
# 
loop_
_chem_comp_atom.comp_id 
_chem_comp_atom.atom_id 
_chem_comp_atom.type_symbol 
_chem_comp_atom.pdbx_aromatic_flag 
_chem_comp_atom.pdbx_stereo_config 
_chem_comp_atom.pdbx_ordinal 
ALA N    N N N 1   
ALA CA   C N S 2   
ALA C    C N N 3   
ALA O    O N N 4   
ALA CB   C N N 5   
ALA OXT  O N N 6   
ALA H    H N N 7   
ALA H2   H N N 8   
ALA HA   H N N 9   
ALA HB1  H N N 10  
ALA HB2  H N N 11  
ALA HB3  H N N 12  
ALA HXT  H N N 13  
ARG N    N N N 14  
ARG CA   C N S 15  
ARG C    C N N 16  
ARG O    O N N 17  
ARG CB   C N N 18  
ARG CG   C N N 19  
ARG CD   C N N 20  
ARG NE   N N N 21  
ARG CZ   C N N 22  
ARG NH1  N N N 23  
ARG NH2  N N N 24  
ARG OXT  O N N 25  
ARG H    H N N 26  
ARG H2   H N N 27  
ARG HA   H N N 28  
ARG HB2  H N N 29  
ARG HB3  H N N 30  
ARG HG2  H N N 31  
ARG HG3  H N N 32  
ARG HD2  H N N 33  
ARG HD3  H N N 34  
ARG HE   H N N 35  
ARG HH11 H N N 36  
ARG HH12 H N N 37  
ARG HH21 H N N 38  
ARG HH22 H N N 39  
ARG HXT  H N N 40  
ASN N    N N N 41  
ASN CA   C N S 42  
ASN C    C N N 43  
ASN O    O N N 44  
ASN CB   C N N 45  
ASN CG   C N N 46  
ASN OD1  O N N 47  
ASN ND2  N N N 48  
ASN OXT  O N N 49  
ASN H    H N N 50  
ASN H2   H N N 51  
ASN HA   H N N 52  
ASN HB2  H N N 53  
ASN HB3  H N N 54  
ASN HD21 H N N 55  
ASN HD22 H N N 56  
ASN HXT  H N N 57  
ASP N    N N N 58  
ASP CA   C N S 59  
ASP C    C N N 60  
ASP O    O N N 61  
ASP CB   C N N 62  
ASP CG   C N N 63  
ASP OD1  O N N 64  
ASP OD2  O N N 65  
ASP OXT  O N N 66  
ASP H    H N N 67  
ASP H2   H N N 68  
ASP HA   H N N 69  
ASP HB2  H N N 70  
ASP HB3  H N N 71  
ASP HD2  H N N 72  
ASP HXT  H N N 73  
CYS N    N N N 74  
CYS CA   C N R 75  
CYS C    C N N 76  
CYS O    O N N 77  
CYS CB   C N N 78  
CYS SG   S N N 79  
CYS OXT  O N N 80  
CYS H    H N N 81  
CYS H2   H N N 82  
CYS HA   H N N 83  
CYS HB2  H N N 84  
CYS HB3  H N N 85  
CYS HG   H N N 86  
CYS HXT  H N N 87  
GLN N    N N N 88  
GLN CA   C N S 89  
GLN C    C N N 90  
GLN O    O N N 91  
GLN CB   C N N 92  
GLN CG   C N N 93  
GLN CD   C N N 94  
GLN OE1  O N N 95  
GLN NE2  N N N 96  
GLN OXT  O N N 97  
GLN H    H N N 98  
GLN H2   H N N 99  
GLN HA   H N N 100 
GLN HB2  H N N 101 
GLN HB3  H N N 102 
GLN HG2  H N N 103 
GLN HG3  H N N 104 
GLN HE21 H N N 105 
GLN HE22 H N N 106 
GLN HXT  H N N 107 
GLU N    N N N 108 
GLU CA   C N S 109 
GLU C    C N N 110 
GLU O    O N N 111 
GLU CB   C N N 112 
GLU CG   C N N 113 
GLU CD   C N N 114 
GLU OE1  O N N 115 
GLU OE2  O N N 116 
GLU OXT  O N N 117 
GLU H    H N N 118 
GLU H2   H N N 119 
GLU HA   H N N 120 
GLU HB2  H N N 121 
GLU HB3  H N N 122 
GLU HG2  H N N 123 
GLU HG3  H N N 124 
GLU HE2  H N N 125 
GLU HXT  H N N 126 
GLY N    N N N 127 
GLY CA   C N N 128 
GLY C    C N N 129 
GLY O    O N N 130 
GLY OXT  O N N 131 
GLY H    H N N 132 
GLY H2   H N N 133 
GLY HA2  H N N 134 
GLY HA3  H N N 135 
GLY HXT  H N N 136 
HIS N    N N N 137 
HIS CA   C N S 138 
HIS C    C N N 139 
HIS O    O N N 140 
HIS CB   C N N 141 
HIS CG   C Y N 142 
HIS ND1  N Y N 143 
HIS CD2  C Y N 144 
HIS CE1  C Y N 145 
HIS NE2  N Y N 146 
HIS OXT  O N N 147 
HIS H    H N N 148 
HIS H2   H N N 149 
HIS HA   H N N 150 
HIS HB2  H N N 151 
HIS HB3  H N N 152 
HIS HD1  H N N 153 
HIS HD2  H N N 154 
HIS HE1  H N N 155 
HIS HE2  H N N 156 
HIS HXT  H N N 157 
HOH O    O N N 158 
HOH H1   H N N 159 
HOH H2   H N N 160 
ILE N    N N N 161 
ILE CA   C N S 162 
ILE C    C N N 163 
ILE O    O N N 164 
ILE CB   C N S 165 
ILE CG1  C N N 166 
ILE CG2  C N N 167 
ILE CD1  C N N 168 
ILE OXT  O N N 169 
ILE H    H N N 170 
ILE H2   H N N 171 
ILE HA   H N N 172 
ILE HB   H N N 173 
ILE HG12 H N N 174 
ILE HG13 H N N 175 
ILE HG21 H N N 176 
ILE HG22 H N N 177 
ILE HG23 H N N 178 
ILE HD11 H N N 179 
ILE HD12 H N N 180 
ILE HD13 H N N 181 
ILE HXT  H N N 182 
LEU N    N N N 183 
LEU CA   C N S 184 
LEU C    C N N 185 
LEU O    O N N 186 
LEU CB   C N N 187 
LEU CG   C N N 188 
LEU CD1  C N N 189 
LEU CD2  C N N 190 
LEU OXT  O N N 191 
LEU H    H N N 192 
LEU H2   H N N 193 
LEU HA   H N N 194 
LEU HB2  H N N 195 
LEU HB3  H N N 196 
LEU HG   H N N 197 
LEU HD11 H N N 198 
LEU HD12 H N N 199 
LEU HD13 H N N 200 
LEU HD21 H N N 201 
LEU HD22 H N N 202 
LEU HD23 H N N 203 
LEU HXT  H N N 204 
LYS N    N N N 205 
LYS CA   C N S 206 
LYS C    C N N 207 
LYS O    O N N 208 
LYS CB   C N N 209 
LYS CG   C N N 210 
LYS CD   C N N 211 
LYS CE   C N N 212 
LYS NZ   N N N 213 
LYS OXT  O N N 214 
LYS H    H N N 215 
LYS H2   H N N 216 
LYS HA   H N N 217 
LYS HB2  H N N 218 
LYS HB3  H N N 219 
LYS HG2  H N N 220 
LYS HG3  H N N 221 
LYS HD2  H N N 222 
LYS HD3  H N N 223 
LYS HE2  H N N 224 
LYS HE3  H N N 225 
LYS HZ1  H N N 226 
LYS HZ2  H N N 227 
LYS HZ3  H N N 228 
LYS HXT  H N N 229 
MET N    N N N 230 
MET CA   C N S 231 
MET C    C N N 232 
MET O    O N N 233 
MET CB   C N N 234 
MET CG   C N N 235 
MET SD   S N N 236 
MET CE   C N N 237 
MET OXT  O N N 238 
MET H    H N N 239 
MET H2   H N N 240 
MET HA   H N N 241 
MET HB2  H N N 242 
MET HB3  H N N 243 
MET HG2  H N N 244 
MET HG3  H N N 245 
MET HE1  H N N 246 
MET HE2  H N N 247 
MET HE3  H N N 248 
MET HXT  H N N 249 
PHE N    N N N 250 
PHE CA   C N S 251 
PHE C    C N N 252 
PHE O    O N N 253 
PHE CB   C N N 254 
PHE CG   C Y N 255 
PHE CD1  C Y N 256 
PHE CD2  C Y N 257 
PHE CE1  C Y N 258 
PHE CE2  C Y N 259 
PHE CZ   C Y N 260 
PHE OXT  O N N 261 
PHE H    H N N 262 
PHE H2   H N N 263 
PHE HA   H N N 264 
PHE HB2  H N N 265 
PHE HB3  H N N 266 
PHE HD1  H N N 267 
PHE HD2  H N N 268 
PHE HE1  H N N 269 
PHE HE2  H N N 270 
PHE HZ   H N N 271 
PHE HXT  H N N 272 
PRO N    N N N 273 
PRO CA   C N S 274 
PRO C    C N N 275 
PRO O    O N N 276 
PRO CB   C N N 277 
PRO CG   C N N 278 
PRO CD   C N N 279 
PRO OXT  O N N 280 
PRO H    H N N 281 
PRO HA   H N N 282 
PRO HB2  H N N 283 
PRO HB3  H N N 284 
PRO HG2  H N N 285 
PRO HG3  H N N 286 
PRO HD2  H N N 287 
PRO HD3  H N N 288 
PRO HXT  H N N 289 
SER N    N N N 290 
SER CA   C N S 291 
SER C    C N N 292 
SER O    O N N 293 
SER CB   C N N 294 
SER OG   O N N 295 
SER OXT  O N N 296 
SER H    H N N 297 
SER H2   H N N 298 
SER HA   H N N 299 
SER HB2  H N N 300 
SER HB3  H N N 301 
SER HG   H N N 302 
SER HXT  H N N 303 
THR N    N N N 304 
THR CA   C N S 305 
THR C    C N N 306 
THR O    O N N 307 
THR CB   C N R 308 
THR OG1  O N N 309 
THR CG2  C N N 310 
THR OXT  O N N 311 
THR H    H N N 312 
THR H2   H N N 313 
THR HA   H N N 314 
THR HB   H N N 315 
THR HG1  H N N 316 
THR HG21 H N N 317 
THR HG22 H N N 318 
THR HG23 H N N 319 
THR HXT  H N N 320 
TRP N    N N N 321 
TRP CA   C N S 322 
TRP C    C N N 323 
TRP O    O N N 324 
TRP CB   C N N 325 
TRP CG   C Y N 326 
TRP CD1  C Y N 327 
TRP CD2  C Y N 328 
TRP NE1  N Y N 329 
TRP CE2  C Y N 330 
TRP CE3  C Y N 331 
TRP CZ2  C Y N 332 
TRP CZ3  C Y N 333 
TRP CH2  C Y N 334 
TRP OXT  O N N 335 
TRP H    H N N 336 
TRP H2   H N N 337 
TRP HA   H N N 338 
TRP HB2  H N N 339 
TRP HB3  H N N 340 
TRP HD1  H N N 341 
TRP HE1  H N N 342 
TRP HE3  H N N 343 
TRP HZ2  H N N 344 
TRP HZ3  H N N 345 
TRP HH2  H N N 346 
TRP HXT  H N N 347 
TYR N    N N N 348 
TYR CA   C N S 349 
TYR C    C N N 350 
TYR O    O N N 351 
TYR CB   C N N 352 
TYR CG   C Y N 353 
TYR CD1  C Y N 354 
TYR CD2  C Y N 355 
TYR CE1  C Y N 356 
TYR CE2  C Y N 357 
TYR CZ   C Y N 358 
TYR OH   O N N 359 
TYR OXT  O N N 360 
TYR H    H N N 361 
TYR H2   H N N 362 
TYR HA   H N N 363 
TYR HB2  H N N 364 
TYR HB3  H N N 365 
TYR HD1  H N N 366 
TYR HD2  H N N 367 
TYR HE1  H N N 368 
TYR HE2  H N N 369 
TYR HH   H N N 370 
TYR HXT  H N N 371 
VAL N    N N N 372 
VAL CA   C N S 373 
VAL C    C N N 374 
VAL O    O N N 375 
VAL CB   C N N 376 
VAL CG1  C N N 377 
VAL CG2  C N N 378 
VAL OXT  O N N 379 
VAL H    H N N 380 
VAL H2   H N N 381 
VAL HA   H N N 382 
VAL HB   H N N 383 
VAL HG11 H N N 384 
VAL HG12 H N N 385 
VAL HG13 H N N 386 
VAL HG21 H N N 387 
VAL HG22 H N N 388 
VAL HG23 H N N 389 
VAL HXT  H N N 390 
# 
loop_
_chem_comp_bond.comp_id 
_chem_comp_bond.atom_id_1 
_chem_comp_bond.atom_id_2 
_chem_comp_bond.value_order 
_chem_comp_bond.pdbx_aromatic_flag 
_chem_comp_bond.pdbx_stereo_config 
_chem_comp_bond.pdbx_ordinal 
ALA N   CA   sing N N 1   
ALA N   H    sing N N 2   
ALA N   H2   sing N N 3   
ALA CA  C    sing N N 4   
ALA CA  CB   sing N N 5   
ALA CA  HA   sing N N 6   
ALA C   O    doub N N 7   
ALA C   OXT  sing N N 8   
ALA CB  HB1  sing N N 9   
ALA CB  HB2  sing N N 10  
ALA CB  HB3  sing N N 11  
ALA OXT HXT  sing N N 12  
ARG N   CA   sing N N 13  
ARG N   H    sing N N 14  
ARG N   H2   sing N N 15  
ARG CA  C    sing N N 16  
ARG CA  CB   sing N N 17  
ARG CA  HA   sing N N 18  
ARG C   O    doub N N 19  
ARG C   OXT  sing N N 20  
ARG CB  CG   sing N N 21  
ARG CB  HB2  sing N N 22  
ARG CB  HB3  sing N N 23  
ARG CG  CD   sing N N 24  
ARG CG  HG2  sing N N 25  
ARG CG  HG3  sing N N 26  
ARG CD  NE   sing N N 27  
ARG CD  HD2  sing N N 28  
ARG CD  HD3  sing N N 29  
ARG NE  CZ   sing N N 30  
ARG NE  HE   sing N N 31  
ARG CZ  NH1  sing N N 32  
ARG CZ  NH2  doub N N 33  
ARG NH1 HH11 sing N N 34  
ARG NH1 HH12 sing N N 35  
ARG NH2 HH21 sing N N 36  
ARG NH2 HH22 sing N N 37  
ARG OXT HXT  sing N N 38  
ASN N   CA   sing N N 39  
ASN N   H    sing N N 40  
ASN N   H2   sing N N 41  
ASN CA  C    sing N N 42  
ASN CA  CB   sing N N 43  
ASN CA  HA   sing N N 44  
ASN C   O    doub N N 45  
ASN C   OXT  sing N N 46  
ASN CB  CG   sing N N 47  
ASN CB  HB2  sing N N 48  
ASN CB  HB3  sing N N 49  
ASN CG  OD1  doub N N 50  
ASN CG  ND2  sing N N 51  
ASN ND2 HD21 sing N N 52  
ASN ND2 HD22 sing N N 53  
ASN OXT HXT  sing N N 54  
ASP N   CA   sing N N 55  
ASP N   H    sing N N 56  
ASP N   H2   sing N N 57  
ASP CA  C    sing N N 58  
ASP CA  CB   sing N N 59  
ASP CA  HA   sing N N 60  
ASP C   O    doub N N 61  
ASP C   OXT  sing N N 62  
ASP CB  CG   sing N N 63  
ASP CB  HB2  sing N N 64  
ASP CB  HB3  sing N N 65  
ASP CG  OD1  doub N N 66  
ASP CG  OD2  sing N N 67  
ASP OD2 HD2  sing N N 68  
ASP OXT HXT  sing N N 69  
CYS N   CA   sing N N 70  
CYS N   H    sing N N 71  
CYS N   H2   sing N N 72  
CYS CA  C    sing N N 73  
CYS CA  CB   sing N N 74  
CYS CA  HA   sing N N 75  
CYS C   O    doub N N 76  
CYS C   OXT  sing N N 77  
CYS CB  SG   sing N N 78  
CYS CB  HB2  sing N N 79  
CYS CB  HB3  sing N N 80  
CYS SG  HG   sing N N 81  
CYS OXT HXT  sing N N 82  
GLN N   CA   sing N N 83  
GLN N   H    sing N N 84  
GLN N   H2   sing N N 85  
GLN CA  C    sing N N 86  
GLN CA  CB   sing N N 87  
GLN CA  HA   sing N N 88  
GLN C   O    doub N N 89  
GLN C   OXT  sing N N 90  
GLN CB  CG   sing N N 91  
GLN CB  HB2  sing N N 92  
GLN CB  HB3  sing N N 93  
GLN CG  CD   sing N N 94  
GLN CG  HG2  sing N N 95  
GLN CG  HG3  sing N N 96  
GLN CD  OE1  doub N N 97  
GLN CD  NE2  sing N N 98  
GLN NE2 HE21 sing N N 99  
GLN NE2 HE22 sing N N 100 
GLN OXT HXT  sing N N 101 
GLU N   CA   sing N N 102 
GLU N   H    sing N N 103 
GLU N   H2   sing N N 104 
GLU CA  C    sing N N 105 
GLU CA  CB   sing N N 106 
GLU CA  HA   sing N N 107 
GLU C   O    doub N N 108 
GLU C   OXT  sing N N 109 
GLU CB  CG   sing N N 110 
GLU CB  HB2  sing N N 111 
GLU CB  HB3  sing N N 112 
GLU CG  CD   sing N N 113 
GLU CG  HG2  sing N N 114 
GLU CG  HG3  sing N N 115 
GLU CD  OE1  doub N N 116 
GLU CD  OE2  sing N N 117 
GLU OE2 HE2  sing N N 118 
GLU OXT HXT  sing N N 119 
GLY N   CA   sing N N 120 
GLY N   H    sing N N 121 
GLY N   H2   sing N N 122 
GLY CA  C    sing N N 123 
GLY CA  HA2  sing N N 124 
GLY CA  HA3  sing N N 125 
GLY C   O    doub N N 126 
GLY C   OXT  sing N N 127 
GLY OXT HXT  sing N N 128 
HIS N   CA   sing N N 129 
HIS N   H    sing N N 130 
HIS N   H2   sing N N 131 
HIS CA  C    sing N N 132 
HIS CA  CB   sing N N 133 
HIS CA  HA   sing N N 134 
HIS C   O    doub N N 135 
HIS C   OXT  sing N N 136 
HIS CB  CG   sing N N 137 
HIS CB  HB2  sing N N 138 
HIS CB  HB3  sing N N 139 
HIS CG  ND1  sing Y N 140 
HIS CG  CD2  doub Y N 141 
HIS ND1 CE1  doub Y N 142 
HIS ND1 HD1  sing N N 143 
HIS CD2 NE2  sing Y N 144 
HIS CD2 HD2  sing N N 145 
HIS CE1 NE2  sing Y N 146 
HIS CE1 HE1  sing N N 147 
HIS NE2 HE2  sing N N 148 
HIS OXT HXT  sing N N 149 
HOH O   H1   sing N N 150 
HOH O   H2   sing N N 151 
ILE N   CA   sing N N 152 
ILE N   H    sing N N 153 
ILE N   H2   sing N N 154 
ILE CA  C    sing N N 155 
ILE CA  CB   sing N N 156 
ILE CA  HA   sing N N 157 
ILE C   O    doub N N 158 
ILE C   OXT  sing N N 159 
ILE CB  CG1  sing N N 160 
ILE CB  CG2  sing N N 161 
ILE CB  HB   sing N N 162 
ILE CG1 CD1  sing N N 163 
ILE CG1 HG12 sing N N 164 
ILE CG1 HG13 sing N N 165 
ILE CG2 HG21 sing N N 166 
ILE CG2 HG22 sing N N 167 
ILE CG2 HG23 sing N N 168 
ILE CD1 HD11 sing N N 169 
ILE CD1 HD12 sing N N 170 
ILE CD1 HD13 sing N N 171 
ILE OXT HXT  sing N N 172 
LEU N   CA   sing N N 173 
LEU N   H    sing N N 174 
LEU N   H2   sing N N 175 
LEU CA  C    sing N N 176 
LEU CA  CB   sing N N 177 
LEU CA  HA   sing N N 178 
LEU C   O    doub N N 179 
LEU C   OXT  sing N N 180 
LEU CB  CG   sing N N 181 
LEU CB  HB2  sing N N 182 
LEU CB  HB3  sing N N 183 
LEU CG  CD1  sing N N 184 
LEU CG  CD2  sing N N 185 
LEU CG  HG   sing N N 186 
LEU CD1 HD11 sing N N 187 
LEU CD1 HD12 sing N N 188 
LEU CD1 HD13 sing N N 189 
LEU CD2 HD21 sing N N 190 
LEU CD2 HD22 sing N N 191 
LEU CD2 HD23 sing N N 192 
LEU OXT HXT  sing N N 193 
LYS N   CA   sing N N 194 
LYS N   H    sing N N 195 
LYS N   H2   sing N N 196 
LYS CA  C    sing N N 197 
LYS CA  CB   sing N N 198 
LYS CA  HA   sing N N 199 
LYS C   O    doub N N 200 
LYS C   OXT  sing N N 201 
LYS CB  CG   sing N N 202 
LYS CB  HB2  sing N N 203 
LYS CB  HB3  sing N N 204 
LYS CG  CD   sing N N 205 
LYS CG  HG2  sing N N 206 
LYS CG  HG3  sing N N 207 
LYS CD  CE   sing N N 208 
LYS CD  HD2  sing N N 209 
LYS CD  HD3  sing N N 210 
LYS CE  NZ   sing N N 211 
LYS CE  HE2  sing N N 212 
LYS CE  HE3  sing N N 213 
LYS NZ  HZ1  sing N N 214 
LYS NZ  HZ2  sing N N 215 
LYS NZ  HZ3  sing N N 216 
LYS OXT HXT  sing N N 217 
MET N   CA   sing N N 218 
MET N   H    sing N N 219 
MET N   H2   sing N N 220 
MET CA  C    sing N N 221 
MET CA  CB   sing N N 222 
MET CA  HA   sing N N 223 
MET C   O    doub N N 224 
MET C   OXT  sing N N 225 
MET CB  CG   sing N N 226 
MET CB  HB2  sing N N 227 
MET CB  HB3  sing N N 228 
MET CG  SD   sing N N 229 
MET CG  HG2  sing N N 230 
MET CG  HG3  sing N N 231 
MET SD  CE   sing N N 232 
MET CE  HE1  sing N N 233 
MET CE  HE2  sing N N 234 
MET CE  HE3  sing N N 235 
MET OXT HXT  sing N N 236 
PHE N   CA   sing N N 237 
PHE N   H    sing N N 238 
PHE N   H2   sing N N 239 
PHE CA  C    sing N N 240 
PHE CA  CB   sing N N 241 
PHE CA  HA   sing N N 242 
PHE C   O    doub N N 243 
PHE C   OXT  sing N N 244 
PHE CB  CG   sing N N 245 
PHE CB  HB2  sing N N 246 
PHE CB  HB3  sing N N 247 
PHE CG  CD1  doub Y N 248 
PHE CG  CD2  sing Y N 249 
PHE CD1 CE1  sing Y N 250 
PHE CD1 HD1  sing N N 251 
PHE CD2 CE2  doub Y N 252 
PHE CD2 HD2  sing N N 253 
PHE CE1 CZ   doub Y N 254 
PHE CE1 HE1  sing N N 255 
PHE CE2 CZ   sing Y N 256 
PHE CE2 HE2  sing N N 257 
PHE CZ  HZ   sing N N 258 
PHE OXT HXT  sing N N 259 
PRO N   CA   sing N N 260 
PRO N   CD   sing N N 261 
PRO N   H    sing N N 262 
PRO CA  C    sing N N 263 
PRO CA  CB   sing N N 264 
PRO CA  HA   sing N N 265 
PRO C   O    doub N N 266 
PRO C   OXT  sing N N 267 
PRO CB  CG   sing N N 268 
PRO CB  HB2  sing N N 269 
PRO CB  HB3  sing N N 270 
PRO CG  CD   sing N N 271 
PRO CG  HG2  sing N N 272 
PRO CG  HG3  sing N N 273 
PRO CD  HD2  sing N N 274 
PRO CD  HD3  sing N N 275 
PRO OXT HXT  sing N N 276 
SER N   CA   sing N N 277 
SER N   H    sing N N 278 
SER N   H2   sing N N 279 
SER CA  C    sing N N 280 
SER CA  CB   sing N N 281 
SER CA  HA   sing N N 282 
SER C   O    doub N N 283 
SER C   OXT  sing N N 284 
SER CB  OG   sing N N 285 
SER CB  HB2  sing N N 286 
SER CB  HB3  sing N N 287 
SER OG  HG   sing N N 288 
SER OXT HXT  sing N N 289 
THR N   CA   sing N N 290 
THR N   H    sing N N 291 
THR N   H2   sing N N 292 
THR CA  C    sing N N 293 
THR CA  CB   sing N N 294 
THR CA  HA   sing N N 295 
THR C   O    doub N N 296 
THR C   OXT  sing N N 297 
THR CB  OG1  sing N N 298 
THR CB  CG2  sing N N 299 
THR CB  HB   sing N N 300 
THR OG1 HG1  sing N N 301 
THR CG2 HG21 sing N N 302 
THR CG2 HG22 sing N N 303 
THR CG2 HG23 sing N N 304 
THR OXT HXT  sing N N 305 
TRP N   CA   sing N N 306 
TRP N   H    sing N N 307 
TRP N   H2   sing N N 308 
TRP CA  C    sing N N 309 
TRP CA  CB   sing N N 310 
TRP CA  HA   sing N N 311 
TRP C   O    doub N N 312 
TRP C   OXT  sing N N 313 
TRP CB  CG   sing N N 314 
TRP CB  HB2  sing N N 315 
TRP CB  HB3  sing N N 316 
TRP CG  CD1  doub Y N 317 
TRP CG  CD2  sing Y N 318 
TRP CD1 NE1  sing Y N 319 
TRP CD1 HD1  sing N N 320 
TRP CD2 CE2  doub Y N 321 
TRP CD2 CE3  sing Y N 322 
TRP NE1 CE2  sing Y N 323 
TRP NE1 HE1  sing N N 324 
TRP CE2 CZ2  sing Y N 325 
TRP CE3 CZ3  doub Y N 326 
TRP CE3 HE3  sing N N 327 
TRP CZ2 CH2  doub Y N 328 
TRP CZ2 HZ2  sing N N 329 
TRP CZ3 CH2  sing Y N 330 
TRP CZ3 HZ3  sing N N 331 
TRP CH2 HH2  sing N N 332 
TRP OXT HXT  sing N N 333 
TYR N   CA   sing N N 334 
TYR N   H    sing N N 335 
TYR N   H2   sing N N 336 
TYR CA  C    sing N N 337 
TYR CA  CB   sing N N 338 
TYR CA  HA   sing N N 339 
TYR C   O    doub N N 340 
TYR C   OXT  sing N N 341 
TYR CB  CG   sing N N 342 
TYR CB  HB2  sing N N 343 
TYR CB  HB3  sing N N 344 
TYR CG  CD1  doub Y N 345 
TYR CG  CD2  sing Y N 346 
TYR CD1 CE1  sing Y N 347 
TYR CD1 HD1  sing N N 348 
TYR CD2 CE2  doub Y N 349 
TYR CD2 HD2  sing N N 350 
TYR CE1 CZ   doub Y N 351 
TYR CE1 HE1  sing N N 352 
TYR CE2 CZ   sing Y N 353 
TYR CE2 HE2  sing N N 354 
TYR CZ  OH   sing N N 355 
TYR OH  HH   sing N N 356 
TYR OXT HXT  sing N N 357 
VAL N   CA   sing N N 358 
VAL N   H    sing N N 359 
VAL N   H2   sing N N 360 
VAL CA  C    sing N N 361 
VAL CA  CB   sing N N 362 
VAL CA  HA   sing N N 363 
VAL C   O    doub N N 364 
VAL C   OXT  sing N N 365 
VAL CB  CG1  sing N N 366 
VAL CB  CG2  sing N N 367 
VAL CB  HB   sing N N 368 
VAL CG1 HG11 sing N N 369 
VAL CG1 HG12 sing N N 370 
VAL CG1 HG13 sing N N 371 
VAL CG2 HG21 sing N N 372 
VAL CG2 HG22 sing N N 373 
VAL CG2 HG23 sing N N 374 
VAL OXT HXT  sing N N 375 
# 
_pdbx_initial_refinement_model.id               1 
_pdbx_initial_refinement_model.entity_id_list   ? 
_pdbx_initial_refinement_model.type             'experimental model' 
_pdbx_initial_refinement_model.source_name      PDB 
_pdbx_initial_refinement_model.accession_code   7F9L 
_pdbx_initial_refinement_model.details          ? 
# 
_space_group.name_H-M_alt     'C 1 2 1' 
_space_group.name_Hall        'C 2y' 
_space_group.IT_number        5 
_space_group.crystal_system   monoclinic 
_space_group.id               1 
# 
_atom_sites.entry_id                    7F9K 
_atom_sites.Cartn_transf_matrix[1][1]   ? 
_atom_sites.Cartn_transf_matrix[1][2]   ? 
_atom_sites.Cartn_transf_matrix[1][3]   ? 
_atom_sites.Cartn_transf_matrix[2][1]   ? 
_atom_sites.Cartn_transf_matrix[2][2]   ? 
_atom_sites.Cartn_transf_matrix[2][3]   ? 
_atom_sites.Cartn_transf_matrix[3][1]   ? 
_atom_sites.Cartn_transf_matrix[3][2]   ? 
_atom_sites.Cartn_transf_matrix[3][3]   ? 
_atom_sites.Cartn_transf_vector[1]      ? 
_atom_sites.Cartn_transf_vector[2]      ? 
_atom_sites.Cartn_transf_vector[3]      ? 
_atom_sites.fract_transf_matrix[1][1]   -0.00270428 
_atom_sites.fract_transf_matrix[1][2]   0.00124034 
_atom_sites.fract_transf_matrix[1][3]   0.00558499 
_atom_sites.fract_transf_matrix[2][1]   -0.03491477 
_atom_sites.fract_transf_matrix[2][2]   -0.01649588 
_atom_sites.fract_transf_matrix[2][3]   -0.01324243 
_atom_sites.fract_transf_matrix[3][1]   0.00661502 
_atom_sites.fract_transf_matrix[3][2]   -0.02374954 
_atom_sites.fract_transf_matrix[3][3]   0.01214336 
_atom_sites.fract_transf_vector[1]      -0.112191 
_atom_sites.fract_transf_vector[2]      -0.085949 
_atom_sites.fract_transf_vector[3]      0.204575 
_atom_sites.solution_primary            ? 
_atom_sites.solution_secondary          ? 
_atom_sites.solution_hydrogens          ? 
_atom_sites.special_details             ? 
# 
loop_
_atom_type.symbol 
_atom_type.scat_dispersion_real 
_atom_type.scat_dispersion_imag 
_atom_type.scat_Cromer_Mann_a1 
_atom_type.scat_Cromer_Mann_a2 
_atom_type.scat_Cromer_Mann_b1 
_atom_type.scat_Cromer_Mann_b2 
_atom_type.scat_Cromer_Mann_c 
_atom_type.scat_source 
_atom_type.scat_dispersion_source 
C ? ? 3.54356 2.42580 25.62398 1.50364  0.0 
;2-Gaussian fit: Grosse-Kunstleve RW, Sauter NK, Adams PD: Newsletter of the IUCr Commission on Crystallographic Computing 2004, 3, 22-31.
;
? 
N ? ? 4.01032 2.96436 19.97189 1.75589  0.0 
;2-Gaussian fit: Grosse-Kunstleve RW, Sauter NK, Adams PD: Newsletter of the IUCr Commission on Crystallographic Computing 2004, 3, 22-31.
;
? 
O ? ? 4.49882 3.47563 15.80542 1.70748  0.0 
;2-Gaussian fit: Grosse-Kunstleve RW, Sauter NK, Adams PD: Newsletter of the IUCr Commission on Crystallographic Computing 2004, 3, 22-31.
;
? 
S ? ? 9.55732 6.39887 1.23737  29.19336 0.0 
;2-Gaussian fit: Grosse-Kunstleve RW, Sauter NK, Adams PD: Newsletter of the IUCr Commission on Crystallographic Computing 2004, 3, 22-31.
;
? 
# 
loop_
_atom_site.group_PDB 
_atom_site.id 
_atom_site.type_symbol 
_atom_site.label_atom_id 
_atom_site.label_alt_id 
_atom_site.label_comp_id 
_atom_site.label_asym_id 
_atom_site.label_entity_id 
_atom_site.label_seq_id 
_atom_site.pdbx_PDB_ins_code 
_atom_site.Cartn_x 
_atom_site.Cartn_y 
_atom_site.Cartn_z 
_atom_site.occupancy 
_atom_site.B_iso_or_equiv 
_atom_site.pdbx_formal_charge 
_atom_site.auth_seq_id 
_atom_site.auth_comp_id 
_atom_site.auth_asym_id 
_atom_site.auth_atom_id 
_atom_site.pdbx_PDB_model_num 
ATOM   1    N N   . ALA A 1 5   ? -7.08514  -24.86580 44.16613  1.000 56.78594  ? 161 ALA A N   1 
ATOM   2    C CA  . ALA A 1 5   ? -6.33574  -25.15905 42.95399  1.000 54.55517  ? 161 ALA A CA  1 
ATOM   3    C C   . ALA A 1 5   ? -5.26791  -24.09530 42.71232  1.000 51.18507  ? 161 ALA A C   1 
ATOM   4    O O   . ALA A 1 5   ? -5.44689  -23.20179 41.87867  1.000 50.23252  ? 161 ALA A O   1 
ATOM   5    C CB  . ALA A 1 5   ? -7.27170  -25.25526 41.76253  1.000 57.25298  ? 161 ALA A CB  1 
ATOM   6    N N   . LEU A 1 6   ? -4.16224  -24.20554 43.45666  1.000 49.05571  ? 162 LEU A N   1 
ATOM   7    C CA  . LEU A 1 6   ? -3.03014  -23.28637 43.33889  1.000 46.13048  ? 162 LEU A CA  1 
ATOM   8    C C   . LEU A 1 6   ? -2.24038  -23.53606 42.05527  1.000 44.76544  ? 162 LEU A C   1 
ATOM   9    O O   . LEU A 1 6   ? -2.04647  -22.62756 41.23195  1.000 42.16054  ? 162 LEU A O   1 
ATOM   10   C CB  . LEU A 1 6   ? -2.10828  -23.44349 44.55191  1.000 46.35156  ? 162 LEU A CB  1 
ATOM   11   C CG  . LEU A 1 6   ? -2.48300  -22.78121 45.87169  1.000 54.42594  ? 162 LEU A CG  1 
ATOM   12   C CD1 . LEU A 1 6   ? -2.42053  -21.27140 45.73228  1.000 55.47531  ? 162 LEU A CD1 1 
ATOM   13   C CD2 . LEU A 1 6   ? -3.86305  -23.26587 46.36527  1.000 55.02899  ? 162 LEU A CD2 1 
ATOM   14   N N   . ALA A 1 7   ? -1.75745  -24.77148 41.88880  1.000 46.69462  ? 163 ALA A N   1 
ATOM   15   C CA  . ALA A 1 7   ? -0.96547  -25.11672 40.71564  1.000 44.31664  ? 163 ALA A CA  1 
ATOM   16   C C   . ALA A 1 7   ? -1.78069  -24.99101 39.43418  1.000 42.24968  ? 163 ALA A C   1 
ATOM   17   O O   . ALA A 1 7   ? -1.21684  -24.69363 38.37454  1.000 33.92101  ? 163 ALA A O   1 
ATOM   18   C CB  . ALA A 1 7   ? -0.40090  -26.53310 40.86473  1.000 35.84447  ? 163 ALA A CB  1 
ATOM   19   N N   . VAL A 1 8   ? -3.10199  -25.19943 39.51289  1.000 39.57222  ? 164 VAL A N   1 
ATOM   20   C CA  . VAL A 1 8   ? -3.95156  -25.06415 38.33107  1.000 42.17381  ? 164 VAL A CA  1 
ATOM   21   C C   . VAL A 1 8   ? -4.01052  -23.61331 37.87621  1.000 40.39492  ? 164 VAL A C   1 
ATOM   22   O O   . VAL A 1 8   ? -3.86007  -23.30928 36.68839  1.000 36.68976  ? 164 VAL A O   1 
ATOM   23   C CB  . VAL A 1 8   ? -5.36225  -25.61308 38.60063  1.000 42.37023  ? 164 VAL A CB  1 
ATOM   24   C CG1 . VAL A 1 8   ? -6.36016  -25.01114 37.58766  1.000 35.53142  ? 164 VAL A CG1 1 
ATOM   25   C CG2 . VAL A 1 8   ? -5.35355  -27.11984 38.52195  1.000 38.59648  ? 164 VAL A CG2 1 
ATOM   26   N N   . ASN A 1 9   ? -4.25238  -22.69426 38.80489  1.000 39.37583  ? 165 ASN A N   1 
ATOM   27   C CA  . ASN A 1 9   ? -4.36299  -21.30604 38.39070  1.000 37.08904  ? 165 ASN A CA  1 
ATOM   28   C C   . ASN A 1 9   ? -3.01048  -20.74122 37.98385  1.000 40.12953  ? 165 ASN A C   1 
ATOM   29   O O   . ASN A 1 9   ? -2.95573  -19.82765 37.14899  1.000 38.24268  ? 165 ASN A O   1 
ATOM   30   C CB  . ASN A 1 9   ? -4.98916  -20.46371 39.50353  1.000 36.75907  ? 165 ASN A CB  1 
ATOM   31   C CG  . ASN A 1 9   ? -6.50566  -20.57806 39.53704  1.000 48.94659  ? 165 ASN A CG  1 
ATOM   32   O OD1 . ASN A 1 9   ? -7.16447  -20.65638 38.48740  1.000 50.38854  ? 165 ASN A OD1 1 
ATOM   33   N ND2 . ASN A 1 9   ? -7.07064  -20.58908 40.74546  1.000 50.28398  ? 165 ASN A ND2 1 
ATOM   34   N N   . ALA A 1 10  ? -1.91638  -21.26576 38.55494  1.000 38.41782  ? 166 ALA A N   1 
ATOM   35   C CA  . ALA A 1 10  ? -0.58693  -20.75087 38.22322  1.000 35.95404  ? 166 ALA A CA  1 
ATOM   36   C C   . ALA A 1 10  ? -0.23978  -21.02297 36.76197  1.000 37.38361  ? 166 ALA A C   1 
ATOM   37   O O   . ALA A 1 10  ? 0.29266   -20.14981 36.06548  1.000 35.45804  ? 166 ALA A O   1 
ATOM   38   C CB  . ALA A 1 10  ? 0.46739   -21.35672 39.15113  1.000 38.45714  ? 166 ALA A CB  1 
ATOM   39   N N   . TRP A 1 11  ? -0.55715  -22.22498 36.26695  1.000 37.92341  ? 167 TRP A N   1 
ATOM   40   C CA  . TRP A 1 11  ? -0.24815  -22.53316 34.87219  1.000 35.86953  ? 167 TRP A CA  1 
ATOM   41   C C   . TRP A 1 11  ? -1.21407  -21.82906 33.91965  1.000 36.15332  ? 167 TRP A C   1 
ATOM   42   O O   . TRP A 1 11  ? -0.79188  -21.32057 32.86927  1.000 31.11969  ? 167 TRP A O   1 
ATOM   43   C CB  . TRP A 1 11  ? -0.22530  -24.05558 34.64811  1.000 38.34603  ? 167 TRP A CB  1 
ATOM   44   C CG  . TRP A 1 11  ? -1.55691  -24.76974 34.44334  1.000 34.15947  ? 167 TRP A CG  1 
ATOM   45   C CD1 . TRP A 1 11  ? -2.23395  -25.51849 35.36461  1.000 37.45817  ? 167 TRP A CD1 1 
ATOM   46   C CD2 . TRP A 1 11  ? -2.32256  -24.84483 33.22996  1.000 35.22168  ? 167 TRP A CD2 1 
ATOM   47   N NE1 . TRP A 1 11  ? -3.38472  -26.03442 34.80900  1.000 35.49543  ? 167 TRP A NE1 1 
ATOM   48   C CE2 . TRP A 1 11  ? -3.46213  -25.63591 33.50095  1.000 38.25262  ? 167 TRP A CE2 1 
ATOM   49   C CE3 . TRP A 1 11  ? -2.16156  -24.31099 31.94511  1.000 33.15828  ? 167 TRP A CE3 1 
ATOM   50   C CZ2 . TRP A 1 11  ? -4.43938  -25.90300 32.53375  1.000 34.91098  ? 167 TRP A CZ2 1 
ATOM   51   C CZ3 . TRP A 1 11  ? -3.12926  -24.57553 30.99295  1.000 39.13061  ? 167 TRP A CZ3 1 
ATOM   52   C CH2 . TRP A 1 11  ? -4.26034  -25.35996 31.29524  1.000 37.79869  ? 167 TRP A CH2 1 
ATOM   53   N N   . LYS A 1 12  ? -2.50575  -21.75891 34.28052  1.000 31.81970  ? 168 LYS A N   1 
ATOM   54   C CA  . LYS A 1 12  ? -3.45260  -20.99507 33.47070  1.000 36.16139  ? 168 LYS A CA  1 
ATOM   55   C C   . LYS A 1 12  ? -3.06987  -19.51988 33.41953  1.000 36.37212  ? 168 LYS A C   1 
ATOM   56   O O   . LYS A 1 12  ? -3.27471  -18.84687 32.39860  1.000 30.18177  ? 168 LYS A O   1 
ATOM   57   C CB  . LYS A 1 12  ? -4.86811  -21.13776 34.01306  1.000 31.00464  ? 168 LYS A CB  1 
ATOM   58   C CG  . LYS A 1 12  ? -5.44937  -22.51629 33.87646  1.000 33.28761  ? 168 LYS A CG  1 
ATOM   59   C CD  . LYS A 1 12  ? -6.97083  -22.45925 33.86011  1.000 38.52999  ? 168 LYS A CD  1 
ATOM   60   C CE  . LYS A 1 12  ? -7.57925  -23.86373 33.92744  1.000 37.72382  ? 168 LYS A CE  1 
ATOM   61   N NZ  . LYS A 1 12  ? -9.03966  -23.86602 33.61799  1.000 45.17313  ? 168 LYS A NZ  1 
ATOM   62   N N   . THR A 1 13  ? -2.54130  -18.98980 34.52133  1.000 32.23166  ? 169 THR A N   1 
ATOM   63   C CA  . THR A 1 13  ? -2.04197  -17.62278 34.48995  1.000 34.64062  ? 169 THR A CA  1 
ATOM   64   C C   . THR A 1 13  ? -0.99813  -17.45877 33.38865  1.000 34.85095  ? 169 THR A C   1 
ATOM   65   O O   . THR A 1 13  ? -1.13850  -16.60157 32.50722  1.000 35.24236  ? 169 THR A O   1 
ATOM   66   C CB  . THR A 1 13  ? -1.49087  -17.24736 35.86430  1.000 30.18875  ? 169 THR A CB  1 
ATOM   67   O OG1 . THR A 1 13  ? -2.56489  -17.32663 36.79679  1.000 28.84771  ? 169 THR A OG1 1 
ATOM   68   C CG2 . THR A 1 13  ? -0.94693  -15.82040 35.87756  1.000 26.97822  ? 169 THR A CG2 1 
ATOM   69   N N   . THR A 1 14  ? 0.02192   -18.32076 33.38250  1.000 35.59817  ? 170 THR A N   1 
ATOM   70   C CA  . THR A 1 14  ? 1.04263   -18.24120 32.33689  1.000 39.43896  ? 170 THR A CA  1 
ATOM   71   C C   . THR A 1 14  ? 0.46625   -18.57182 30.95999  1.000 34.17897  ? 170 THR A C   1 
ATOM   72   O O   . THR A 1 14  ? 0.77241   -17.88698 29.97865  1.000 33.38505  ? 170 THR A O   1 
ATOM   73   C CB  . THR A 1 14  ? 2.21608   -19.16283 32.67257  1.000 37.69898  ? 170 THR A CB  1 
ATOM   74   O OG1 . THR A 1 14  ? 2.69909   -18.84667 33.98358  1.000 37.62424  ? 170 THR A OG1 1 
ATOM   75   C CG2 . THR A 1 14  ? 3.35242   -18.96345 31.67634  1.000 35.91557  ? 170 THR A CG2 1 
ATOM   76   N N   . ALA A 1 15  ? -0.37139  -19.60758 30.86576  1.000 32.12385  ? 171 ALA A N   1 
ATOM   77   C CA  . ALA A 1 15  ? -1.01934  -19.92201 29.59557  1.000 29.89957  ? 171 ALA A CA  1 
ATOM   78   C C   . ALA A 1 15  ? -1.73501  -18.70704 29.01764  1.000 35.83084  ? 171 ALA A C   1 
ATOM   79   O O   . ALA A 1 15  ? -1.54135  -18.35266 27.84825  1.000 33.41208  ? 171 ALA A O   1 
ATOM   80   C CB  . ALA A 1 15  ? -2.00045  -21.07506 29.78390  1.000 36.43039  ? 171 ALA A CB  1 
ATOM   81   N N   . LEU A 1 16  ? -2.56166  -18.04279 29.83255  1.000 35.03662  ? 172 LEU A N   1 
ATOM   82   C CA  . LEU A 1 16  ? -3.29438  -16.87758 29.33877  1.000 33.58358  ? 172 LEU A CA  1 
ATOM   83   C C   . LEU A 1 16  ? -2.35091  -15.75281 28.91600  1.000 34.73348  ? 172 LEU A C   1 
ATOM   84   O O   . LEU A 1 16  ? -2.60766  -15.07146 27.91700  1.000 32.56853  ? 172 LEU A O   1 
ATOM   85   C CB  . LEU A 1 16  ? -4.28612  -16.38587 30.39607  1.000 32.31402  ? 172 LEU A CB  1 
ATOM   86   C CG  . LEU A 1 16  ? -5.54492  -17.25236 30.56288  1.000 35.89207  ? 172 LEU A CG  1 
ATOM   87   C CD1 . LEU A 1 16  ? -6.32600  -16.83237 31.80830  1.000 35.41034  ? 172 LEU A CD1 1 
ATOM   88   C CD2 . LEU A 1 16  ? -6.44242  -17.21037 29.31716  1.000 33.43733  ? 172 LEU A CD2 1 
ATOM   89   N N   . LYS A 1 17  ? -1.25183  -15.53696 29.65130  1.000 26.22636  ? 173 LYS A N   1 
ATOM   90   C CA  . LYS A 1 17  ? -0.31623  -14.50748 29.21719  1.000 31.22154  ? 173 LYS A CA  1 
ATOM   91   C C   . LYS A 1 17  ? 0.27880   -14.85626 27.85747  1.000 31.87739  ? 173 LYS A C   1 
ATOM   92   O O   . LYS A 1 17  ? 0.42547   -13.98870 26.98817  1.000 32.32286  ? 173 LYS A O   1 
ATOM   93   C CB  . LYS A 1 17  ? 0.78831   -14.29300 30.24943  1.000 36.73668  ? 173 LYS A CB  1 
ATOM   94   C CG  . LYS A 1 17  ? 1.55780   -12.99791 29.96120  1.000 41.43915  ? 173 LYS A CG  1 
ATOM   95   C CD  . LYS A 1 17  ? 2.53668   -12.57538 31.05500  1.000 49.63200  ? 173 LYS A CD  1 
ATOM   96   C CE  . LYS A 1 17  ? 2.37926   -11.06658 31.36127  1.000 60.14068  ? 173 LYS A CE  1 
ATOM   97   N NZ  . LYS A 1 17  ? 3.03389   -10.14278 30.37320  1.000 62.00431  ? 173 LYS A NZ  1 
ATOM   98   N N   . ASN A 1 18  ? 0.57995   -16.13279 27.63847  1.000 34.96133  ? 174 ASN A N   1 
ATOM   99   C CA  . ASN A 1 18  ? 1.11091   -16.55089 26.34674  1.000 33.34248  ? 174 ASN A CA  1 
ATOM   100  C C   . ASN A 1 18  ? 0.03925   -16.50809 25.26789  1.000 32.72258  ? 174 ASN A C   1 
ATOM   101  O O   . ASN A 1 18  ? 0.32041   -16.11444 24.12948  1.000 32.71782  ? 174 ASN A O   1 
ATOM   102  C CB  . ASN A 1 18  ? 1.72315   -17.93966 26.47315  1.000 28.94756  ? 174 ASN A CB  1 
ATOM   103  C CG  . ASN A 1 18  ? 2.93070   -17.93828 27.38523  1.000 31.98995  ? 174 ASN A CG  1 
ATOM   104  O OD1 . ASN A 1 18  ? 3.65441   -16.93946 27.46287  1.000 34.06553  ? 174 ASN A OD1 1 
ATOM   105  N ND2 . ASN A 1 18  ? 3.15836   -19.04243 28.08003  1.000 34.35632  ? 174 ASN A ND2 1 
ATOM   106  N N   . ALA A 1 19  ? -1.19947  -16.87553 25.61246  1.000 31.62841  ? 175 ALA A N   1 
ATOM   107  C CA  . ALA A 1 19  ? -2.29562  -16.79104 24.64719  1.000 35.88927  ? 175 ALA A CA  1 
ATOM   108  C C   . ALA A 1 19  ? -2.50565  -15.35804 24.15650  1.000 36.55392  ? 175 ALA A C   1 
ATOM   109  O O   . ALA A 1 19  ? -2.79845  -15.13286 22.97303  1.000 33.61524  ? 175 ALA A O   1 
ATOM   110  C CB  . ALA A 1 19  ? -3.58358  -17.33556 25.26412  1.000 36.21142  ? 175 ALA A CB  1 
ATOM   111  N N   . ILE A 1 20  ? -2.36883  -14.37678 25.05442  1.000 33.96771  ? 176 ILE A N   1 
ATOM   112  C CA  . ILE A 1 20  ? -2.50739  -12.97464 24.66609  1.000 29.05609  ? 176 ILE A CA  1 
ATOM   113  C C   . ILE A 1 20  ? -1.42818  -12.60144 23.66253  1.000 34.35044  ? 176 ILE A C   1 
ATOM   114  O O   . ILE A 1 20  ? -1.70996  -12.03017 22.60111  1.000 31.61914  ? 176 ILE A O   1 
ATOM   115  C CB  . ILE A 1 20  ? -2.44087  -12.06614 25.90758  1.000 30.40327  ? 176 ILE A CB  1 
ATOM   116  C CG1 . ILE A 1 20  ? -3.67853  -12.25351 26.78147  1.000 29.60064  ? 176 ILE A CG1 1 
ATOM   117  C CG2 . ILE A 1 20  ? -2.24027  -10.58409 25.50120  1.000 22.37634  ? 176 ILE A CG2 1 
ATOM   118  C CD1 . ILE A 1 20  ? -3.52018  -11.68239 28.17557  1.000 32.08665  ? 176 ILE A CD1 1 
ATOM   119  N N   . ALA A 1 21  ? -0.16663  -12.90826 23.99940  1.000 33.31481  ? 177 ALA A N   1 
ATOM   120  C CA  . ALA A 1 21  ? 0.94673   -12.57242 23.11716  1.000 37.27031  ? 177 ALA A CA  1 
ATOM   121  C C   . ALA A 1 21  ? 0.88417   -13.34291 21.79985  1.000 33.56057  ? 177 ALA A C   1 
ATOM   122  O O   . ALA A 1 21  ? 1.30232   -12.82199 20.76531  1.000 31.88622  ? 177 ALA A O   1 
ATOM   123  C CB  . ALA A 1 21  ? 2.27349   -12.83209 23.83156  1.000 30.99555  ? 177 ALA A CB  1 
ATOM   124  N N   . ALA A 1 22  ? 0.36272   -14.57267 21.80996  1.000 34.80459  ? 178 ALA A N   1 
ATOM   125  C CA  . ALA A 1 22  ? 0.22124   -15.31433 20.56044  1.000 31.50658  ? 178 ALA A CA  1 
ATOM   126  C C   . ALA A 1 22  ? -0.89604  -14.73444 19.69192  1.000 36.34388  ? 178 ALA A C   1 
ATOM   127  O O   . ALA A 1 22  ? -0.76268  -14.65203 18.46056  1.000 34.96648  ? 178 ALA A O   1 
ATOM   128  C CB  . ALA A 1 22  ? -0.03755  -16.79027 20.85938  1.000 30.73142  ? 178 ALA A CB  1 
ATOM   129  N N   . ALA A 1 23  ? -2.00963  -14.33553 20.30914  1.000 29.96525  ? 179 ALA A N   1 
ATOM   130  C CA  . ALA A 1 23  ? -3.10753  -13.79167 19.52868  1.000 31.66395  ? 179 ALA A CA  1 
ATOM   131  C C   . ALA A 1 23  ? -2.74164  -12.44065 18.92680  1.000 33.43562  ? 179 ALA A C   1 
ATOM   132  O O   . ALA A 1 23  ? -3.27028  -12.07077 17.86905  1.000 30.56640  ? 179 ALA A O   1 
ATOM   133  C CB  . ALA A 1 23  ? -4.35826  -13.68275 20.39396  1.000 33.49509  ? 179 ALA A CB  1 
ATOM   134  N N   . GLN A 1 24  ? -1.84585  -11.69189 19.57367  1.000 26.49701  ? 180 GLN A N   1 
ATOM   135  C CA  . GLN A 1 24  ? -1.42117  -10.42592 18.99041  1.000 31.45240  ? 180 GLN A CA  1 
ATOM   136  C C   . GLN A 1 24  ? -0.49417  -10.66254 17.80242  1.000 34.22555  ? 180 GLN A C   1 
ATOM   137  O O   . GLN A 1 24  ? -0.64296  -10.01868 16.76043  1.000 32.19600  ? 180 GLN A O   1 
ATOM   138  C CB  . GLN A 1 24  ? -0.75125  -9.55146  20.05225  1.000 33.88264  ? 180 GLN A CB  1 
ATOM   139  C CG  . GLN A 1 24  ? -1.73845  -8.99587  21.09446  1.000 34.88134  ? 180 GLN A CG  1 
ATOM   140  C CD  . GLN A 1 24  ? -1.05436  -8.45437  22.35910  1.000 43.15636  ? 180 GLN A CD  1 
ATOM   141  O OE1 . GLN A 1 24  ? 0.03477   -8.90333  22.74198  1.000 39.53321  ? 180 GLN A OE1 1 
ATOM   142  N NE2 . GLN A 1 24  ? -1.69208  -7.47360  23.00293  1.000 40.26734  ? 180 GLN A NE2 1 
ATOM   143  N N   . LYS A 1 25  ? 0.44288   -11.61494 17.92644  1.000 35.78125  ? 181 LYS A N   1 
ATOM   144  C CA  . LYS A 1 25  ? 1.35468   -11.91456 16.82544  1.000 31.29164  ? 181 LYS A CA  1 
ATOM   145  C C   . LYS A 1 25  ? 0.63405   -12.56404 15.65265  1.000 31.28795  ? 181 LYS A C   1 
ATOM   146  O O   . LYS A 1 25  ? 0.98250   -12.30407 14.49628  1.000 36.45736  ? 181 LYS A O   1 
ATOM   147  C CB  . LYS A 1 25  ? 2.49406   -12.80367 17.31579  1.000 34.44338  ? 181 LYS A CB  1 
ATOM   148  C CG  . LYS A 1 25  ? 3.63596   -12.02436 17.94349  1.000 32.21490  ? 181 LYS A CG  1 
ATOM   149  C CD  . LYS A 1 25  ? 4.10564   -12.71125 19.19728  1.000 44.18996  ? 181 LYS A CD  1 
ATOM   150  C CE  . LYS A 1 25  ? 5.47619   -12.23690 19.65619  1.000 42.78711  ? 181 LYS A CE  1 
ATOM   151  N NZ  . LYS A 1 25  ? 5.89906   -13.03433 20.85689  1.000 49.20080  ? 181 LYS A NZ  1 
ATOM   152  N N   . ALA A 1 26  ? -0.38146  -13.38974 15.92404  1.000 34.66100  ? 182 ALA A N   1 
ATOM   153  C CA  . ALA A 1 26  ? -1.22282  -13.91633 14.85076  1.000 31.49313  ? 182 ALA A CA  1 
ATOM   154  C C   . ALA A 1 26  ? -1.95089  -12.79518 14.11771  1.000 34.34560  ? 182 ALA A C   1 
ATOM   155  O O   . ALA A 1 26  ? -2.07799  -12.82405 12.88446  1.000 29.22431  ? 182 ALA A O   1 
ATOM   156  C CB  . ALA A 1 26  ? -2.22529  -14.92405 15.41289  1.000 25.74266  ? 182 ALA A CB  1 
ATOM   157  N N   . GLY A 1 27  ? -2.44249  -11.79894 14.86151  1.000 35.87342  ? 183 GLY A N   1 
ATOM   158  C CA  . GLY A 1 27  ? -3.10825  -10.67428 14.22697  1.000 28.48108  ? 183 GLY A CA  1 
ATOM   159  C C   . GLY A 1 27  ? -2.15078  -9.81775  13.41552  1.000 33.17244  ? 183 GLY A C   1 
ATOM   160  O O   . GLY A 1 27  ? -2.48562  -9.37694  12.31262  1.000 32.08194  ? 183 GLY A O   1 
ATOM   161  N N   . ASP A 1 28  ? -0.95265  -9.55753  13.95321  1.000 34.95393  ? 184 ASP A N   1 
ATOM   162  C CA  . ASP A 1 28  ? 0.02975   -8.76854  13.20799  1.000 35.34617  ? 184 ASP A CA  1 
ATOM   163  C C   . ASP A 1 28  ? 0.41600   -9.46479  11.91995  1.000 33.97500  ? 184 ASP A C   1 
ATOM   164  O O   . ASP A 1 28  ? 0.49098   -8.82840  10.86294  1.000 39.20664  ? 184 ASP A O   1 
ATOM   165  C CB  . ASP A 1 28  ? 1.29591   -8.52318  14.03502  1.000 33.79519  ? 184 ASP A CB  1 
ATOM   166  C CG  . ASP A 1 28  ? 1.01956   -7.81301  15.33176  1.000 46.02765  ? 184 ASP A CG  1 
ATOM   167  O OD1 . ASP A 1 28  ? 0.04429   -7.02516  15.37330  1.000 55.60451  ? 184 ASP A OD1 1 
ATOM   168  O OD2 . ASP A 1 28  ? 1.78608   -8.02977  16.30551  1.000 46.68470  ? 184 ASP A OD2 1 
ATOM   169  N N   . ALA A 1 29  ? 0.70180   -10.76772 11.99920  1.000 32.72281  ? 185 ALA A N   1 
ATOM   170  C CA  . ALA A 1 29  ? 1.08130   -11.51900 10.80933  1.000 33.37847  ? 185 ALA A CA  1 
ATOM   171  C C   . ALA A 1 29  ? 0.03464   -11.36809 9.71838   1.000 36.56953  ? 185 ALA A C   1 
ATOM   172  O O   . ALA A 1 29  ? 0.35978   -11.08198 8.55934   1.000 40.12165  ? 185 ALA A O   1 
ATOM   173  C CB  . ALA A 1 29  ? 1.28172   -12.99132 11.16419  1.000 34.31719  ? 185 ALA A CB  1 
ATOM   174  N N   . ALA A 1 30  ? -1.24044  -11.53939 10.08283  1.000 32.26109  ? 186 ALA A N   1 
ATOM   175  C CA  . ALA A 1 30  ? -2.31322  -11.44285 9.10055   1.000 32.01440  ? 186 ALA A CA  1 
ATOM   176  C C   . ALA A 1 30  ? -2.48440  -10.01148 8.59279   1.000 38.76539  ? 186 ALA A C   1 
ATOM   177  O O   . ALA A 1 30  ? -2.76211  -9.79661  7.40599   1.000 36.16786  ? 186 ALA A O   1 
ATOM   178  C CB  . ALA A 1 30  ? -3.62050  -11.94702 9.70726   1.000 32.68863  ? 186 ALA A CB  1 
ATOM   179  N N   . GLY A 1 31  ? -2.35611  -9.02098  9.48118   1.000 33.26668  ? 187 GLY A N   1 
ATOM   180  C CA  . GLY A 1 31  ? -2.50264  -7.64050  9.05243   1.000 30.91636  ? 187 GLY A CA  1 
ATOM   181  C C   . GLY A 1 31  ? -1.36489  -7.18434  8.15709   1.000 33.61160  ? 187 GLY A C   1 
ATOM   182  O O   . GLY A 1 31  ? -1.57816  -6.41667  7.21620   1.000 35.55076  ? 187 GLY A O   1 
ATOM   183  N N   . LYS A 1 32  ? -0.13802  -7.63598  8.44428   1.000 34.57799  ? 188 LYS A N   1 
ATOM   184  C CA  . LYS A 1 32  ? 1.00149   -7.26835  7.60470   1.000 38.36737  ? 188 LYS A CA  1 
ATOM   185  C C   . LYS A 1 32  ? 0.75325   -7.66383  6.15199   1.000 38.60232  ? 188 LYS A C   1 
ATOM   186  O O   . LYS A 1 32  ? 0.93772   -6.85313  5.23502   1.000 39.47861  ? 188 LYS A O   1 
ATOM   187  C CB  . LYS A 1 32  ? 2.27994   -7.92200  8.14123   1.000 42.01196  ? 188 LYS A CB  1 
ATOM   188  C CG  . LYS A 1 32  ? 3.56162   -7.13295  7.88755   1.000 45.99040  ? 188 LYS A CG  1 
ATOM   189  C CD  . LYS A 1 32  ? 4.35590   -7.69180  6.71474   1.000 51.04937  ? 188 LYS A CD  1 
ATOM   190  C CE  . LYS A 1 32  ? 5.43390   -6.71373  6.22880   1.000 57.66847  ? 188 LYS A CE  1 
ATOM   191  N NZ  . LYS A 1 32  ? 4.91453   -5.68306  5.27229   1.000 56.83851  ? 188 LYS A NZ  1 
ATOM   192  N N   . ILE A 1 33  ? 0.29373   -8.89816  5.93539   1.000 38.17453  ? 189 ILE A N   1 
ATOM   193  C CA  . ILE A 1 33  ? -0.02951  -9.38320  4.59612   1.000 36.64860  ? 189 ILE A CA  1 
ATOM   194  C C   . ILE A 1 33  ? -1.19147  -8.59604  4.00765   1.000 36.25907  ? 189 ILE A C   1 
ATOM   195  O O   . ILE A 1 33  ? -1.17350  -8.21113  2.83124   1.000 35.39494  ? 189 ILE A O   1 
ATOM   196  C CB  . ILE A 1 33  ? -0.33954  -10.89400 4.65163   1.000 44.48390  ? 189 ILE A CB  1 
ATOM   197  C CG1 . ILE A 1 33  ? 0.86248   -11.66979 5.22193   1.000 44.19616  ? 189 ILE A CG1 1 
ATOM   198  C CG2 . ILE A 1 33  ? -0.80932  -11.42038 3.28252   1.000 43.99938  ? 189 ILE A CG2 1 
ATOM   199  C CD1 . ILE A 1 33  ? 2.20729   -11.26390 4.62900   1.000 43.20291  ? 189 ILE A CD1 1 
ATOM   200  N N   . ALA A 1 34  ? -2.22229  -8.34567  4.81075   1.000 35.77730  ? 190 ALA A N   1 
ATOM   201  C CA  . ALA A 1 34  ? -3.34009  -7.55425  4.32743   1.000 31.73226  ? 190 ALA A CA  1 
ATOM   202  C C   . ALA A 1 34  ? -2.89682  -6.14851  3.94830   1.000 33.38406  ? 190 ALA A C   1 
ATOM   203  O O   . ALA A 1 34  ? -3.42561  -5.56394  2.99254   1.000 28.43114  ? 190 ALA A O   1 
ATOM   204  C CB  . ALA A 1 34  ? -4.43155  -7.50036  5.39029   1.000 32.58277  ? 190 ALA A CB  1 
ATOM   205  N N   . GLY A 1 35  ? -1.93630  -5.58700  4.68494   1.000 34.56902  ? 191 GLY A N   1 
ATOM   206  C CA  . GLY A 1 35  ? -1.48705  -4.23480  4.38170   1.000 36.12764  ? 191 GLY A CA  1 
ATOM   207  C C   . GLY A 1 35  ? -0.74770  -4.13636  3.05810   1.000 32.07305  ? 191 GLY A C   1 
ATOM   208  O O   . GLY A 1 35  ? -0.97471  -3.20631  2.27643   1.000 32.72324  ? 191 GLY A O   1 
ATOM   209  N N   . GLU A 1 36  ? 0.15733   -5.08227  2.79639   1.000 34.14349  ? 192 GLU A N   1 
ATOM   210  C CA  . GLU A 1 36  ? 0.89896   -5.07346  1.53906   1.000 37.54046  ? 192 GLU A CA  1 
ATOM   211  C C   . GLU A 1 36  ? -0.04797  -5.10148  0.35095   1.000 33.20180  ? 192 GLU A C   1 
ATOM   212  O O   . GLU A 1 36  ? 0.05426   -4.26473  -0.55498  1.000 36.34850  ? 192 GLU A O   1 
ATOM   213  C CB  . GLU A 1 36  ? 1.86407   -6.25969  1.48583   1.000 46.12244  ? 192 GLU A CB  1 
ATOM   214  C CG  . GLU A 1 36  ? 3.24211   -5.94630  2.03434   1.000 48.76403  ? 192 GLU A CG  1 
ATOM   215  C CD  . GLU A 1 36  ? 4.05643   -5.06793  1.09246   1.000 53.56655  ? 192 GLU A CD  1 
ATOM   216  O OE1 . GLU A 1 36  ? 3.89961   -5.18678  -0.14877  1.000 48.32335  ? 192 GLU A OE1 1 
ATOM   217  O OE2 . GLU A 1 36  ? 4.83167   -4.23073  1.60665   1.000 58.58082  ? 192 GLU A OE2 1 
ATOM   218  N N   . SER A 1 37  ? -0.99257  -6.04888  0.35239   1.000 30.50451  ? 193 SER A N   1 
ATOM   219  C CA  . SER A 1 37  ? -1.97942  -6.13695  -0.71798  1.000 28.01385  ? 193 SER A CA  1 
ATOM   220  C C   . SER A 1 37  ? -2.73013  -4.83349  -0.88020  1.000 31.41631  ? 193 SER A C   1 
ATOM   221  O O   . SER A 1 37  ? -2.88773  -4.32977  -1.99876  1.000 33.55082  ? 193 SER A O   1 
ATOM   222  C CB  . SER A 1 37  ? -2.96759  -7.26397  -0.43683  1.000 29.94297  ? 193 SER A CB  1 
ATOM   223  O OG  . SER A 1 37  ? -2.27201  -8.48070  -0.26435  1.000 41.32072  ? 193 SER A OG  1 
ATOM   224  N N   . LYS A 1 38  ? -3.22768  -4.28111  0.22942   1.000 31.96371  ? 194 LYS A N   1 
ATOM   225  C CA  . LYS A 1 38  ? -4.03456  -3.06859  0.14859   1.000 27.65641  ? 194 LYS A CA  1 
ATOM   226  C C   . LYS A 1 38  ? -3.22411  -1.88709  -0.37067  1.000 27.25630  ? 194 LYS A C   1 
ATOM   227  O O   . LYS A 1 38  ? -3.76984  -1.02169  -1.06211  1.000 27.35802  ? 194 LYS A O   1 
ATOM   228  C CB  . LYS A 1 38  ? -4.62210  -2.74135  1.52111   1.000 29.33298  ? 194 LYS A CB  1 
ATOM   229  C CG  . LYS A 1 38  ? -5.40321  -1.44246  1.55090   1.000 23.81049  ? 194 LYS A CG  1 
ATOM   230  C CD  . LYS A 1 38  ? -6.55139  -1.48011  0.55639   1.000 33.88611  ? 194 LYS A CD  1 
ATOM   231  C CE  . LYS A 1 38  ? -7.66562  -2.41948  1.00828   1.000 33.58717  ? 194 LYS A CE  1 
ATOM   232  N NZ  . LYS A 1 38  ? -8.95412  -1.97896  0.41721   1.000 36.32547  ? 194 LYS A NZ  1 
ATOM   233  N N   . GLY A 1 39  ? -1.93345  -1.82337  -0.03019  1.000 28.06099  ? 195 GLY A N   1 
ATOM   234  C CA  . GLY A 1 39  ? -1.10738  -0.71813  -0.49437  1.000 30.30010  ? 195 GLY A CA  1 
ATOM   235  C C   . GLY A 1 39  ? -0.91200  -0.72924  -2.00233  1.000 30.30981  ? 195 GLY A C   1 
ATOM   236  O O   . GLY A 1 39  ? -1.14567  0.27912   -2.68025  1.000 27.45031  ? 195 GLY A O   1 
ATOM   237  N N   . VAL A 1 40  ? -0.45971  -1.86458  -2.54660  1.000 30.74970  ? 196 VAL A N   1 
ATOM   238  C CA  . VAL A 1 40  ? -0.35552  -1.98904  -3.99937  1.000 29.22746  ? 196 VAL A CA  1 
ATOM   239  C C   . VAL A 1 40  ? -1.70270  -1.70536  -4.63849  1.000 26.80085  ? 196 VAL A C   1 
ATOM   240  O O   . VAL A 1 40  ? -1.80246  -0.92674  -5.59337  1.000 27.62824  ? 196 VAL A O   1 
ATOM   241  C CB  . VAL A 1 40  ? 0.17302   -3.37884  -4.39981  1.000 27.79557  ? 196 VAL A CB  1 
ATOM   242  C CG1 . VAL A 1 40  ? 0.18503   -3.52363  -5.91052  1.000 27.52691  ? 196 VAL A CG1 1 
ATOM   243  C CG2 . VAL A 1 40  ? 1.54248   -3.60321  -3.85579  1.000 25.04102  ? 196 VAL A CG2 1 
ATOM   244  N N   . GLU A 1 41  ? -2.76969  -2.28088  -4.08454  1.000 25.84065  ? 197 GLU A N   1 
ATOM   245  C CA  . GLU A 1 41  ? -4.08838  -2.09152  -4.67846  1.000 30.22629  ? 197 GLU A CA  1 
ATOM   246  C C   . GLU A 1 41  ? -4.48865  -0.62272  -4.71819  1.000 27.93867  ? 197 GLU A C   1 
ATOM   247  O O   . GLU A 1 41  ? -5.16506  -0.18349  -5.66473  1.000 29.01326  ? 197 GLU A O   1 
ATOM   248  C CB  . GLU A 1 41  ? -5.12349  -2.91251  -3.90778  1.000 33.05139  ? 197 GLU A CB  1 
ATOM   249  C CG  . GLU A 1 41  ? -6.56298  -2.66332  -4.33445  1.000 33.72545  ? 197 GLU A CG  1 
ATOM   250  C CD  . GLU A 1 41  ? -7.56335  -3.38814  -3.43078  1.000 44.74914  ? 197 GLU A CD  1 
ATOM   251  O OE1 . GLU A 1 41  ? -8.61990  -3.82197  -3.94549  1.000 46.86314  ? 197 GLU A OE1 1 
ATOM   252  O OE2 . GLU A 1 41  ? -7.27104  -3.54879  -2.21509  1.000 38.47846  ? 197 GLU A OE2 1 
ATOM   253  N N   . THR A 1 42  ? -4.07786  0.15326   -3.71247  1.000 22.96546  ? 198 THR A N   1 
ATOM   254  C CA  . THR A 1 42  ? -4.51944  1.53996   -3.62146  1.000 25.08473  ? 198 THR A CA  1 
ATOM   255  C C   . THR A 1 42  ? -3.78889  2.41921   -4.63363  1.000 26.21548  ? 198 THR A C   1 
ATOM   256  O O   . THR A 1 42  ? -4.41681  3.23279   -5.31787  1.000 29.01073  ? 198 THR A O   1 
ATOM   257  C CB  . THR A 1 42  ? -4.31966  2.06428   -2.18969  1.000 33.60566  ? 198 THR A CB  1 
ATOM   258  O OG1 . THR A 1 42  ? -5.05452  1.24510   -1.24515  1.000 25.92304  ? 198 THR A OG1 1 
ATOM   259  C CG2 . THR A 1 42  ? -4.77098  3.52671   -2.08587  1.000 26.66651  ? 198 THR A CG2 1 
ATOM   260  N N   . ILE A 1 43  ? -2.45972  2.27901   -4.74289  1.000 25.91375  ? 199 ILE A N   1 
ATOM   261  C CA  . ILE A 1 43  ? -1.71007  3.12188   -5.68207  1.000 27.17415  ? 199 ILE A CA  1 
ATOM   262  C C   . ILE A 1 43  ? -2.18630  2.87602   -7.11456  1.000 25.40256  ? 199 ILE A C   1 
ATOM   263  O O   . ILE A 1 43  ? -2.45035  3.82389   -7.86859  1.000 24.83301  ? 199 ILE A O   1 
ATOM   264  C CB  . ILE A 1 43  ? -0.18529  2.91133   -5.51907  1.000 22.08984  ? 199 ILE A CB  1 
ATOM   265  C CG1 . ILE A 1 43  ? 0.60625   3.98752   -6.27602  1.000 22.35595  ? 199 ILE A CG1 1 
ATOM   266  C CG2 . ILE A 1 43  ? 0.25757   1.51101   -5.93424  1.000 25.60118  ? 199 ILE A CG2 1 
ATOM   267  C CD1 . ILE A 1 43  ? 2.11188   3.95709   -5.99448  1.000 23.51805  ? 199 ILE A CD1 1 
ATOM   268  N N   . ILE A 1 44  ? -2.38623  1.60750   -7.48190  1.000 26.89449  ? 200 ILE A N   1 
ATOM   269  C CA  . ILE A 1 44  ? -2.92787  1.28394   -8.79943  1.000 27.89717  ? 200 ILE A CA  1 
ATOM   270  C C   . ILE A 1 44  ? -4.26169  1.97665   -9.01117  1.000 25.87889  ? 200 ILE A C   1 
ATOM   271  O O   . ILE A 1 44  ? -4.51699  2.54967   -10.07742 1.000 31.05991  ? 200 ILE A O   1 
ATOM   272  C CB  . ILE A 1 44  ? -3.04952  -0.24214  -8.96648  1.000 26.27019  ? 200 ILE A CB  1 
ATOM   273  C CG1 . ILE A 1 44  ? -1.65542  -0.86405  -8.91664  1.000 22.99578  ? 200 ILE A CG1 1 
ATOM   274  C CG2 . ILE A 1 44  ? -3.80422  -0.57532  -10.27150 1.000 27.62513  ? 200 ILE A CG2 1 
ATOM   275  C CD1 . ILE A 1 44  ? -1.62581  -2.36983  -9.03093  1.000 28.92450  ? 200 ILE A CD1 1 
ATOM   276  N N   . GLY A 1 45  ? -5.12426  1.95839   -7.99277  1.000 29.31665  ? 201 GLY A N   1 
ATOM   277  C CA  . GLY A 1 45  ? -6.42166  2.60692   -8.11827  1.000 28.06288  ? 201 GLY A CA  1 
ATOM   278  C C   . GLY A 1 45  ? -6.32070  4.10978   -8.30469  1.000 26.03362  ? 201 GLY A C   1 
ATOM   279  O O   . GLY A 1 45  ? -7.06964  4.69891   -9.08466  1.000 30.79779  ? 201 GLY A O   1 
ATOM   280  N N   . ILE A 1 46  ? -5.38525  4.74757   -7.60278  1.000 27.05635  ? 202 ILE A N   1 
ATOM   281  C CA  . ILE A 1 46  ? -5.24362  6.19772   -7.71116  1.000 25.77823  ? 202 ILE A CA  1 
ATOM   282  C C   . ILE A 1 46  ? -4.68498  6.58533   -9.07818  1.000 27.49799  ? 202 ILE A C   1 
ATOM   283  O O   . ILE A 1 46  ? -5.21918  7.47637   -9.75391  1.000 29.21055  ? 202 ILE A O   1 
ATOM   284  C CB  . ILE A 1 46  ? -4.37138  6.72451   -6.56124  1.000 27.01067  ? 202 ILE A CB  1 
ATOM   285  C CG1 . ILE A 1 46  ? -5.09202  6.47717   -5.23076  1.000 27.32324  ? 202 ILE A CG1 1 
ATOM   286  C CG2 . ILE A 1 46  ? -4.03468  8.21066   -6.76762  1.000 27.48729  ? 202 ILE A CG2 1 
ATOM   287  C CD1 . ILE A 1 46  ? -4.24032  6.69563   -4.03076  1.000 29.31622  ? 202 ILE A CD1 1 
ATOM   288  N N   . LEU A 1 47  ? -3.60441  5.92505   -9.51128  1.000 26.83102  ? 203 LEU A N   1 
ATOM   289  C CA  . LEU A 1 47  ? -3.00481  6.28216   -10.79671 1.000 27.26225  ? 203 LEU A CA  1 
ATOM   290  C C   . LEU A 1 47  ? -3.99928  6.08748   -11.92966 1.000 30.00207  ? 203 LEU A C   1 
ATOM   291  O O   . LEU A 1 47  ? -4.03794  6.88299   -12.87433 1.000 27.41890  ? 203 LEU A O   1 
ATOM   292  C CB  . LEU A 1 47  ? -1.74631  5.45667   -11.05371 1.000 23.65020  ? 203 LEU A CB  1 
ATOM   293  C CG  . LEU A 1 47  ? -0.55909  5.75344   -10.12742 1.000 29.73493  ? 203 LEU A CG  1 
ATOM   294  C CD1 . LEU A 1 47  ? 0.54767   4.72356   -10.29464 1.000 20.35953  ? 203 LEU A CD1 1 
ATOM   295  C CD2 . LEU A 1 47  ? -0.02467  7.17863   -10.33222 1.000 24.17706  ? 203 LEU A CD2 1 
ATOM   296  N N   . GLU A 1 48  ? -4.83080  5.04702   -11.83736 1.000 30.80278  ? 204 GLU A N   1 
ATOM   297  C CA  . GLU A 1 48  ? -5.77330  4.75219   -12.91598 1.000 34.28497  ? 204 GLU A CA  1 
ATOM   298  C C   . GLU A 1 48  ? -6.95567  5.72322   -12.92836 1.000 35.65271  ? 204 GLU A C   1 
ATOM   299  O O   . GLU A 1 48  ? -7.31567  6.25267   -13.98373 1.000 35.77213  ? 204 GLU A O   1 
ATOM   300  C CB  . GLU A 1 48  ? -6.25560  3.30326   -12.80554 1.000 29.79770  ? 204 GLU A CB  1 
ATOM   301  C CG  . GLU A 1 48  ? -5.19074  2.28419   -13.23852 1.000 29.02638  ? 204 GLU A CG  1 
ATOM   302  C CD  . GLU A 1 48  ? -5.62353  0.84061   -13.06396 1.000 35.01667  ? 204 GLU A CD  1 
ATOM   303  O OE1 . GLU A 1 48  ? -4.96657  -0.04856  -13.65538 1.000 37.43015  ? 204 GLU A OE1 1 
ATOM   304  O OE2 . GLU A 1 48  ? -6.61144  0.58569   -12.32853 1.000 41.58763  ? 204 GLU A OE2 1 
ATOM   305  N N   . GLN A 1 49  ? -7.57579  5.97932   -11.78175 1.000 35.26547  ? 205 GLN A N   1 
ATOM   306  C CA  . GLN A 1 49  ? -8.71740  6.89037   -11.78487 1.000 42.23412  ? 205 GLN A CA  1 
ATOM   307  C C   . GLN A 1 49  ? -8.26320  8.34507   -11.85880 1.000 47.68089  ? 205 GLN A C   1 
ATOM   308  O O   . GLN A 1 49  ? -8.62245  9.07228   -12.79787 1.000 48.71061  ? 205 GLN A O   1 
ATOM   309  C CB  . GLN A 1 49  ? -9.57816  6.63926   -10.54789 1.000 46.83424  ? 205 GLN A CB  1 
ATOM   310  C CG  . GLN A 1 49  ? -9.86907  5.15140   -10.38626 1.000 49.84441  ? 205 GLN A CG  1 
ATOM   311  C CD  . GLN A 1 49  ? -10.85017 4.83564   -9.28584  1.000 53.22365  ? 205 GLN A CD  1 
ATOM   312  O OE1 . GLN A 1 49  ? -12.01370 4.53446   -9.56220  1.000 51.71584  ? 205 GLN A OE1 1 
ATOM   313  N NE2 . GLN A 1 49  ? -10.38550 4.86447   -8.03206  1.000 46.27882  ? 205 GLN A NE2 1 
ATOM   314  N N   . TYR A 1 50  ? -7.42574  8.76592   -10.90358 1.000 45.16267  ? 206 TYR A N   1 
ATOM   315  C CA  . TYR A 1 50  ? -7.08408  10.17838  -10.77598 1.000 37.86856  ? 206 TYR A CA  1 
ATOM   316  C C   . TYR A 1 50  ? -6.11862  10.64592  -11.85462 1.000 40.06989  ? 206 TYR A C   1 
ATOM   317  O O   . TYR A 1 50  ? -6.15542  11.81738  -12.24156 1.000 42.12927  ? 206 TYR A O   1 
ATOM   318  C CB  . TYR A 1 50  ? -6.48373  10.44451  -9.40004  1.000 43.61070  ? 206 TYR A CB  1 
ATOM   319  C CG  . TYR A 1 50  ? -7.48415  10.37284  -8.27031  1.000 55.40728  ? 206 TYR A CG  1 
ATOM   320  C CD1 . TYR A 1 50  ? -8.82047  10.03358  -8.50424  1.000 57.36113  ? 206 TYR A CD1 1 
ATOM   321  C CD2 . TYR A 1 50  ? -7.09695  10.66831  -6.96761  1.000 59.96361  ? 206 TYR A CD2 1 
ATOM   322  C CE1 . TYR A 1 50  ? -9.73270  9.97925   -7.46598  1.000 63.52319  ? 206 TYR A CE1 1 
ATOM   323  C CE2 . TYR A 1 50  ? -7.99868  10.62003  -5.92436  1.000 66.60944  ? 206 TYR A CE2 1 
ATOM   324  C CZ  . TYR A 1 50  ? -9.31304  10.27834  -6.17342  1.000 71.63903  ? 206 TYR A CZ  1 
ATOM   325  O OH  . TYR A 1 50  ? -10.19487 10.23660  -5.11231  1.000 80.29431  ? 206 TYR A OH  1 
ATOM   326  N N   . TYR A 1 51  ? -5.23514  9.77461   -12.34357 1.000 36.85207  ? 207 TYR A N   1 
ATOM   327  C CA  . TYR A 1 51  ? -4.21395  10.21207  -13.28559 1.000 35.00326  ? 207 TYR A CA  1 
ATOM   328  C C   . TYR A 1 51  ? -4.26261  9.44524   -14.59184 1.000 33.64128  ? 207 TYR A C   1 
ATOM   329  O O   . TYR A 1 51  ? -3.45393  9.72344   -15.48728 1.000 31.52291  ? 207 TYR A O   1 
ATOM   330  C CB  . TYR A 1 51  ? -2.81908  10.11658  -12.63536 1.000 33.94466  ? 207 TYR A CB  1 
ATOM   331  C CG  . TYR A 1 51  ? -2.73326  10.96140  -11.37149 1.000 31.12998  ? 207 TYR A CG  1 
ATOM   332  C CD1 . TYR A 1 51  ? -2.50427  12.33052  -11.44012 1.000 28.26524  ? 207 TYR A CD1 1 
ATOM   333  C CD2 . TYR A 1 51  ? -2.92890  10.39776  -10.11486 1.000 30.93908  ? 207 TYR A CD2 1 
ATOM   334  C CE1 . TYR A 1 51  ? -2.45234  13.10772  -10.29173 1.000 26.96165  ? 207 TYR A CE1 1 
ATOM   335  C CE2 . TYR A 1 51  ? -2.87037  11.16917  -8.96484  1.000 31.27563  ? 207 TYR A CE2 1 
ATOM   336  C CZ  . TYR A 1 51  ? -2.63486  12.52594  -9.06259  1.000 29.71523  ? 207 TYR A CZ  1 
ATOM   337  O OH  . TYR A 1 51  ? -2.57045  13.28936  -7.91776  1.000 36.85622  ? 207 TYR A OH  1 
ATOM   338  N N   . SER A 1 52  ? -5.21033  8.50748   -14.71622 1.000 38.81267  ? 208 SER A N   1 
ATOM   339  C CA  . SER A 1 52  ? -5.42976  7.66281   -15.89995 1.000 41.86005  ? 208 SER A CA  1 
ATOM   340  C C   . SER A 1 52  ? -4.13092  7.03051   -16.40890 1.000 42.29492  ? 208 SER A C   1 
ATOM   341  O O   . SER A 1 52  ? -3.97484  6.77043   -17.60697 1.000 42.85639  ? 208 SER A O   1 
ATOM   342  C CB  . SER A 1 52  ? -6.15367  8.43266   -17.01929 1.000 43.93252  ? 208 SER A CB  1 
ATOM   343  O OG  . SER A 1 52  ? -6.95806  7.55423   -17.81383 1.000 37.97457  ? 208 SER A OG  1 
ATOM   344  N N   . ILE A 1 53  ? -3.18581  6.78016   -15.50422 1.000 39.10073  ? 209 ILE A N   1 
ATOM   345  C CA  . ILE A 1 53  ? -2.00996  5.97834   -15.82096 1.000 30.95093  ? 209 ILE A CA  1 
ATOM   346  C C   . ILE A 1 53  ? -2.41539  4.52193   -15.67055 1.000 30.18774  ? 209 ILE A C   1 
ATOM   347  O O   . ILE A 1 53  ? -2.74194  4.06502   -14.57168 1.000 32.78757  ? 209 ILE A O   1 
ATOM   348  C CB  . ILE A 1 53  ? -0.82200  6.32909   -14.92285 1.000 32.88661  ? 209 ILE A CB  1 
ATOM   349  C CG1 . ILE A 1 53  ? -0.33417  7.74328   -15.25566 1.000 35.27638  ? 209 ILE A CG1 1 
ATOM   350  C CG2 . ILE A 1 53  ? 0.30991   5.31831   -15.10360 1.000 21.39179  ? 209 ILE A CG2 1 
ATOM   351  C CD1 . ILE A 1 53  ? 0.88907   8.16876   -14.47090 1.000 29.24839  ? 209 ILE A CD1 1 
ATOM   352  N N   . TYR A 1 54  ? -2.44836  3.80577   -16.78318 1.000 29.35724  ? 210 TYR A N   1 
ATOM   353  C CA  . TYR A 1 54  ? -2.86153  2.41279   -16.79017 1.000 32.61095  ? 210 TYR A CA  1 
ATOM   354  C C   . TYR A 1 54  ? -1.71334  1.45368   -17.07700 1.000 26.75925  ? 210 TYR A C   1 
ATOM   355  O O   . TYR A 1 54  ? -1.89934  0.24412   -16.94188 1.000 28.57581  ? 210 TYR A O   1 
ATOM   356  C CB  . TYR A 1 54  ? -3.99516  2.20596   -17.81849 1.000 35.16401  ? 210 TYR A CB  1 
ATOM   357  C CG  . TYR A 1 54  ? -5.38196  2.22400   -17.19751 1.000 38.36723  ? 210 TYR A CG  1 
ATOM   358  C CD1 . TYR A 1 54  ? -6.02127  3.43623   -16.88054 1.000 35.18659  ? 210 TYR A CD1 1 
ATOM   359  C CD2 . TYR A 1 54  ? -6.05633  1.02245   -16.91596 1.000 39.76490  ? 210 TYR A CD2 1 
ATOM   360  C CE1 . TYR A 1 54  ? -7.30587  3.44567   -16.28596 1.000 34.95144  ? 210 TYR A CE1 1 
ATOM   361  C CE2 . TYR A 1 54  ? -7.33675  1.01546   -16.33525 1.000 35.42951  ? 210 TYR A CE2 1 
ATOM   362  C CZ  . TYR A 1 54  ? -7.96231  2.22750   -16.01874 1.000 37.23983  ? 210 TYR A CZ  1 
ATOM   363  O OH  . TYR A 1 54  ? -9.23029  2.20119   -15.42851 1.000 28.58671  ? 210 TYR A OH  1 
ATOM   364  N N   . GLU A 1 55  ? -0.53863  1.95500   -17.46135 1.000 27.05633  ? 211 GLU A N   1 
ATOM   365  C CA  . GLU A 1 55  ? 0.61215   1.09202   -17.69494 1.000 30.03389  ? 211 GLU A CA  1 
ATOM   366  C C   . GLU A 1 55  ? 1.89322   1.90700   -17.58345 1.000 27.48518  ? 211 GLU A C   1 
ATOM   367  O O   . GLU A 1 55  ? 1.89828   3.12443   -17.78569 1.000 28.45128  ? 211 GLU A O   1 
ATOM   368  C CB  . GLU A 1 55  ? 0.54121   0.39337   -19.06740 1.000 35.34117  ? 211 GLU A CB  1 
ATOM   369  C CG  . GLU A 1 55  ? 0.70773   1.29438   -20.29205 1.000 38.67985  ? 211 GLU A CG  1 
ATOM   370  C CD  . GLU A 1 55  ? 0.41412   0.55552   -21.61914 1.000 45.96568  ? 211 GLU A CD  1 
ATOM   371  O OE1 . GLU A 1 55  ? 1.08399   -0.45198  -21.92598 1.000 43.45739  ? 211 GLU A OE1 1 
ATOM   372  O OE2 . GLU A 1 55  ? -0.51485  0.96821   -22.34912 1.000 55.44993  ? 211 GLU A OE2 1 
ATOM   373  N N   . LEU A 1 56  ? 2.97200   1.21269   -17.25386 1.000 22.53913  ? 212 LEU A N   1 
ATOM   374  C CA  . LEU A 1 56  ? 4.31087   1.77020   -17.20767 1.000 29.78934  ? 212 LEU A CA  1 
ATOM   375  C C   . LEU A 1 56  ? 5.24504   0.72761   -17.79369 1.000 31.11447  ? 212 LEU A C   1 
ATOM   376  O O   . LEU A 1 56  ? 5.04000   -0.47314  -17.58108 1.000 29.21208  ? 212 LEU A O   1 
ATOM   377  C CB  . LEU A 1 56  ? 4.72736   2.14381   -15.77119 1.000 22.62569  ? 212 LEU A CB  1 
ATOM   378  C CG  . LEU A 1 56  ? 3.97074   3.32574   -15.13972 1.000 20.98735  ? 212 LEU A CG  1 
ATOM   379  C CD1 . LEU A 1 56  ? 4.45433   3.64422   -13.72430 1.000 19.93053  ? 212 LEU A CD1 1 
ATOM   380  C CD2 . LEU A 1 56  ? 4.12850   4.54342   -16.02998 1.000 25.01844  ? 212 LEU A CD2 1 
ATOM   381  N N   . LYS A 1 57  ? 6.24614   1.18416   -18.55514 1.000 30.35164  ? 213 LYS A N   1 
ATOM   382  C CA  . LYS A 1 57  ? 7.20378   0.28265   -19.20551 1.000 35.01919  ? 213 LYS A CA  1 
ATOM   383  C C   . LYS A 1 57  ? 6.48210   -0.77970  -20.04897 1.000 28.88924  ? 213 LYS A C   1 
ATOM   384  O O   . LYS A 1 57  ? 6.85463   -1.95487  -20.07544 1.000 30.76335  ? 213 LYS A O   1 
ATOM   385  C CB  . LYS A 1 57  ? 8.12659   -0.38110  -18.17442 1.000 32.42130  ? 213 LYS A CB  1 
ATOM   386  C CG  . LYS A 1 57  ? 8.93135   0.56821   -17.24449 1.000 37.64835  ? 213 LYS A CG  1 
ATOM   387  C CD  . LYS A 1 57  ? 9.86796   1.49246   -18.01884 1.000 39.81968  ? 213 LYS A CD  1 
ATOM   388  C CE  . LYS A 1 57  ? 11.14208  0.78054   -18.48301 1.000 39.53369  ? 213 LYS A CE  1 
ATOM   389  N NZ  . LYS A 1 57  ? 12.17337  0.71390   -17.41257 1.000 46.42065  ? 213 LYS A NZ  1 
ATOM   390  N N   . GLY A 1 58  ? 5.41762   -0.37210  -20.72467 1.000 28.26178  ? 214 GLY A N   1 
ATOM   391  C CA  . GLY A 1 58  ? 4.67713   -1.29376  -21.56950 1.000 28.76053  ? 214 GLY A CA  1 
ATOM   392  C C   . GLY A 1 58  ? 3.86930   -2.35299  -20.85253 1.000 33.39063  ? 214 GLY A C   1 
ATOM   393  O O   . GLY A 1 58  ? 3.33658   -3.25758  -21.50714 1.000 31.34782  ? 214 GLY A O   1 
ATOM   394  N N   . THR A 1 59  ? 3.72714   -2.26685  -19.53632 1.000 31.34357  ? 215 THR A N   1 
ATOM   395  C CA  . THR A 1 59  ? 3.06101   -3.34406  -18.83257 1.000 29.88210  ? 215 THR A CA  1 
ATOM   396  C C   . THR A 1 59  ? 2.00705   -2.79905  -17.88453 1.000 30.27493  ? 215 THR A C   1 
ATOM   397  O O   . THR A 1 59  ? 2.12717   -1.66812  -17.40428 1.000 25.74191  ? 215 THR A O   1 
ATOM   398  C CB  . THR A 1 59  ? 4.08291   -4.18645  -18.05664 1.000 34.70429  ? 215 THR A CB  1 
ATOM   399  O OG1 . THR A 1 59  ? 3.49810   -5.45476  -17.73544 1.000 41.67476  ? 215 THR A OG1 1 
ATOM   400  C CG2 . THR A 1 59  ? 4.52161   -3.48091  -16.77777 1.000 27.47872  ? 215 THR A CG2 1 
ATOM   401  N N   . PRO A 1 60  ? 0.94052   -3.56866  -17.61854 1.000 33.06722  ? 216 PRO A N   1 
ATOM   402  C CA  . PRO A 1 60  ? -0.08031  -3.12219  -16.65751 1.000 29.12286  ? 216 PRO A CA  1 
ATOM   403  C C   . PRO A 1 60  ? 0.52053   -2.86868  -15.28377 1.000 25.35610  ? 216 PRO A C   1 
ATOM   404  O O   . PRO A 1 60  ? 1.54251   -3.44570  -14.91536 1.000 22.33822  ? 216 PRO A O   1 
ATOM   405  C CB  . PRO A 1 60  ? -1.07514  -4.29404  -16.61858 1.000 35.46303  ? 216 PRO A CB  1 
ATOM   406  C CG  . PRO A 1 60  ? -0.34674  -5.45678  -17.28735 1.000 34.11027  ? 216 PRO A CG  1 
ATOM   407  C CD  . PRO A 1 60  ? 0.55497   -4.83215  -18.28198 1.000 32.02767  ? 216 PRO A CD  1 
ATOM   408  N N   . LEU A 1 61  ? -0.13810  -1.99554  -14.51782 1.000 24.67654  ? 217 LEU A N   1 
ATOM   409  C CA  . LEU A 1 61  ? 0.43936   -1.55900  -13.25023 1.000 25.41110  ? 217 LEU A CA  1 
ATOM   410  C C   . LEU A 1 61  ? 0.64483   -2.73518  -12.29649 1.000 23.87542  ? 217 LEU A C   1 
ATOM   411  O O   . LEU A 1 61  ? 1.68833   -2.83529  -11.63996 1.000 23.35359  ? 217 LEU A O   1 
ATOM   412  C CB  . LEU A 1 61  ? -0.44227  -0.47181  -12.63749 1.000 23.61600  ? 217 LEU A CB  1 
ATOM   413  C CG  . LEU A 1 61  ? -0.34232  0.90368   -13.31864 1.000 24.29219  ? 217 LEU A CG  1 
ATOM   414  C CD1 . LEU A 1 61  ? -1.10175  2.01279   -12.53166 1.000 22.66359  ? 217 LEU A CD1 1 
ATOM   415  C CD2 . LEU A 1 61  ? 1.12198   1.30668   -13.57040 1.000 21.86441  ? 217 LEU A CD2 1 
ATOM   416  N N   . LYS A 1 62  ? -0.31606  -3.66103  -12.25087 1.000 29.33292  ? 218 LYS A N   1 
ATOM   417  C CA  . LYS A 1 62  ? -0.18722  -4.86410  -11.42984 1.000 31.56332  ? 218 LYS A CA  1 
ATOM   418  C C   . LYS A 1 62  ? 1.14245   -5.57134  -11.66417 1.000 28.08899  ? 218 LYS A C   1 
ATOM   419  O O   . LYS A 1 62  ? 1.81043   -5.98709  -10.71047 1.000 32.54011  ? 218 LYS A O   1 
ATOM   420  C CB  . LYS A 1 62  ? -1.35459  -5.81402  -11.71794 1.000 38.40361  ? 218 LYS A CB  1 
ATOM   421  C CG  . LYS A 1 62  ? -1.40328  -7.02277  -10.80311 1.000 39.62217  ? 218 LYS A CG  1 
ATOM   422  C CD  . LYS A 1 62  ? -2.84060  -7.54374  -10.63884 1.000 52.35427  ? 218 LYS A CD  1 
ATOM   423  C CE  . LYS A 1 62  ? -3.29865  -7.49452  -9.16593  1.000 58.65274  ? 218 LYS A CE  1 
ATOM   424  N NZ  . LYS A 1 62  ? -4.75104  -7.83965  -8.97374  1.000 60.29751  ? 218 LYS A NZ  1 
ATOM   425  N N   . SER A 1 63  ? 1.55361   -5.70217  -12.92849 1.000 28.09645  ? 219 SER A N   1 
ATOM   426  C CA  . SER A 1 63  ? 2.84332   -6.31661  -13.22463 1.000 26.15296  ? 219 SER A CA  1 
ATOM   427  C C   . SER A 1 63  ? 3.99145   -5.38881  -12.85590 1.000 29.02942  ? 219 SER A C   1 
ATOM   428  O O   . SER A 1 63  ? 5.03123   -5.84296  -12.36516 1.000 28.75546  ? 219 SER A O   1 
ATOM   429  C CB  . SER A 1 63  ? 2.94058   -6.67837  -14.70985 1.000 30.31806  ? 219 SER A CB  1 
ATOM   430  O OG  . SER A 1 63  ? 1.78241   -7.35005  -15.15481 1.000 40.14968  ? 219 SER A OG  1 
ATOM   431  N N   . PHE A 1 64  ? 3.83258   -4.08540  -13.10586 1.000 26.62060  ? 220 PHE A N   1 
ATOM   432  C CA  . PHE A 1 64  ? 4.90999   -3.14680  -12.79696 1.000 24.72483  ? 220 PHE A CA  1 
ATOM   433  C C   . PHE A 1 64  ? 5.25562   -3.17097  -11.31395 1.000 24.99311  ? 220 PHE A C   1 
ATOM   434  O O   . PHE A 1 64  ? 6.43294   -3.13874  -10.93696 1.000 25.26741  ? 220 PHE A O   1 
ATOM   435  C CB  . PHE A 1 64  ? 4.51736   -1.72937  -13.23036 1.000 24.47361  ? 220 PHE A CB  1 
ATOM   436  C CG  . PHE A 1 64  ? 5.50059   -0.68368  -12.80927 1.000 22.84819  ? 220 PHE A CG  1 
ATOM   437  C CD1 . PHE A 1 64  ? 6.61074   -0.40371  -13.60236 1.000 22.16755  ? 220 PHE A CD1 1 
ATOM   438  C CD2 . PHE A 1 64  ? 5.34366   -0.00803  -11.60486 1.000 19.45360  ? 220 PHE A CD2 1 
ATOM   439  C CE1 . PHE A 1 64  ? 7.53780   0.56082   -13.22222 1.000 19.55800  ? 220 PHE A CE1 1 
ATOM   440  C CE2 . PHE A 1 64  ? 6.26645   0.96196   -11.20369 1.000 24.99253  ? 220 PHE A CE2 1 
ATOM   441  C CZ  . PHE A 1 64  ? 7.36777   1.25139   -12.01369 1.000 24.00929  ? 220 PHE A CZ  1 
ATOM   442  N N   . PHE A 1 65  ? 4.25050   -3.21082  -10.45626 1.000 25.65633  ? 221 PHE A N   1 
ATOM   443  C CA  . PHE A 1 65  ? 4.51438   -3.14085  -9.02662  1.000 25.38191  ? 221 PHE A CA  1 
ATOM   444  C C   . PHE A 1 65  ? 4.90136   -4.47987  -8.41924  1.000 30.90790  ? 221 PHE A C   1 
ATOM   445  O O   . PHE A 1 65  ? 5.03569   -4.56499  -7.19108  1.000 26.40209  ? 221 PHE A O   1 
ATOM   446  C CB  . PHE A 1 65  ? 3.30506   -2.56026  -8.30003  1.000 20.67563  ? 221 PHE A CB  1 
ATOM   447  C CG  . PHE A 1 65  ? 3.17583   -1.07241  -8.47074  1.000 24.11869  ? 221 PHE A CG  1 
ATOM   448  C CD1 . PHE A 1 65  ? 4.16852   -0.22704  -7.99674  1.000 21.01762  ? 221 PHE A CD1 1 
ATOM   449  C CD2 . PHE A 1 65  ? 2.09551   -0.52382  -9.14208  1.000 23.27125  ? 221 PHE A CD2 1 
ATOM   450  C CE1 . PHE A 1 65  ? 4.08728   1.12828   -8.15568  1.000 20.38660  ? 221 PHE A CE1 1 
ATOM   451  C CE2 . PHE A 1 65  ? 1.99876   0.84978   -9.29223  1.000 24.80656  ? 221 PHE A CE2 1 
ATOM   452  C CZ  . PHE A 1 65  ? 3.00372   1.67318   -8.79906  1.000 20.01652  ? 221 PHE A CZ  1 
ATOM   453  N N   . ALA A 1 66  ? 5.09145   -5.52076  -9.23729  1.000 33.88035  ? 222 ALA A N   1 
ATOM   454  C CA  . ALA A 1 66  ? 5.72488   -6.73741  -8.73074  1.000 34.07517  ? 222 ALA A CA  1 
ATOM   455  C C   . ALA A 1 66  ? 7.23794   -6.58378  -8.65200  1.000 35.76062  ? 222 ALA A C   1 
ATOM   456  O O   . ALA A 1 66  ? 7.87474   -7.19266  -7.78893  1.000 43.27242  ? 222 ALA A O   1 
ATOM   457  C CB  . ALA A 1 66  ? 5.36196   -7.94318  -9.60514  1.000 32.84384  ? 222 ALA A CB  1 
ATOM   458  N N   . THR A 1 67  ? 7.83288   -5.76690  -9.52241  1.000 34.84834  ? 223 THR A N   1 
ATOM   459  C CA  . THR A 1 67  ? 9.27586   -5.58439  -9.53228  1.000 36.14755  ? 223 THR A CA  1 
ATOM   460  C C   . THR A 1 67  ? 9.70676   -4.22876  -9.00684  1.000 35.54749  ? 223 THR A C   1 
ATOM   461  O O   . THR A 1 67  ? 10.89430  -4.04578  -8.70800  1.000 35.15478  ? 223 THR A O   1 
ATOM   462  C CB  . THR A 1 67  ? 9.83327   -5.79109  -10.94722 1.000 33.56223  ? 223 THR A CB  1 
ATOM   463  O OG1 . THR A 1 67  ? 8.91408   -5.24807  -11.89981 1.000 42.35008  ? 223 THR A OG1 1 
ATOM   464  C CG2 . THR A 1 67  ? 10.01474  -7.26902  -11.23057 1.000 36.86318  ? 223 THR A CG2 1 
ATOM   465  N N   . THR A 1 68  ? 8.77853   -3.28807  -8.86865  1.000 31.20528  ? 224 THR A N   1 
ATOM   466  C CA  . THR A 1 68  ? 9.02884   -2.00864  -8.22318  1.000 27.42869  ? 224 THR A CA  1 
ATOM   467  C C   . THR A 1 68  ? 8.09125   -1.91943  -7.03508  1.000 25.04007  ? 224 THR A C   1 
ATOM   468  O O   . THR A 1 68  ? 6.87958   -2.08970  -7.19929  1.000 24.97419  ? 224 THR A O   1 
ATOM   469  C CB  . THR A 1 68  ? 8.78986   -0.83137  -9.19184  1.000 21.82025  ? 224 THR A CB  1 
ATOM   470  O OG1 . THR A 1 68  ? 9.72763   -0.90321  -10.26143 1.000 26.73963  ? 224 THR A OG1 1 
ATOM   471  C CG2 . THR A 1 68  ? 8.97278   0.50820   -8.49759  1.000 22.16048  ? 224 THR A CG2 1 
ATOM   472  N N   . HIS A 1 69  ? 8.63692   -1.64257  -5.85186  1.000 25.90447  ? 225 HIS A N   1 
ATOM   473  C CA  . HIS A 1 69  ? 7.78739   -1.56011  -4.67339  1.000 29.93301  ? 225 HIS A CA  1 
ATOM   474  C C   . HIS A 1 69  ? 6.92370   -0.31017  -4.71780  1.000 26.30361  ? 225 HIS A C   1 
ATOM   475  O O   . HIS A 1 69  ? 7.35608   0.75313   -5.17519  1.000 23.34971  ? 225 HIS A O   1 
ATOM   476  C CB  . HIS A 1 69  ? 8.59421   -1.54378  -3.38120  1.000 32.82399  ? 225 HIS A CB  1 
ATOM   477  C CG  . HIS A 1 69  ? 7.74284   -1.75832  -2.16901  1.000 35.19658  ? 225 HIS A CG  1 
ATOM   478  N ND1 . HIS A 1 69  ? 7.42441   -0.74263  -1.29513  1.000 31.16122  ? 225 HIS A ND1 1 
ATOM   479  C CD2 . HIS A 1 69  ? 7.13920   -2.87377  -1.68955  1.000 43.87265  ? 225 HIS A CD2 1 
ATOM   480  C CE1 . HIS A 1 69  ? 6.65014   -1.21957  -0.33534  1.000 37.66681  ? 225 HIS A CE1 1 
ATOM   481  N NE2 . HIS A 1 69  ? 6.46788   -2.51099  -0.54805  1.000 44.28322  ? 225 HIS A NE2 1 
ATOM   482  N N   . TYR A 1 70  ? 5.69392   -0.44385  -4.21006  1.000 20.38337  ? 226 TYR A N   1 
ATOM   483  C CA  . TYR A 1 70  ? 4.72324   0.63264   -4.34106  1.000 24.32768  ? 226 TYR A CA  1 
ATOM   484  C C   . TYR A 1 70  ? 5.14058   1.88877   -3.57770  1.000 28.12332  ? 226 TYR A C   1 
ATOM   485  O O   . TYR A 1 70  ? 4.67977   2.98407   -3.92717  1.000 22.30340  ? 226 TYR A O   1 
ATOM   486  C CB  . TYR A 1 70  ? 3.32819   0.13999   -3.92286  1.000 24.59289  ? 226 TYR A CB  1 
ATOM   487  C CG  . TYR A 1 70  ? 3.03329   0.07551   -2.43705  1.000 29.54577  ? 226 TYR A CG  1 
ATOM   488  C CD1 . TYR A 1 70  ? 3.28984   -1.08339  -1.70736  1.000 32.74734  ? 226 TYR A CD1 1 
ATOM   489  C CD2 . TYR A 1 70  ? 2.45740   1.15894   -1.76847  1.000 30.06071  ? 226 TYR A CD2 1 
ATOM   490  C CE1 . TYR A 1 70  ? 3.01091   -1.15906  -0.33645  1.000 32.25074  ? 226 TYR A CE1 1 
ATOM   491  C CE2 . TYR A 1 70  ? 2.16880   1.09741   -0.39959  1.000 27.01030  ? 226 TYR A CE2 1 
ATOM   492  C CZ  . TYR A 1 70  ? 2.44812   -0.06826  0.30761   1.000 33.53826  ? 226 TYR A CZ  1 
ATOM   493  O OH  . TYR A 1 70  ? 2.17358   -0.14854  1.66475   1.000 40.63188  ? 226 TYR A OH  1 
ATOM   494  N N   . THR A 1 71  ? 6.03643   1.77054   -2.58651  1.000 22.84074  ? 227 THR A N   1 
ATOM   495  C CA  . THR A 1 71  ? 6.55734   2.93224   -1.87643  1.000 26.86439  ? 227 THR A CA  1 
ATOM   496  C C   . THR A 1 71  ? 7.83015   3.51497   -2.49816  1.000 20.72161  ? 227 THR A C   1 
ATOM   497  O O   . THR A 1 71  ? 8.33085   4.51955   -1.99033  1.000 27.96091  ? 227 THR A O   1 
ATOM   498  C CB  . THR A 1 71  ? 6.83249   2.58728   -0.40063  1.000 23.87831  ? 227 THR A CB  1 
ATOM   499  O OG1 . THR A 1 71  ? 7.88357   1.61878   -0.32444  1.000 20.63427  ? 227 THR A OG1 1 
ATOM   500  C CG2 . THR A 1 71  ? 5.59551   2.02557   0.24161   1.000 30.87834  ? 227 THR A CG2 1 
ATOM   501  N N   . ASP A 1 72  ? 8.36574   2.92950   -3.57286  1.000 23.70157  ? 228 ASP A N   1 
ATOM   502  C CA  . ASP A 1 72  ? 9.64032   3.37882   -4.15014  1.000 24.37197  ? 228 ASP A CA  1 
ATOM   503  C C   . ASP A 1 72  ? 9.42209   4.63658   -5.00298  1.000 23.10161  ? 228 ASP A C   1 
ATOM   504  O O   . ASP A 1 72  ? 9.44667   4.61775   -6.23883  1.000 24.61687  ? 228 ASP A O   1 
ATOM   505  C CB  . ASP A 1 72  ? 10.27668  2.25000   -4.94991  1.000 20.78462  ? 228 ASP A CB  1 
ATOM   506  C CG  . ASP A 1 72  ? 11.74735  2.51950   -5.26502  1.000 31.14882  ? 228 ASP A CG  1 
ATOM   507  O OD1 . ASP A 1 72  ? 12.20010  3.64906   -4.97410  1.000 27.54065  ? 228 ASP A OD1 1 
ATOM   508  O OD2 . ASP A 1 72  ? 12.44220  1.61641   -5.80540  1.000 29.06008  ? 228 ASP A OD2 1 
ATOM   509  N N   . ILE A 1 73  ? 9.22846   5.75809   -4.30443  1.000 21.61157  ? 229 ILE A N   1 
ATOM   510  C CA  . ILE A 1 73  ? 8.85912   7.02010   -4.95473  1.000 20.82601  ? 229 ILE A CA  1 
ATOM   511  C C   . ILE A 1 73  ? 9.87676   7.40643   -6.02013  1.000 23.77210  ? 229 ILE A C   1 
ATOM   512  O O   . ILE A 1 73  ? 9.51480   7.78814   -7.14538  1.000 24.20066  ? 229 ILE A O   1 
ATOM   513  C CB  . ILE A 1 73  ? 8.71658   8.13517   -3.90364  1.000 25.07352  ? 229 ILE A CB  1 
ATOM   514  C CG1 . ILE A 1 73  ? 7.56633   7.82798   -2.94309  1.000 22.62504  ? 229 ILE A CG1 1 
ATOM   515  C CG2 . ILE A 1 73  ? 8.57327   9.50298   -4.57831  1.000 21.54252  ? 229 ILE A CG2 1 
ATOM   516  C CD1 . ILE A 1 73  ? 7.67327   8.57115   -1.63853  1.000 23.52693  ? 229 ILE A CD1 1 
ATOM   517  N N   . SER A 1 74  ? 11.16446  7.35161   -5.67593  1.000 21.43918  ? 230 SER A N   1 
ATOM   518  C CA  . SER A 1 74  ? 12.18161  7.83571   -6.59937  1.000 25.13340  ? 230 SER A CA  1 
ATOM   519  C C   . SER A 1 74  ? 12.17869  7.02352   -7.88687  1.000 24.89964  ? 230 SER A C   1 
ATOM   520  O O   . SER A 1 74  ? 12.28079  7.58233   -8.98403  1.000 25.72640  ? 230 SER A O   1 
ATOM   521  C CB  . SER A 1 74  ? 13.55729  7.80671   -5.92912  1.000 32.04368  ? 230 SER A CB  1 
ATOM   522  O OG  . SER A 1 74  ? 13.94903  6.47679   -5.64190  1.000 39.18745  ? 230 SER A OG  1 
ATOM   523  N N   . ASN A 1 75  ? 12.02456  5.70723   -7.78152  1.000 22.32534  ? 231 ASN A N   1 
ATOM   524  C CA  . ASN A 1 75  ? 11.92262  4.90760   -8.99070  1.000 24.30029  ? 231 ASN A CA  1 
ATOM   525  C C   . ASN A 1 75  ? 10.61818  5.17192   -9.73602  1.000 22.19276  ? 231 ASN A C   1 
ATOM   526  O O   . ASN A 1 75  ? 10.61383  5.27734   -10.96620 1.000 17.43222  ? 231 ASN A O   1 
ATOM   527  C CB  . ASN A 1 75  ? 12.04282  3.42271   -8.66256  1.000 25.53462  ? 231 ASN A CB  1 
ATOM   528  C CG  . ASN A 1 75  ? 12.54312  2.63506   -9.83698  1.000 35.97277  ? 231 ASN A CG  1 
ATOM   529  O OD1 . ASN A 1 75  ? 11.78933  1.89085   -10.48024 1.000 40.84283  ? 231 ASN A OD1 1 
ATOM   530  N ND2 . ASN A 1 75  ? 13.82797  2.80888   -10.15156 1.000 41.82340  ? 231 ASN A ND2 1 
ATOM   531  N N   . ILE A 1 76  ? 9.49659   5.23770   -9.02138  1.000 18.91993  ? 232 ILE A N   1 
ATOM   532  C CA  . ILE A 1 76  ? 8.22518   5.45832   -9.70320  1.000 22.40390  ? 232 ILE A CA  1 
ATOM   533  C C   . ILE A 1 76  ? 8.24757   6.80027   -10.42315 1.000 19.56511  ? 232 ILE A C   1 
ATOM   534  O O   . ILE A 1 76  ? 7.82871   6.91597   -11.58641 1.000 15.21735  ? 232 ILE A O   1 
ATOM   535  C CB  . ILE A 1 76  ? 7.05442   5.37882   -8.71147  1.000 18.28430  ? 232 ILE A CB  1 
ATOM   536  C CG1 . ILE A 1 76  ? 7.00140   4.00229   -8.02968  1.000 20.19401  ? 232 ILE A CG1 1 
ATOM   537  C CG2 . ILE A 1 76  ? 5.72749   5.68066   -9.43053  1.000 19.32959  ? 232 ILE A CG2 1 
ATOM   538  C CD1 . ILE A 1 76  ? 6.15402   4.00465   -6.77250  1.000 16.89325  ? 232 ILE A CD1 1 
ATOM   539  N N   . ALA A 1 77  ? 8.74790   7.83599   -9.74478  1.000 17.23328  ? 233 ALA A N   1 
ATOM   540  C CA  . ALA A 1 77  ? 8.75622   9.17143   -10.33732 1.000 19.96196  ? 233 ALA A CA  1 
ATOM   541  C C   . ALA A 1 77  ? 9.61834   9.21034   -11.59480 1.000 18.68891  ? 233 ALA A C   1 
ATOM   542  O O   . ALA A 1 77  ? 9.22793   9.81404   -12.59698 1.000 14.25326  ? 233 ALA A O   1 
ATOM   543  C CB  . ALA A 1 77  ? 9.23606   10.20949  -9.30885  1.000 14.96306  ? 233 ALA A CB  1 
ATOM   544  N N   . THR A 1 78  ? 10.79019  8.56311   -11.56609 1.000 19.06777  ? 234 THR A N   1 
ATOM   545  C CA  . THR A 1 78  ? 11.68617  8.58917   -12.72586 1.000 19.85078  ? 234 THR A CA  1 
ATOM   546  C C   . THR A 1 78  ? 11.06975  7.86697   -13.91313 1.000 16.62482  ? 234 THR A C   1 
ATOM   547  O O   . THR A 1 78  ? 11.25088  8.28293   -15.06281 1.000 17.37725  ? 234 THR A O   1 
ATOM   548  C CB  . THR A 1 78  ? 13.04401  7.95231   -12.38834 1.000 21.83642  ? 234 THR A CB  1 
ATOM   549  O OG1 . THR A 1 78  ? 13.66605  8.68158   -11.32341 1.000 27.58703  ? 234 THR A OG1 1 
ATOM   550  C CG2 . THR A 1 78  ? 13.98040  7.97805   -13.62268 1.000 17.77120  ? 234 THR A CG2 1 
ATOM   551  N N   . VAL A 1 79  ? 10.37280  6.76141   -13.65866 1.000 16.11495  ? 235 VAL A N   1 
ATOM   552  C CA  . VAL A 1 79  ? 9.78054   5.99223   -14.75148 1.000 17.52458  ? 235 VAL A CA  1 
ATOM   553  C C   . VAL A 1 79  ? 8.65603   6.78616   -15.40494 1.000 15.87873  ? 235 VAL A C   1 
ATOM   554  O O   . VAL A 1 79  ? 8.55880   6.86142   -16.63425 1.000 13.60686  ? 235 VAL A O   1 
ATOM   555  C CB  . VAL A 1 79  ? 9.30606   4.62249   -14.21960 1.000 22.05406  ? 235 VAL A CB  1 
ATOM   556  C CG1 . VAL A 1 79  ? 8.40042   3.90071   -15.21331 1.000 19.33003  ? 235 VAL A CG1 1 
ATOM   557  C CG2 . VAL A 1 79  ? 10.54335  3.72875   -13.87108 1.000 25.43657  ? 235 VAL A CG2 1 
ATOM   558  N N   . ILE A 1 80  ? 7.82223   7.43507   -14.59567 1.000 15.04870  ? 236 ILE A N   1 
ATOM   559  C CA  . ILE A 1 80  ? 6.75023   8.25147   -15.15252 1.000 19.26392  ? 236 ILE A CA  1 
ATOM   560  C C   . ILE A 1 80  ? 7.32239   9.44041   -15.91705 1.000 16.59040  ? 236 ILE A C   1 
ATOM   561  O O   . ILE A 1 80  ? 6.89966   9.73548   -17.03663 1.000 16.74606  ? 236 ILE A O   1 
ATOM   562  C CB  . ILE A 1 80  ? 5.79436   8.69536   -14.03197 1.000 14.92030  ? 236 ILE A CB  1 
ATOM   563  C CG1 . ILE A 1 80  ? 5.13090   7.46171   -13.41656 1.000 17.12403  ? 236 ILE A CG1 1 
ATOM   564  C CG2 . ILE A 1 80  ? 4.75962   9.72828   -14.58230 1.000 15.72369  ? 236 ILE A CG2 1 
ATOM   565  C CD1 . ILE A 1 80  ? 4.23924   7.77385   -12.18337 1.000 16.48586  ? 236 ILE A CD1 1 
ATOM   566  N N   . ASP A 1 81  ? 8.31811   10.11224  -15.34927 1.000 13.59354  ? 237 ASP A N   1 
ATOM   567  C CA  . ASP A 1 81  ? 8.90485   11.25655  -16.03374 1.000 21.06554  ? 237 ASP A CA  1 
ATOM   568  C C   . ASP A 1 81  ? 9.55461   10.84587  -17.34927 1.000 23.18840  ? 237 ASP A C   1 
ATOM   569  O O   . ASP A 1 81  ? 9.38014   11.51378  -18.37867 1.000 20.17968  ? 237 ASP A O   1 
ATOM   570  C CB  . ASP A 1 81  ? 9.92413   11.93478  -15.12446 1.000 19.85993  ? 237 ASP A CB  1 
ATOM   571  C CG  . ASP A 1 81  ? 10.68583  13.03579  -15.82951 1.000 26.86499  ? 237 ASP A CG  1 
ATOM   572  O OD1 . ASP A 1 81  ? 10.09694  14.14156  -16.00463 1.000 27.76733  ? 237 ASP A OD1 1 
ATOM   573  O OD2 . ASP A 1 81  ? 11.86770  12.80092  -16.19923 1.000 29.17005  ? 237 ASP A OD2 1 
ATOM   574  N N   . THR A 1 82  ? 10.30268  9.74181   -17.33615 1.000 18.92788  ? 238 THR A N   1 
ATOM   575  C CA  . THR A 1 82  ? 10.91507  9.26302   -18.56210 1.000 21.27249  ? 238 THR A CA  1 
ATOM   576  C C   . THR A 1 82  ? 9.85578   8.87419   -19.57964 1.000 22.98891  ? 238 THR A C   1 
ATOM   577  O O   . THR A 1 82  ? 9.98845   9.17707   -20.77054 1.000 22.23074  ? 238 THR A O   1 
ATOM   578  C CB  . THR A 1 82  ? 11.82413  8.08733   -18.24098 1.000 20.28408  ? 238 THR A CB  1 
ATOM   579  O OG1 . THR A 1 82  ? 12.96249  8.59307   -17.54963 1.000 21.95768  ? 238 THR A OG1 1 
ATOM   580  C CG2 . THR A 1 82  ? 12.27490  7.39049   -19.50861 1.000 23.40015  ? 238 THR A CG2 1 
ATOM   581  N N   . GLU A 1 83  ? 8.77437   8.23958   -19.12456 1.000 17.56330  ? 239 GLU A N   1 
ATOM   582  C CA  . GLU A 1 83  ? 7.75735   7.79973   -20.07520 1.000 25.56177  ? 239 GLU A CA  1 
ATOM   583  C C   . GLU A 1 83  ? 7.00965   8.98183   -20.70035 1.000 23.42975  ? 239 GLU A C   1 
ATOM   584  O O   . GLU A 1 83  ? 6.68503   8.94443   -21.89150 1.000 26.89347  ? 239 GLU A O   1 
ATOM   585  C CB  . GLU A 1 83  ? 6.78731   6.83506   -19.39584 1.000 19.73692  ? 239 GLU A CB  1 
ATOM   586  C CG  . GLU A 1 83  ? 5.90241   6.08397   -20.39017 1.000 30.64068  ? 239 GLU A CG  1 
ATOM   587  C CD  . GLU A 1 83  ? 5.64318   4.63519   -19.98224 1.000 40.89025  ? 239 GLU A CD  1 
ATOM   588  O OE1 . GLU A 1 83  ? 6.56993   3.94694   -19.43821 1.000 31.53237  ? 239 GLU A OE1 1 
ATOM   589  O OE2 . GLU A 1 83  ? 4.47861   4.20641   -20.19053 1.000 39.01695  ? 239 GLU A OE2 1 
ATOM   590  N N   . LEU A 1 84  ? 6.72312   10.03461  -19.92023 1.000 20.45063  ? 240 LEU A N   1 
ATOM   591  C CA  . LEU A 1 84  ? 6.16912   11.27768  -20.48404 1.000 26.17809  ? 240 LEU A CA  1 
ATOM   592  C C   . LEU A 1 84  ? 7.04761   11.83572  -21.59942 1.000 26.86471  ? 240 LEU A C   1 
ATOM   593  O O   . LEU A 1 84  ? 6.56239   12.19109  -22.67838 1.000 22.59508  ? 240 LEU A O   1 
ATOM   594  C CB  . LEU A 1 84  ? 6.02175   12.34331  -19.39509 1.000 25.99634  ? 240 LEU A CB  1 
ATOM   595  C CG  . LEU A 1 84  ? 4.65261   12.72927  -18.84435 1.000 31.24431  ? 240 LEU A CG  1 
ATOM   596  C CD1 . LEU A 1 84  ? 4.80905   13.85793  -17.84500 1.000 25.18394  ? 240 LEU A CD1 1 
ATOM   597  C CD2 . LEU A 1 84  ? 3.74102   13.14442  -19.96430 1.000 30.38892  ? 240 LEU A CD2 1 
ATOM   598  N N   . ASN A 1 85  ? 8.34490   11.94464  -21.34280 1.000 24.78242  ? 241 ASN A N   1 
ATOM   599  C CA  . ASN A 1 85  ? 9.24446   12.54620  -22.31756 1.000 24.55414  ? 241 ASN A CA  1 
ATOM   600  C C   . ASN A 1 85  ? 9.32439   11.72493  -23.59459 1.000 26.55509  ? 241 ASN A C   1 
ATOM   601  O O   . ASN A 1 85  ? 9.32817   12.27956  -24.69664 1.000 29.19792  ? 241 ASN A O   1 
ATOM   602  C CB  . ASN A 1 85  ? 10.62701  12.71187  -21.69322 1.000 23.65961  ? 241 ASN A CB  1 
ATOM   603  C CG  . ASN A 1 85  ? 10.64455  13.80348  -20.65954 1.000 28.29377  ? 241 ASN A CG  1 
ATOM   604  O OD1 . ASN A 1 85  ? 9.80982   14.70541  -20.70067 1.000 34.54751  ? 241 ASN A OD1 1 
ATOM   605  N ND2 . ASN A 1 85  ? 11.57991  13.73612  -19.72788 1.000 28.95740  ? 241 ASN A ND2 1 
ATOM   606  N N   . THR A 1 86  ? 9.40142   10.40139  -23.47604 1.000 30.44813  ? 242 THR A N   1 
ATOM   607  C CA  . THR A 1 86  ? 9.57040   9.60015   -24.68366 1.000 30.70706  ? 242 THR A CA  1 
ATOM   608  C C   . THR A 1 86  ? 8.26175   9.43535   -25.44930 1.000 32.47114  ? 242 THR A C   1 
ATOM   609  O O   . THR A 1 86  ? 8.28435   9.27896   -26.67778 1.000 33.33360  ? 242 THR A O   1 
ATOM   610  C CB  . THR A 1 86  ? 10.17495  8.24095   -24.33349 1.000 29.90009  ? 242 THR A CB  1 
ATOM   611  O OG1 . THR A 1 86  ? 9.35727   7.61493   -23.35429 1.000 33.50028  ? 242 THR A OG1 1 
ATOM   612  C CG2 . THR A 1 86  ? 11.56783  8.41210   -23.75716 1.000 33.50250  ? 242 THR A CG2 1 
ATOM   613  N N   . SER A 1 87  ? 7.11941   9.51720   -24.76300 1.000 32.10424  ? 243 SER A N   1 
ATOM   614  C CA  . SER A 1 87  ? 5.82024   9.35705   -25.40831 1.000 36.23544  ? 243 SER A CA  1 
ATOM   615  C C   . SER A 1 87  ? 5.13300   10.66535  -25.78921 1.000 31.77657  ? 243 SER A C   1 
ATOM   616  O O   . SER A 1 87  ? 4.09140   10.62550  -26.45108 1.000 33.77108  ? 243 SER A O   1 
ATOM   617  C CB  . SER A 1 87  ? 4.86805   8.56422   -24.49783 1.000 36.37539  ? 243 SER A CB  1 
ATOM   618  O OG  . SER A 1 87  ? 5.29006   7.22017   -24.39188 1.000 38.56664  ? 243 SER A OG  1 
ATOM   619  N N   . CYS A 1 88  ? 5.63887   11.81733  -25.37342 1.000 30.66132  ? 244 CYS A N   1 
ATOM   620  C CA  . CYS A 1 88  ? 4.79528   12.99823  -25.52589 1.000 35.57899  ? 244 CYS A CA  1 
ATOM   621  C C   . CYS A 1 88  ? 5.57083   14.20874  -26.02989 1.000 36.25257  ? 244 CYS A C   1 
ATOM   622  O O   . CYS A 1 88  ? 5.17718   15.35107  -25.76822 1.000 33.57499  ? 244 CYS A O   1 
ATOM   623  C CB  . CYS A 1 88  ? 4.08937   13.34175  -24.20785 1.000 33.24706  ? 244 CYS A CB  1 
ATOM   624  S SG  . CYS A 1 88  ? 3.12407   11.95052  -23.48841 1.000 46.83596  ? 244 CYS A SG  1 
ATOM   625  N N   . GLY A 1 89  ? 6.66990   13.98057  -26.74260 1.000 36.59051  ? 245 GLY A N   1 
ATOM   626  C CA  . GLY A 1 89  ? 7.40400   15.05632  -27.37008 1.000 40.15025  ? 245 GLY A CA  1 
ATOM   627  C C   . GLY A 1 89  ? 6.77313   15.49898  -28.68308 1.000 40.34113  ? 245 GLY A C   1 
ATOM   628  O O   . GLY A 1 89  ? 5.72612   15.01680  -29.12069 1.000 34.91424  ? 245 GLY A O   1 
ATOM   629  N N   . LEU A 1 90  ? 7.44398   16.44466  -29.33417 1.000 40.39503  ? 246 LEU A N   1 
ATOM   630  C CA  . LEU A 1 90  ? 6.88088   16.97528  -30.56792 1.000 43.96587  ? 246 LEU A CA  1 
ATOM   631  C C   . LEU A 1 90  ? 6.93408   15.96149  -31.70524 1.000 41.95962  ? 246 LEU A C   1 
ATOM   632  O O   . LEU A 1 90  ? 6.11692   16.03535  -32.63121 1.000 42.10464  ? 246 LEU A O   1 
ATOM   633  C CB  . LEU A 1 90  ? 7.59424   18.27350  -30.93990 1.000 42.37134  ? 246 LEU A CB  1 
ATOM   634  C CG  . LEU A 1 90  ? 6.61304   19.38444  -31.32955 1.000 47.26633  ? 246 LEU A CG  1 
ATOM   635  C CD1 . LEU A 1 90  ? 5.34519   19.34426  -30.46878 1.000 46.01104  ? 246 LEU A CD1 1 
ATOM   636  C CD2 . LEU A 1 90  ? 7.30634   20.70792  -31.15447 1.000 44.34651  ? 246 LEU A CD2 1 
ATOM   637  N N   . ASN A 1 91  ? 7.84090   14.99402  -31.63847 1.000 42.54864  ? 247 ASN A N   1 
ATOM   638  C CA  . ASN A 1 91  ? 7.90300   13.93085  -32.62968 1.000 43.59309  ? 247 ASN A CA  1 
ATOM   639  C C   . ASN A 1 91  ? 7.01059   12.74660  -32.29533 1.000 49.20242  ? 247 ASN A C   1 
ATOM   640  O O   . ASN A 1 91  ? 6.95869   11.79571  -33.08371 1.000 45.81495  ? 247 ASN A O   1 
ATOM   641  C CB  . ASN A 1 91  ? 9.34367   13.45912  -32.79291 1.000 45.50582  ? 247 ASN A CB  1 
ATOM   642  C CG  . ASN A 1 91  ? 10.11408  14.32594  -33.75741 1.000 54.50547  ? 247 ASN A CG  1 
ATOM   643  O OD1 . ASN A 1 91  ? 11.00711  15.07542  -33.35966 1.000 57.67164  ? 247 ASN A OD1 1 
ATOM   644  N ND2 . ASN A 1 91  ? 9.76119   14.24065  -35.04237 1.000 53.21251  ? 247 ASN A ND2 1 
ATOM   645  N N   . SER A 1 92  ? 6.30130   12.79105  -31.16650 1.000 45.06550  ? 248 SER A N   1 
ATOM   646  C CA  . SER A 1 92  ? 5.47796   11.68604  -30.69845 1.000 46.60066  ? 248 SER A CA  1 
ATOM   647  C C   . SER A 1 92  ? 4.09425   11.72342  -31.33809 1.000 51.49885  ? 248 SER A C   1 
ATOM   648  O O   . SER A 1 92  ? 3.66583   12.71670  -31.92859 1.000 45.46449  ? 248 SER A O   1 
ATOM   649  C CB  . SER A 1 92  ? 5.35145   11.71153  -29.17260 1.000 41.14302  ? 248 SER A CB  1 
ATOM   650  O OG  . SER A 1 92  ? 6.59933   11.44191  -28.53770 1.000 45.47468  ? 248 SER A OG  1 
ATOM   651  N N   . LEU A 1 93  ? 3.37035   10.63727  -31.15085 1.000 58.83424  ? 249 LEU A N   1 
ATOM   652  C CA  . LEU A 1 93  ? 2.20412   10.31872  -31.94460 1.000 68.84510  ? 249 LEU A CA  1 
ATOM   653  C C   . LEU A 1 93  ? 0.94629   10.30286  -31.08157 1.000 78.60596  ? 249 LEU A C   1 
ATOM   654  O O   . LEU A 1 93  ? 0.95414   10.68063  -29.90294 1.000 74.30002  ? 249 LEU A O   1 
ATOM   655  C CB  . LEU A 1 93  ? 2.40772   8.95589   -32.61619 1.000 74.01255  ? 249 LEU A CB  1 
ATOM   656  C CG  . LEU A 1 93  ? 1.87806   8.66215   -34.01754 1.000 71.86428  ? 249 LEU A CG  1 
ATOM   657  C CD1 . LEU A 1 93  ? 2.68720   9.42748   -35.04272 1.000 64.53368  ? 249 LEU A CD1 1 
ATOM   658  C CD2 . LEU A 1 93  ? 1.94002   7.16071   -34.28613 1.000 62.29886  ? 249 LEU A CD2 1 
ATOM   659  N N   . ALA A 1 94  ? -0.15265  9.95349   -31.75305 1.000 103.41400 ? 250 ALA A N   1 
ATOM   660  C CA  . ALA A 1 94  ? -1.24547  9.08471   -31.31231 1.000 99.29771  ? 250 ALA A CA  1 
ATOM   661  C C   . ALA A 1 94  ? -1.90479  9.47461   -29.99736 1.000 89.69656  ? 250 ALA A C   1 
ATOM   662  O O   . ALA A 1 94  ? -2.69272  8.68022   -29.46887 1.000 101.42428 ? 250 ALA A O   1 
ATOM   663  C CB  . ALA A 1 94  ? -0.78134  7.62215   -31.22209 1.000 95.09721  ? 250 ALA A CB  1 
ATOM   664  N N   . ASN A 1 95  ? -1.64019  10.66465  -29.46106 1.000 71.52219  ? 251 ASN A N   1 
ATOM   665  C CA  . ASN A 1 95  ? -2.27782  11.10780  -28.22226 1.000 65.63118  ? 251 ASN A CA  1 
ATOM   666  C C   . ASN A 1 95  ? -2.23607  10.00172  -27.16407 1.000 60.02841  ? 251 ASN A C   1 
ATOM   667  O O   . ASN A 1 95  ? -3.25305  9.42500   -26.78605 1.000 56.50671  ? 251 ASN A O   1 
ATOM   668  C CB  . ASN A 1 95  ? -3.73547  11.51109  -28.46855 1.000 61.53844  ? 251 ASN A CB  1 
ATOM   669  C CG  . ASN A 1 95  ? -3.88921  12.92212  -28.98687 1.000 56.30276  ? 251 ASN A CG  1 
ATOM   670  O OD1 . ASN A 1 95  ? -3.08036  13.81117  -28.69465 1.000 57.98683  ? 251 ASN A OD1 1 
ATOM   671  N ND2 . ASN A 1 95  ? -4.95554  13.14230  -29.75145 1.000 46.35172  ? 251 ASN A ND2 1 
ATOM   672  N N   . GLN A 1 96  ? -1.03159  9.68262   -26.72233 1.000 59.75937  ? 252 GLN A N   1 
ATOM   673  C CA  . GLN A 1 96  ? -0.91152  8.60837   -25.75213 1.000 50.29308  ? 252 GLN A CA  1 
ATOM   674  C C   . GLN A 1 96  ? -1.56051  8.99809   -24.41881 1.000 39.59330  ? 252 GLN A C   1 
ATOM   675  O O   . GLN A 1 96  ? -1.62681  10.17402  -24.05084 1.000 35.78450  ? 252 GLN A O   1 
ATOM   676  C CB  . GLN A 1 96  ? 0.55622   8.23688   -25.59033 1.000 54.90089  ? 252 GLN A CB  1 
ATOM   677  C CG  . GLN A 1 96  ? 0.99270   7.21205   -26.62433 1.000 58.39863  ? 252 GLN A CG  1 
ATOM   678  C CD  . GLN A 1 96  ? 0.71178   5.80141   -26.13481 1.000 64.51806  ? 252 GLN A CD  1 
ATOM   679  O OE1 . GLN A 1 96  ? 1.22679   5.38709   -25.09385 1.000 67.38607  ? 252 GLN A OE1 1 
ATOM   680  N NE2 . GLN A 1 96  ? -0.13200  5.06663   -26.86324 1.000 64.44622  ? 252 GLN A NE2 1 
ATOM   681  N N   . ALA A 1 97  ? -2.06588  7.98798   -23.70125 1.000 36.38312  ? 253 ALA A N   1 
ATOM   682  C CA  . ALA A 1 97  ? -2.85857  8.24562   -22.49831 1.000 34.92347  ? 253 ALA A CA  1 
ATOM   683  C C   . ALA A 1 97  ? -2.06662  8.99241   -21.43699 1.000 33.19140  ? 253 ALA A C   1 
ATOM   684  O O   . ALA A 1 97  ? -2.63070  9.78804   -20.67441 1.000 33.41910  ? 253 ALA A O   1 
ATOM   685  C CB  . ALA A 1 97  ? -3.37680  6.93559   -21.90821 1.000 37.12920  ? 253 ALA A CB  1 
ATOM   686  N N   . ILE A 1 98  ? -0.76404  8.72127   -21.34067 1.000 36.31793  ? 254 ILE A N   1 
ATOM   687  C CA  . ILE A 1 98  ? 0.02601   9.34075   -20.28742 1.000 29.42925  ? 254 ILE A CA  1 
ATOM   688  C C   . ILE A 1 98  ? 0.21443   10.82529  -20.54616 1.000 28.04557  ? 254 ILE A C   1 
ATOM   689  O O   . ILE A 1 98  ? 0.44939   11.58898  -19.60237 1.000 25.26898  ? 254 ILE A O   1 
ATOM   690  C CB  . ILE A 1 98  ? 1.38106   8.62193   -20.14863 1.000 32.11610  ? 254 ILE A CB  1 
ATOM   691  C CG1 . ILE A 1 98  ? 2.03198   8.99619   -18.80627 1.000 27.15124  ? 254 ILE A CG1 1 
ATOM   692  C CG2 . ILE A 1 98  ? 2.26009   8.93162   -21.37754 1.000 29.02484  ? 254 ILE A CG2 1 
ATOM   693  C CD1 . ILE A 1 98  ? 3.28580   8.22517   -18.47797 1.000 34.09826  ? 254 ILE A CD1 1 
ATOM   694  N N   . CYS A 1 99  ? 0.05798   11.26490  -21.79993 1.000 28.07012  ? 255 CYS A N   1 
ATOM   695  C CA  . CYS A 1 99  ? 0.30368   12.66753  -22.11900 1.000 31.58964  ? 255 CYS A CA  1 
ATOM   696  C C   . CYS A 1 99  ? -0.64499  13.59031  -21.36921 1.000 30.24595  ? 255 CYS A C   1 
ATOM   697  O O   . CYS A 1 99  ? -0.28441  14.73223  -21.06203 1.000 33.58186  ? 255 CYS A O   1 
ATOM   698  C CB  . CYS A 1 99  ? 0.20193   12.89123  -23.62893 1.000 36.85304  ? 255 CYS A CB  1 
ATOM   699  S SG  . CYS A 1 99  ? 1.38475   11.89427  -24.57324 1.000 40.68633  ? 255 CYS A SG  1 
ATOM   700  N N   . GLY A 1 100 ? -1.83745  13.10578  -21.02071 1.000 30.23515  ? 256 GLY A N   1 
ATOM   701  C CA  . GLY A 1 100 ? -2.76451  13.92613  -20.25829 1.000 27.92219  ? 256 GLY A CA  1 
ATOM   702  C C   . GLY A 1 100 ? -2.26793  14.29000  -18.87978 1.000 30.58797  ? 256 GLY A C   1 
ATOM   703  O O   . GLY A 1 100 ? -2.76306  15.26210  -18.28932 1.000 29.93894  ? 256 GLY A O   1 
ATOM   704  N N   . LEU A 1 101 ? -1.28327  13.54456  -18.35609 1.000 30.24505  ? 257 LEU A N   1 
ATOM   705  C CA  . LEU A 1 101 ? -0.74020  13.84588  -17.03391 1.000 30.73072  ? 257 LEU A CA  1 
ATOM   706  C C   . LEU A 1 101 ? -0.24249  15.28113  -16.92494 1.000 27.53943  ? 257 LEU A C   1 
ATOM   707  O O   . LEU A 1 101 ? -0.29338  15.87391  -15.83916 1.000 26.94510  ? 257 LEU A O   1 
ATOM   708  C CB  . LEU A 1 101 ? 0.40597   12.89188  -16.70693 1.000 24.01959  ? 257 LEU A CB  1 
ATOM   709  C CG  . LEU A 1 101 ? 0.94028   12.97130  -15.27937 1.000 26.13180  ? 257 LEU A CG  1 
ATOM   710  C CD1 . LEU A 1 101 ? -0.18281  12.82178  -14.24611 1.000 19.57205  ? 257 LEU A CD1 1 
ATOM   711  C CD2 . LEU A 1 101 ? 2.03365   11.89954  -15.04812 1.000 27.16620  ? 257 LEU A CD2 1 
ATOM   712  N N   . ARG A 1 102 ? 0.26308   15.84651  -18.02696 1.000 24.20522  ? 258 ARG A N   1 
ATOM   713  C CA  . ARG A 1 102 ? 0.83234   17.19187  -17.97947 1.000 29.55664  ? 258 ARG A CA  1 
ATOM   714  C C   . ARG A 1 102 ? -0.20698  18.22453  -17.56283 1.000 32.03791  ? 258 ARG A C   1 
ATOM   715  O O   . ARG A 1 102 ? 0.07387   19.09902  -16.73560 1.000 37.84869  ? 258 ARG A O   1 
ATOM   716  C CB  . ARG A 1 102 ? 1.43220   17.55443  -19.33688 1.000 33.23675  ? 258 ARG A CB  1 
ATOM   717  C CG  . ARG A 1 102 ? 2.75723   16.87108  -19.61309 1.000 35.33745  ? 258 ARG A CG  1 
ATOM   718  C CD  . ARG A 1 102 ? 3.53534   17.56603  -20.71421 1.000 35.17996  ? 258 ARG A CD  1 
ATOM   719  N NE  . ARG A 1 102 ? 4.90612   17.06244  -20.77451 1.000 30.32154  ? 258 ARG A NE  1 
ATOM   720  C CZ  . ARG A 1 102 ? 5.45282   16.51232  -21.85586 1.000 36.43040  ? 258 ARG A CZ  1 
ATOM   721  N NH1 . ARG A 1 102 ? 4.74674   16.40727  -22.98280 1.000 37.47355  ? 258 ARG A NH1 1 
ATOM   722  N NH2 . ARG A 1 102 ? 6.70966   16.07094  -21.81420 1.000 30.88622  ? 258 ARG A NH2 1 
ATOM   723  N N   . THR A 1 103 ? -1.41436  18.13751  -18.11852 1.000 26.73456  ? 259 THR A N   1 
ATOM   724  C CA  . THR A 1 103 ? -2.47219  19.05243  -17.70467 1.000 33.68860  ? 259 THR A CA  1 
ATOM   725  C C   . THR A 1 103 ? -2.88253  18.81034  -16.26057 1.000 32.15279  ? 259 THR A C   1 
ATOM   726  O O   . THR A 1 103 ? -3.19011  19.76396  -15.53365 1.000 29.14437  ? 259 THR A O   1 
ATOM   727  C CB  . THR A 1 103 ? -3.67594  18.92056  -18.63922 1.000 35.99145  ? 259 THR A CB  1 
ATOM   728  O OG1 . THR A 1 103 ? -4.46234  17.78042  -18.26371 1.000 43.06592  ? 259 THR A OG1 1 
ATOM   729  C CG2 . THR A 1 103 ? -3.19655  18.74094  -20.08110 1.000 31.56755  ? 259 THR A CG2 1 
ATOM   730  N N   . LYS A 1 104 ? -2.84422  17.55899  -15.80816 1.000 29.62894  ? 260 LYS A N   1 
ATOM   731  C CA  . LYS A 1 104 ? -3.22745  17.27547  -14.43691 1.000 27.97925  ? 260 LYS A CA  1 
ATOM   732  C C   . LYS A 1 104 ? -2.19457  17.72912  -13.41613 1.000 29.43622  ? 260 LYS A C   1 
ATOM   733  O O   . LYS A 1 104 ? -2.46975  17.66811  -12.20950 1.000 33.97270  ? 260 LYS A O   1 
ATOM   734  C CB  . LYS A 1 104 ? -3.48169  15.77624  -14.25798 1.000 32.48912  ? 260 LYS A CB  1 
ATOM   735  C CG  . LYS A 1 104 ? -4.69071  15.27292  -15.00368 1.000 35.45647  ? 260 LYS A CG  1 
ATOM   736  C CD  . LYS A 1 104 ? -4.93450  13.81940  -14.71171 1.000 38.94825  ? 260 LYS A CD  1 
ATOM   737  C CE  . LYS A 1 104 ? -6.19824  13.38882  -15.39838 1.000 43.05481  ? 260 LYS A CE  1 
ATOM   738  N NZ  . LYS A 1 104 ? -6.00908  13.50462  -16.87072 1.000 46.95088  ? 260 LYS A NZ  1 
ATOM   739  N N   . LEU A 1 105 ? -1.02183  18.17372  -13.84292 1.000 27.66851  ? 261 LEU A N   1 
ATOM   740  C CA  . LEU A 1 105 ? 0.02234   18.50236  -12.88300 1.000 32.24799  ? 261 LEU A CA  1 
ATOM   741  C C   . LEU A 1 105 ? 0.21102   20.00137  -12.68044 1.000 32.61248  ? 261 LEU A C   1 
ATOM   742  O O   . LEU A 1 105 ? 1.17700   20.40480  -12.02768 1.000 35.54724  ? 261 LEU A O   1 
ATOM   743  C CB  . LEU A 1 105 ? 1.33553   17.84047  -13.30066 1.000 34.96987  ? 261 LEU A CB  1 
ATOM   744  C CG  . LEU A 1 105 ? 1.29525   16.34032  -12.97193 1.000 33.27972  ? 261 LEU A CG  1 
ATOM   745  C CD1 . LEU A 1 105 ? 2.62532   15.68132  -13.12001 1.000 28.08848  ? 261 LEU A CD1 1 
ATOM   746  C CD2 . LEU A 1 105 ? 0.72763   16.09884  -11.57071 1.000 32.23219  ? 261 LEU A CD2 1 
ATOM   747  N N   . GLY A 1 106 ? -0.67565  20.82890  -13.23478 1.000 39.63568  ? 262 GLY A N   1 
ATOM   748  C CA  . GLY A 1 106 ? -0.70851  22.25558  -12.95749 1.000 41.44148  ? 262 GLY A CA  1 
ATOM   749  C C   . GLY A 1 106 ? 0.57927   22.99106  -13.27396 1.000 49.01420  ? 262 GLY A C   1 
ATOM   750  O O   . GLY A 1 106 ? 1.12186   23.72000  -12.43335 1.000 46.72574  ? 262 GLY A O   1 
ATOM   751  N N   . LEU A 1 107 ? 1.07629   22.81384  -14.49155 1.000 42.25368  ? 263 LEU A N   1 
ATOM   752  C CA  . LEU A 1 107 ? 2.39108   23.33067  -14.82448 1.000 46.63322  ? 263 LEU A CA  1 
ATOM   753  C C   . LEU A 1 107 ? 2.36585   24.76856  -15.34123 1.000 55.80088  ? 263 LEU A C   1 
ATOM   754  O O   . LEU A 1 107 ? 3.40656   25.44602  -15.29561 1.000 55.97779  ? 263 LEU A O   1 
ATOM   755  C CB  . LEU A 1 107 ? 3.04614   22.40277  -15.84744 1.000 45.44640  ? 263 LEU A CB  1 
ATOM   756  C CG  . LEU A 1 107 ? 3.21518   20.96834  -15.35550 1.000 43.27744  ? 263 LEU A CG  1 
ATOM   757  C CD1 . LEU A 1 107 ? 3.40602   20.04919  -16.54257 1.000 38.79557  ? 263 LEU A CD1 1 
ATOM   758  C CD2 . LEU A 1 107 ? 4.38585   20.86980  -14.37595 1.000 37.08886  ? 263 LEU A CD2 1 
ATOM   759  N N   . VAL A 1 108 ? 1.20043   25.25663  -15.78488 1.000 53.31673  ? 264 VAL A N   1 
ATOM   760  C CA  . VAL A 1 108 ? 1.10854   26.57235  -16.41334 1.000 55.44805  ? 264 VAL A CA  1 
ATOM   761  C C   . VAL A 1 108 ? 1.59488   27.67838  -15.46580 1.000 59.08629  ? 264 VAL A C   1 
ATOM   762  O O   . VAL A 1 108 ? 1.47846   27.58287  -14.23715 1.000 54.58632  ? 264 VAL A O   1 
ATOM   763  C CB  . VAL A 1 108 ? -0.33509  26.82924  -16.88165 1.000 47.06236  ? 264 VAL A CB  1 
ATOM   764  C CG1 . VAL A 1 108 ? -1.24201  27.13744  -15.69962 1.000 52.87883  ? 264 VAL A CG1 1 
ATOM   765  C CG2 . VAL A 1 108 ? -0.37994  27.92172  -17.92140 1.000 43.68794  ? 264 VAL A CG2 1 
ATOM   766  N N   . ALA A 1 109 ? 2.16272   28.73385  -16.05212 1.000 65.51735  ? 265 ALA A N   1 
ATOM   767  C CA  . ALA A 1 109 ? 2.80132   29.80242  -15.28833 1.000 64.06454  ? 265 ALA A CA  1 
ATOM   768  C C   . ALA A 1 109 ? 1.75894   30.72908  -14.66988 1.000 68.54139  ? 265 ALA A C   1 
ATOM   769  O O   . ALA A 1 109 ? 0.89210   31.25860  -15.37151 1.000 70.38635  ? 265 ALA A O   1 
ATOM   770  C CB  . ALA A 1 109 ? 3.74683   30.59971  -16.18680 1.000 63.63620  ? 265 ALA A CB  1 
ATOM   771  N N   . LYS A 1 110 ? 1.86147   30.94829  -13.36221 1.000 55.27426  ? 266 LYS A N   1 
ATOM   772  C CA  . LYS A 1 110 ? 0.83228   31.69457  -12.64555 1.000 53.29058  ? 266 LYS A CA  1 
ATOM   773  C C   . LYS A 1 110 ? 1.26635   33.06649  -12.09803 1.000 49.72321  ? 266 LYS A C   1 
ATOM   774  O O   . LYS A 1 110 ? 2.28602   33.20173  -11.42746 1.000 49.54014  ? 266 LYS A O   1 
ATOM   775  C CB  . LYS A 1 110 ? 0.29083   30.82395  -11.51637 1.000 50.07484  ? 266 LYS A CB  1 
ATOM   776  C CG  . LYS A 1 110 ? -0.88316  29.98286  -11.95164 1.000 48.40297  ? 266 LYS A CG  1 
ATOM   777  C CD  . LYS A 1 110 ? -0.46920  28.76292  -12.74951 1.000 53.94262  ? 266 LYS A CD  1 
ATOM   778  C CE  . LYS A 1 110 ? -0.15339  27.56794  -11.85034 1.000 63.31743  ? 266 LYS A CE  1 
ATOM   779  N NZ  . LYS A 1 110 ? 0.61509   26.48111  -12.55822 1.000 64.09710  ? 266 LYS A NZ  1 
ATOM   780  N N   . MET A 1 115 ? 6.69767   28.13427  -10.62118 1.000 60.31150  ? 271 MET A N   1 
ATOM   781  C CA  . MET A 1 115 ? 8.02526   27.74517  -11.08212 1.000 62.69260  ? 271 MET A CA  1 
ATOM   782  C C   . MET A 1 115 ? 8.33207   26.30807  -10.65623 1.000 57.00054  ? 271 MET A C   1 
ATOM   783  O O   . MET A 1 115 ? 8.86626   26.08795  -9.56931  1.000 64.92517  ? 271 MET A O   1 
ATOM   784  C CB  . MET A 1 115 ? 9.07173   28.70758  -10.51874 1.000 73.33817  ? 271 MET A CB  1 
ATOM   785  C CG  . MET A 1 115 ? 8.79291   30.17894  -10.84902 1.000 89.10530  ? 271 MET A CG  1 
ATOM   786  S SD  . MET A 1 115 ? 7.20150   30.82924  -10.23411 1.000 99.27172  ? 271 MET A SD  1 
ATOM   787  C CE  . MET A 1 115 ? 7.25425   30.40733  -8.49345  1.000 78.14365  ? 271 MET A CE  1 
ATOM   788  N N   . VAL A 1 116 ? 7.96911   25.33000  -11.48561 1.000 42.61176  ? 272 VAL A N   1 
ATOM   789  C CA  . VAL A 1 116 ? 8.17680   23.91586  -11.16818 1.000 35.51933  ? 272 VAL A CA  1 
ATOM   790  C C   . VAL A 1 116 ? 8.46205   23.17182  -12.46180 1.000 34.58921  ? 272 VAL A C   1 
ATOM   791  O O   . VAL A 1 116 ? 7.77722   23.38786  -13.46749 1.000 37.22510  ? 272 VAL A O   1 
ATOM   792  C CB  . VAL A 1 116 ? 6.96402   23.29252  -10.44771 1.000 43.15140  ? 272 VAL A CB  1 
ATOM   793  C CG1 . VAL A 1 116 ? 6.98767   23.64508  -8.96894  1.000 44.59912  ? 272 VAL A CG1 1 
ATOM   794  C CG2 . VAL A 1 116 ? 5.66637   23.76954  -11.08819 1.000 44.33293  ? 272 VAL A CG2 1 
ATOM   795  N N   . THR A 1 117 ? 9.49163   22.32692  -12.45497 1.000 29.34733  ? 273 THR A N   1 
ATOM   796  C CA  . THR A 1 117 ? 9.74967   21.48524  -13.61326 1.000 27.56773  ? 273 THR A CA  1 
ATOM   797  C C   . THR A 1 117 ? 8.76479   20.31950  -13.64556 1.000 22.68557  ? 273 THR A C   1 
ATOM   798  O O   . THR A 1 117 ? 8.07343   20.02096  -12.67082 1.000 19.21304  ? 273 THR A O   1 
ATOM   799  C CB  . THR A 1 117 ? 11.17313  20.93088  -13.60160 1.000 29.26916  ? 273 THR A CB  1 
ATOM   800  O OG1 . THR A 1 117 ? 11.29443  20.01059  -12.51480 1.000 24.15736  ? 273 THR A OG1 1 
ATOM   801  C CG2 . THR A 1 117 ? 12.21311  22.04558  -13.46256 1.000 29.50757  ? 273 THR A CG2 1 
ATOM   802  N N   . GLN A 1 118 ? 8.70832   19.65309  -14.79474 1.000 22.53434  ? 274 GLN A N   1 
ATOM   803  C CA  . GLN A 1 118 ? 7.87203   18.46377  -14.90780 1.000 25.41277  ? 274 GLN A CA  1 
ATOM   804  C C   . GLN A 1 118 ? 8.28606   17.39991  -13.89177 1.000 22.02234  ? 274 GLN A C   1 
ATOM   805  O O   . GLN A 1 118 ? 7.44010   16.80687  -13.20978 1.000 18.88833  ? 274 GLN A O   1 
ATOM   806  C CB  . GLN A 1 118 ? 7.95576   17.92627  -16.33104 1.000 20.18012  ? 274 GLN A CB  1 
ATOM   807  C CG  . GLN A 1 118 ? 7.25336   16.62867  -16.53255 1.000 23.55883  ? 274 GLN A CG  1 
ATOM   808  C CD  . GLN A 1 118 ? 7.47722   16.10645  -17.92334 1.000 28.50090  ? 274 GLN A CD  1 
ATOM   809  O OE1 . GLN A 1 118 ? 6.85160   16.56697  -18.88076 1.000 29.81435  ? 274 GLN A OE1 1 
ATOM   810  N NE2 . GLN A 1 118 ? 8.38936   15.15467  -18.05405 1.000 26.19209  ? 274 GLN A NE2 1 
ATOM   811  N N   . LYS A 1 119 ? 9.58464   17.17333  -13.74190 1.000 19.26945  ? 275 LYS A N   1 
ATOM   812  C CA  . LYS A 1 119 ? 10.02044  16.12673  -12.83130 1.000 20.78641  ? 275 LYS A CA  1 
ATOM   813  C C   . LYS A 1 119 ? 9.64681   16.48126  -11.39790 1.000 21.67614  ? 275 LYS A C   1 
ATOM   814  O O   . LYS A 1 119 ? 9.25378   15.60779  -10.61211 1.000 16.72350  ? 275 LYS A O   1 
ATOM   815  C CB  . LYS A 1 119 ? 11.52699  15.90482  -13.01143 1.000 21.65223  ? 275 LYS A CB  1 
ATOM   816  C CG  . LYS A 1 119 ? 12.16903  14.84787  -12.11556 1.000 27.36565  ? 275 LYS A CG  1 
ATOM   817  C CD  . LYS A 1 119 ? 11.32416  13.57834  -11.97122 1.000 25.03791  ? 275 LYS A CD  1 
ATOM   818  C CE  . LYS A 1 119 ? 12.12750  12.32106  -12.29714 1.000 31.56856  ? 275 LYS A CE  1 
ATOM   819  N NZ  . LYS A 1 119 ? 13.31589  12.12539  -11.41541 1.000 24.52144  ? 275 LYS A NZ  1 
ATOM   820  N N   . GLU A 1 120 ? 9.70356   17.77280  -11.05336 1.000 20.37453  ? 276 GLU A N   1 
ATOM   821  C CA  . GLU A 1 120 ? 9.35394   18.19582  -9.69765  1.000 20.58786  ? 276 GLU A CA  1 
ATOM   822  C C   . GLU A 1 120 ? 7.86608   17.97802  -9.40741  1.000 20.08377  ? 276 GLU A C   1 
ATOM   823  O O   . GLU A 1 120 ? 7.49859   17.49629  -8.32610  1.000 19.09349  ? 276 GLU A O   1 
ATOM   824  C CB  . GLU A 1 120 ? 9.74234   19.66509  -9.49084  1.000 22.38983  ? 276 GLU A CB  1 
ATOM   825  C CG  . GLU A 1 120 ? 11.24744  19.89999  -9.38554  1.000 29.29649  ? 276 GLU A CG  1 
ATOM   826  C CD  . GLU A 1 120 ? 11.70035  21.37145  -9.59261  1.000 36.54951  ? 276 GLU A CD  1 
ATOM   827  O OE1 . GLU A 1 120 ? 12.89586  21.64957  -9.34038  1.000 35.49439  ? 276 GLU A OE1 1 
ATOM   828  O OE2 . GLU A 1 120 ? 10.89167  22.24167  -10.00608 1.000 33.52558  ? 276 GLU A OE2 1 
ATOM   829  N N   . ALA A 1 121 ? 6.99707   18.32472  -10.35870 1.000 20.96029  ? 277 ALA A N   1 
ATOM   830  C CA  . ALA A 1 121 ? 5.55958   18.09664  -10.18498 1.000 21.69381  ? 277 ALA A CA  1 
ATOM   831  C C   . ALA A 1 121 ? 5.25755   16.60420  -10.05378 1.000 19.49211  ? 277 ALA A C   1 
ATOM   832  O O   . ALA A 1 121 ? 4.48637   16.19189  -9.18277  1.000 20.67558  ? 277 ALA A O   1 
ATOM   833  C CB  . ALA A 1 121 ? 4.78961   18.70966  -11.36546 1.000 21.10270  ? 277 ALA A CB  1 
ATOM   834  N N   . ILE A 1 122 ? 5.88145   15.77875  -10.89819 1.000 18.49235  ? 278 ILE A N   1 
ATOM   835  C CA  . ILE A 1 122 ? 5.71157   14.33083  -10.80703 1.000 17.96724  ? 278 ILE A CA  1 
ATOM   836  C C   . ILE A 1 122 ? 6.18806   13.81359  -9.45603  1.000 18.43490  ? 278 ILE A C   1 
ATOM   837  O O   . ILE A 1 122 ? 5.55962   12.93785  -8.85638  1.000 18.52070  ? 278 ILE A O   1 
ATOM   838  C CB  . ILE A 1 122 ? 6.44385   13.64231  -11.96700 1.000 16.59000  ? 278 ILE A CB  1 
ATOM   839  C CG1 . ILE A 1 122 ? 5.72837   13.95443  -13.28014 1.000 15.20309  ? 278 ILE A CG1 1 
ATOM   840  C CG2 . ILE A 1 122 ? 6.50094   12.11696  -11.73714 1.000 15.52817  ? 278 ILE A CG2 1 
ATOM   841  C CD1 . ILE A 1 122 ? 6.52902   13.56989  -14.48779 1.000 17.22535  ? 278 ILE A CD1 1 
ATOM   842  N N   . THR A 1 123 ? 7.29328   14.34925  -8.94496  1.000 17.94735  ? 279 THR A N   1 
ATOM   843  C CA  . THR A 1 123 ? 7.81762   13.86720  -7.67170  1.000 18.28062  ? 279 THR A CA  1 
ATOM   844  C C   . THR A 1 123 ? 6.84624   14.16165  -6.53429  1.000 22.28859  ? 279 THR A C   1 
ATOM   845  O O   . THR A 1 123 ? 6.67509   13.34878  -5.61185  1.000 20.63177  ? 279 THR A O   1 
ATOM   846  C CB  . THR A 1 123 ? 9.17442   14.52186  -7.40981  1.000 23.53315  ? 279 THR A CB  1 
ATOM   847  O OG1 . THR A 1 123 ? 10.11695  14.06046  -8.39382  1.000 25.71991  ? 279 THR A OG1 1 
ATOM   848  C CG2 . THR A 1 123 ? 9.67652   14.19726  -6.01756  1.000 25.35517  ? 279 THR A CG2 1 
ATOM   849  N N   . LYS A 1 124 ? 6.21020   15.32968  -6.58159  1.000 23.75874  ? 280 LYS A N   1 
ATOM   850  C CA  . LYS A 1 124 ? 5.27067   15.71858  -5.54239  1.000 25.07877  ? 280 LYS A CA  1 
ATOM   851  C C   . LYS A 1 124 ? 3.99301   14.92149  -5.67525  1.000 22.97240  ? 280 LYS A C   1 
ATOM   852  O O   . LYS A 1 124 ? 3.41511   14.49149  -4.67617  1.000 24.58203  ? 280 LYS A O   1 
ATOM   853  C CB  . LYS A 1 124 ? 4.98346   17.22190  -5.64220  1.000 25.95882  ? 280 LYS A CB  1 
ATOM   854  C CG  . LYS A 1 124 ? 5.30735   18.03190  -4.38486  1.000 42.62765  ? 280 LYS A CG  1 
ATOM   855  C CD  . LYS A 1 124 ? 5.17806   19.53583  -4.66036  1.000 50.79483  ? 280 LYS A CD  1 
ATOM   856  C CE  . LYS A 1 124 ? 6.17687   19.99436  -5.74177  1.000 52.69000  ? 280 LYS A CE  1 
ATOM   857  N NZ  . LYS A 1 124 ? 6.20047   21.48151  -5.96901  1.000 47.74382  ? 280 LYS A NZ  1 
ATOM   858  N N   . MET A 1 125 ? 3.56970   14.68327  -6.90553  1.000 20.87810  ? 281 MET A N   1 
ATOM   859  C CA  . MET A 1 125 ? 2.37777   13.89091  -7.13655  1.000 22.73979  ? 281 MET A CA  1 
ATOM   860  C C   . MET A 1 125 ? 2.55338   12.46738  -6.59549  1.000 24.56836  ? 281 MET A C   1 
ATOM   861  O O   . MET A 1 125 ? 1.70381   11.97073  -5.83127  1.000 22.70241  ? 281 MET A O   1 
ATOM   862  C CB  . MET A 1 125 ? 2.06437   13.93049  -8.63180  1.000 23.52525  ? 281 MET A CB  1 
ATOM   863  C CG  . MET A 1 125 ? 0.74944   13.34364  -8.98904  1.000 29.41874  ? 281 MET A CG  1 
ATOM   864  S SD  . MET A 1 125 ? 1.06094   11.64134  -9.46810  1.000 42.88170  ? 281 MET A SD  1 
ATOM   865  C CE  . MET A 1 125 ? 1.78680   11.92470  -11.06676 1.000 17.18926  ? 281 MET A CE  1 
ATOM   866  N N   . ILE A 1 126 ? 3.69421   11.82957  -6.89291  1.000 17.70011  ? 282 ILE A N   1 
ATOM   867  C CA  . ILE A 1 126 ? 3.88080   10.43662  -6.47810  1.000 19.51481  ? 282 ILE A CA  1 
ATOM   868  C C   . ILE A 1 126 ? 4.09802   10.34039  -4.97220  1.000 21.70758  ? 282 ILE A C   1 
ATOM   869  O O   . ILE A 1 126 ? 3.62579   9.40154   -4.32339  1.000 16.66028  ? 282 ILE A O   1 
ATOM   870  C CB  . ILE A 1 126 ? 5.03455   9.78578   -7.26192  1.000 21.61921  ? 282 ILE A CB  1 
ATOM   871  C CG1 . ILE A 1 126 ? 4.66934   9.65991   -8.75384  1.000 22.68273  ? 282 ILE A CG1 1 
ATOM   872  C CG2 . ILE A 1 126 ? 5.40792   8.42364   -6.66028  1.000 20.35681  ? 282 ILE A CG2 1 
ATOM   873  C CD1 . ILE A 1 126 ? 3.33972   8.91963   -9.00971  1.000 20.32460  ? 282 ILE A CD1 1 
ATOM   874  N N   . THR A 1 127 ? 4.83887   11.28630  -4.39817  1.000 19.34290  ? 283 THR A N   1 
ATOM   875  C CA  . THR A 1 127 ? 4.96968   11.35623  -2.95171  1.000 21.89884  ? 283 THR A CA  1 
ATOM   876  C C   . THR A 1 127 ? 3.60070   11.40007  -2.29981  1.000 22.39464  ? 283 THR A C   1 
ATOM   877  O O   . THR A 1 127 ? 3.30995   10.66100  -1.35974  1.000 23.36637  ? 283 THR A O   1 
ATOM   878  C CB  . THR A 1 127 ? 5.75432   12.60807  -2.57002  1.000 28.56260  ? 283 THR A CB  1 
ATOM   879  O OG1 . THR A 1 127 ? 7.01315   12.61369  -3.26034  1.000 18.67755  ? 283 THR A OG1 1 
ATOM   880  C CG2 . THR A 1 127 ? 5.95347   12.66680  -1.04584  1.000 24.34073  ? 283 THR A CG2 1 
ATOM   881  N N   . ASN A 1 128 ? 2.75387   12.28868  -2.79460  1.000 26.58168  ? 284 ASN A N   1 
ATOM   882  C CA  . ASN A 1 128 ? 1.38044   12.37233  -2.33248  1.000 29.26458  ? 284 ASN A CA  1 
ATOM   883  C C   . ASN A 1 128 ? 0.65973   11.02759  -2.49249  1.000 26.85842  ? 284 ASN A C   1 
ATOM   884  O O   . ASN A 1 128 ? 0.03010   10.53038  -1.54932  1.000 23.37750  ? 284 ASN A O   1 
ATOM   885  C CB  . ASN A 1 128 ? 0.69957   13.49430  -3.11756  1.000 28.93922  ? 284 ASN A CB  1 
ATOM   886  C CG  . ASN A 1 128 ? -0.72602  13.70069  -2.72731  1.000 37.21274  ? 284 ASN A CG  1 
ATOM   887  O OD1 . ASN A 1 128 ? -1.61100  12.96430  -3.17058  1.000 40.35116  ? 284 ASN A OD1 1 
ATOM   888  N ND2 . ASN A 1 128 ? -0.98058  14.74711  -1.94320  1.000 40.32212  ? 284 ASN A ND2 1 
ATOM   889  N N   . VAL A 1 129 ? 0.77801   10.40414  -3.67316  1.000 22.17508  ? 285 VAL A N   1 
ATOM   890  C CA  . VAL A 1 129 ? 0.07789   9.14350   -3.94094  1.000 22.34116  ? 285 VAL A CA  1 
ATOM   891  C C   . VAL A 1 129 ? 0.60366   8.03130   -3.04905  1.000 21.45337  ? 285 VAL A C   1 
ATOM   892  O O   . VAL A 1 129 ? -0.16984  7.24138   -2.50477  1.000 22.61292  ? 285 VAL A O   1 
ATOM   893  C CB  . VAL A 1 129 ? 0.20530   8.75619   -5.42548  1.000 25.39029  ? 285 VAL A CB  1 
ATOM   894  C CG1 . VAL A 1 129 ? -0.24125  7.31491   -5.63429  1.000 21.69331  ? 285 VAL A CG1 1 
ATOM   895  C CG2 . VAL A 1 129 ? -0.60749  9.68637   -6.29038  1.000 23.35465  ? 285 VAL A CG2 1 
ATOM   896  N N   . VAL A 1 130 ? 1.92428   7.94649   -2.88918  1.000 19.37030  ? 286 VAL A N   1 
ATOM   897  C CA  . VAL A 1 130 ? 2.50636   6.89623   -2.06663  1.000 24.55594  ? 286 VAL A CA  1 
ATOM   898  C C   . VAL A 1 130 ? 2.10731   7.06849   -0.60870  1.000 24.52985  ? 286 VAL A C   1 
ATOM   899  O O   . VAL A 1 130 ? 1.84616   6.08965   0.09384   1.000 20.68886  ? 286 VAL A O   1 
ATOM   900  C CB  . VAL A 1 130 ? 4.03193   6.87635   -2.23156  1.000 21.80022  ? 286 VAL A CB  1 
ATOM   901  C CG1 . VAL A 1 130 ? 4.67636   6.09421   -1.08672  1.000 22.97734  ? 286 VAL A CG1 1 
ATOM   902  C CG2 . VAL A 1 130 ? 4.40908   6.28597   -3.60187  1.000 24.99721  ? 286 VAL A CG2 1 
ATOM   903  N N   . HIS A 1 131 ? 2.07024   8.30987   -0.12495  1.000 26.37990  ? 287 HIS A N   1 
ATOM   904  C CA  . HIS A 1 131 ? 1.67397   8.53792   1.26135   1.000 25.68551  ? 287 HIS A CA  1 
ATOM   905  C C   . HIS A 1 131 ? 0.23964   8.08172   1.49764   1.000 26.66702  ? 287 HIS A C   1 
ATOM   906  O O   . HIS A 1 131 ? -0.07104  7.49952   2.54677   1.000 27.64449  ? 287 HIS A O   1 
ATOM   907  C CB  . HIS A 1 131 ? 1.83620   10.01812  1.62233   1.000 27.62656  ? 287 HIS A CB  1 
ATOM   908  C CG  . HIS A 1 131 ? 3.25510   10.43393  1.87185   1.000 35.86820  ? 287 HIS A CG  1 
ATOM   909  N ND1 . HIS A 1 131 ? 4.32133   9.55095   1.79471   1.000 38.27141  ? 287 HIS A ND1 1 
ATOM   910  C CD2 . HIS A 1 131 ? 3.79033   11.63349  2.20246   1.000 29.00566  ? 287 HIS A CD2 1 
ATOM   911  C CE1 . HIS A 1 131 ? 5.44406   10.19134  2.05568   1.000 26.95662  ? 287 HIS A CE1 1 
ATOM   912  N NE2 . HIS A 1 131 ? 5.15007   11.45726  2.31236   1.000 33.90859  ? 287 HIS A NE2 1 
ATOM   913  N N   . LYS A 1 132 ? -0.65137  8.34148   0.53546   1.000 21.32049  ? 288 LYS A N   1 
ATOM   914  C CA  . LYS A 1 132 ? -2.03845  7.92899   0.70378   1.000 24.50386  ? 288 LYS A CA  1 
ATOM   915  C C   . LYS A 1 132 ? -2.16524  6.41053   0.66393   1.000 28.00915  ? 288 LYS A C   1 
ATOM   916  O O   . LYS A 1 132 ? -2.95740  5.82449   1.41477   1.000 25.48070  ? 288 LYS A O   1 
ATOM   917  C CB  . LYS A 1 132 ? -2.91710  8.58313   -0.36132  1.000 26.15595  ? 288 LYS A CB  1 
ATOM   918  C CG  . LYS A 1 132 ? -4.33788  8.02662   -0.44291  1.000 26.16999  ? 288 LYS A CG  1 
ATOM   919  C CD  . LYS A 1 132 ? -5.16842  8.38591   0.78997   1.000 31.24757  ? 288 LYS A CD  1 
ATOM   920  C CE  . LYS A 1 132 ? -6.51796  7.67132   0.76682   1.000 36.73909  ? 288 LYS A CE  1 
ATOM   921  N NZ  . LYS A 1 132 ? -7.08299  7.55774   -0.61746  1.000 46.17126  ? 288 LYS A NZ  1 
ATOM   922  N N   . SER A 1 133 ? -1.36575  5.74745   -0.17271  1.000 24.51581  ? 289 SER A N   1 
ATOM   923  C CA  . SER A 1 133 ? -1.46817  4.29453   -0.25883  1.000 26.63386  ? 289 SER A CA  1 
ATOM   924  C C   . SER A 1 133 ? -0.85157  3.62503   0.95869   1.000 24.59818  ? 289 SER A C   1 
ATOM   925  O O   . SER A 1 133 ? -1.34009  2.58487   1.40449   1.000 25.69643  ? 289 SER A O   1 
ATOM   926  C CB  . SER A 1 133 ? -0.82208  3.79484   -1.54883  1.000 26.72835  ? 289 SER A CB  1 
ATOM   927  O OG  . SER A 1 133 ? -1.33274  4.52399   -2.65018  1.000 30.07448  ? 289 SER A OG  1 
ATOM   928  N N   . GLU A 1 134 ? 0.21011   4.20830   1.52096   1.000 21.44664  ? 290 GLU A N   1 
ATOM   929  C CA  . GLU A 1 134 ? 0.78607   3.65677   2.74012   1.000 23.53883  ? 290 GLU A CA  1 
ATOM   930  C C   . GLU A 1 134 ? -0.17923  3.76636   3.91353   1.000 22.33182  ? 290 GLU A C   1 
ATOM   931  O O   . GLU A 1 134 ? -0.30530  2.82789   4.70289   1.000 23.15781  ? 290 GLU A O   1 
ATOM   932  C CB  . GLU A 1 134 ? 2.10529   4.35320   3.08583   1.000 26.05434  ? 290 GLU A CB  1 
ATOM   933  C CG  . GLU A 1 134 ? 3.32111   3.76999   2.39738   1.000 34.82930  ? 290 GLU A CG  1 
ATOM   934  C CD  . GLU A 1 134 ? 4.59429   4.55539   2.68807   1.000 36.96546  ? 290 GLU A CD  1 
ATOM   935  O OE1 . GLU A 1 134 ? 5.66271   3.92636   2.86091   1.000 39.77554  ? 290 GLU A OE1 1 
ATOM   936  O OE2 . GLU A 1 134 ? 4.51735   5.80876   2.75301   1.000 40.58686  ? 290 GLU A OE2 1 
ATOM   937  N N   . ILE A 1 135 ? -0.86305  4.90098   4.06332   1.000 25.99868  ? 291 ILE A N   1 
ATOM   938  C CA  . ILE A 1 135 ? -1.75679  5.01050   5.22129   1.000 30.44135  ? 291 ILE A CA  1 
ATOM   939  C C   . ILE A 1 135 ? -3.04452  4.19931   5.01550   1.000 29.30792  ? 291 ILE A C   1 
ATOM   940  O O   . ILE A 1 135 ? -3.62374  3.69323   5.98721   1.000 30.96481  ? 291 ILE A O   1 
ATOM   941  C CB  . ILE A 1 135 ? -2.06581  6.48062   5.56016   1.000 28.63919  ? 291 ILE A CB  1 
ATOM   942  C CG1 . ILE A 1 135 ? -2.42343  6.61830   7.05406   1.000 29.89780  ? 291 ILE A CG1 1 
ATOM   943  C CG2 . ILE A 1 135 ? -3.19251  7.03071   4.69316   1.000 27.03413  ? 291 ILE A CG2 1 
ATOM   944  C CD1 . ILE A 1 135 ? -1.31016  6.19496   7.99401   1.000 22.89008  ? 291 ILE A CD1 1 
ATOM   945  N N   . THR A 1 136 ? -3.50731  4.05478   3.77152   1.000 24.36634  ? 292 THR A N   1 
ATOM   946  C CA  . THR A 1 136 ? -4.62249  3.15745   3.49574   1.000 24.63845  ? 292 THR A CA  1 
ATOM   947  C C   . THR A 1 136 ? -4.24167  1.71532   3.78998   1.000 27.00922  ? 292 THR A C   1 
ATOM   948  O O   . THR A 1 136 ? -5.03574  0.96025   4.36637   1.000 27.04956  ? 292 THR A O   1 
ATOM   949  C CB  . THR A 1 136 ? -5.07193  3.30941   2.04415   1.000 25.51674  ? 292 THR A CB  1 
ATOM   950  O OG1 . THR A 1 136 ? -5.28312  4.68938   1.77870   1.000 24.21691  ? 292 THR A OG1 1 
ATOM   951  C CG2 . THR A 1 136 ? -6.37511  2.55654   1.78388   1.000 24.83837  ? 292 THR A CG2 1 
ATOM   952  N N   . ALA A 1 137 ? -3.02510  1.31809   3.40871   1.000 25.03836  ? 293 ALA A N   1 
ATOM   953  C CA  . ALA A 1 137 ? -2.51590  0.00276   3.78428   1.000 25.40735  ? 293 ALA A CA  1 
ATOM   954  C C   . ALA A 1 137 ? -2.45515  -0.15660  5.29546   1.000 30.51415  ? 293 ALA A C   1 
ATOM   955  O O   . ALA A 1 137 ? -2.77722  -1.23089  5.82272   1.000 27.58274  ? 293 ALA A O   1 
ATOM   956  C CB  . ALA A 1 137 ? -1.12401  -0.21949  3.19311   1.000 25.97969  ? 293 ALA A CB  1 
ATOM   957  N N   . GLU A 1 138 ? -2.02069  0.89549   6.00702   1.000 23.94288  ? 294 GLU A N   1 
ATOM   958  C CA  . GLU A 1 138 ? -1.90953  0.82808   7.46227   1.000 29.84353  ? 294 GLU A CA  1 
ATOM   959  C C   . GLU A 1 138 ? -3.27733  0.64142   8.11305   1.000 27.84679  ? 294 GLU A C   1 
ATOM   960  O O   . GLU A 1 138 ? -3.40140  -0.04905  9.13318   1.000 28.12491  ? 294 GLU A O   1 
ATOM   961  C CB  . GLU A 1 138 ? -1.23026  2.09906   7.98752   1.000 30.98705  ? 294 GLU A CB  1 
ATOM   962  C CG  . GLU A 1 138 ? -0.61896  1.98348   9.37545   1.000 35.40894  ? 294 GLU A CG  1 
ATOM   963  C CD  . GLU A 1 138 ? 0.39828   0.85181   9.48504   1.000 41.45463  ? 294 GLU A CD  1 
ATOM   964  O OE1 . GLU A 1 138 ? 0.44219   0.17878   10.54280  1.000 47.57731  ? 294 GLU A OE1 1 
ATOM   965  O OE2 . GLU A 1 138 ? 1.16191   0.63460   8.51871   1.000 50.33811  ? 294 GLU A OE2 1 
ATOM   966  N N   . ALA A 1 139 ? -4.31131  1.25764   7.53958   1.000 27.95161  ? 295 ALA A N   1 
ATOM   967  C CA  . ALA A 1 139 ? -5.67249  1.09122   8.04727   1.000 29.63572  ? 295 ALA A CA  1 
ATOM   968  C C   . ALA A 1 139 ? -6.14786  -0.34565  7.87422   1.000 31.84651  ? 295 ALA A C   1 
ATOM   969  O O   . ALA A 1 139 ? -6.71272  -0.93675  8.80197   1.000 29.98380  ? 295 ALA A O   1 
ATOM   970  C CB  . ALA A 1 139 ? -6.62891  2.05797   7.33806   1.000 23.93220  ? 295 ALA A CB  1 
ATOM   971  N N   . ALA A 1 140 ? -5.94113  -0.92088  6.67850   1.000 28.20363  ? 296 ALA A N   1 
ATOM   972  C CA  . ALA A 1 140 ? -6.29469  -2.32159  6.45476   1.000 25.38879  ? 296 ALA A CA  1 
ATOM   973  C C   . ALA A 1 140 ? -5.51960  -3.24529  7.38710   1.000 28.78580  ? 296 ALA A C   1 
ATOM   974  O O   . ALA A 1 140 ? -6.09272  -4.17395  7.97306   1.000 30.35713  ? 296 ALA A O   1 
ATOM   975  C CB  . ALA A 1 140 ? -6.04302  -2.70829  5.00171   1.000 25.52317  ? 296 ALA A CB  1 
ATOM   976  N N   . LYS A 1 141 ? -4.21585  -3.01413  7.53803   1.000 24.26740  ? 297 LYS A N   1 
ATOM   977  C CA  . LYS A 1 141 ? -3.45589  -3.79186  8.50669   1.000 27.90482  ? 297 LYS A CA  1 
ATOM   978  C C   . LYS A 1 141 ? -4.08630  -3.70000  9.89059   1.000 31.06169  ? 297 LYS A C   1 
ATOM   979  O O   . LYS A 1 141 ? -4.22206  -4.70982  10.59149  1.000 29.08988  ? 297 LYS A O   1 
ATOM   980  C CB  . LYS A 1 141 ? -2.00879  -3.31884  8.56017   1.000 28.18940  ? 297 LYS A CB  1 
ATOM   981  C CG  . LYS A 1 141 ? -1.21723  -4.01902  9.64419   1.000 29.71121  ? 297 LYS A CG  1 
ATOM   982  C CD  . LYS A 1 141 ? 0.02622   -3.24737  10.05265  1.000 38.33593  ? 297 LYS A CD  1 
ATOM   983  C CE  . LYS A 1 141 ? 1.18134   -3.49947  9.09249   1.000 42.80292  ? 297 LYS A CE  1 
ATOM   984  N NZ  . LYS A 1 141 ? 2.41712   -3.97086  9.81192   1.000 52.88475  ? 297 LYS A NZ  1 
ATOM   985  N N   . THR A 1 142 ? -4.48976  -2.49715  10.28979  1.000 24.49356  ? 298 THR A N   1 
ATOM   986  C CA  . THR A 1 142 ? -5.03257  -2.29808  11.62688  1.000 29.35578  ? 298 THR A CA  1 
ATOM   987  C C   . THR A 1 142 ? -6.32364  -3.09059  11.81939  1.000 28.07559  ? 298 THR A C   1 
ATOM   988  O O   . THR A 1 142 ? -6.48636  -3.79981  12.82217  1.000 28.71656  ? 298 THR A O   1 
ATOM   989  C CB  . THR A 1 142 ? -5.24268  -0.79847  11.86173  1.000 28.35678  ? 298 THR A CB  1 
ATOM   990  O OG1 . THR A 1 142 ? -3.96199  -0.16155  11.87738  1.000 34.24208  ? 298 THR A OG1 1 
ATOM   991  C CG2 . THR A 1 142 ? -5.94439  -0.52693  13.20304  1.000 33.21083  ? 298 THR A CG2 1 
ATOM   992  N N   . GLU A 1 143 ? -7.23692  -3.01474  10.84787  1.000 25.60672  ? 299 GLU A N   1 
ATOM   993  C CA  . GLU A 1 143 ? -8.50604  -3.73351  10.95056  1.000 28.23595  ? 299 GLU A CA  1 
ATOM   994  C C   . GLU A 1 143 ? -8.29657  -5.24457  10.98456  1.000 30.78205  ? 299 GLU A C   1 
ATOM   995  O O   . GLU A 1 143 ? -8.85275  -5.94874  11.84234  1.000 29.36587  ? 299 GLU A O   1 
ATOM   996  C CB  . GLU A 1 143 ? -9.41764  -3.35692  9.78024   1.000 29.97945  ? 299 GLU A CB  1 
ATOM   997  C CG  . GLU A 1 143 ? -10.73541 -4.11287  9.76843   1.000 38.47340  ? 299 GLU A CG  1 
ATOM   998  C CD  . GLU A 1 143 ? -11.46272 -4.00760  8.44166   1.000 47.50646  ? 299 GLU A CD  1 
ATOM   999  O OE1 . GLU A 1 143 ? -12.04354 -5.02947  7.98927   1.000 54.27550  ? 299 GLU A OE1 1 
ATOM   1000 O OE2 . GLU A 1 143 ? -11.43206 -2.90493  7.84824   1.000 48.06060  ? 299 GLU A OE2 1 
ATOM   1001 N N   . VAL A 1 144 ? -7.51827  -5.76593  10.03592  1.000 26.62703  ? 300 VAL A N   1 
ATOM   1002 C CA  . VAL A 1 144 ? -7.35277  -7.21043  9.92309   1.000 25.84597  ? 300 VAL A CA  1 
ATOM   1003 C C   . VAL A 1 144 ? -6.62250  -7.76154  11.14164  1.000 26.72127  ? 300 VAL A C   1 
ATOM   1004 O O   . VAL A 1 144 ? -6.94988  -8.84580  11.64739  1.000 29.92451  ? 300 VAL A O   1 
ATOM   1005 C CB  . VAL A 1 144 ? -6.62152  -7.54273  8.60484   1.000 29.38125  ? 300 VAL A CB  1 
ATOM   1006 C CG1 . VAL A 1 144 ? -6.14815  -8.98615  8.58746   1.000 29.41795  ? 300 VAL A CG1 1 
ATOM   1007 C CG2 . VAL A 1 144 ? -7.52994  -7.24214  7.40435   1.000 22.09192  ? 300 VAL A CG2 1 
ATOM   1008 N N   . ALA A 1 145 ? -5.61336  -7.03435  11.62267  1.000 22.80943  ? 301 ALA A N   1 
ATOM   1009 C CA  . ALA A 1 145 ? -4.89445  -7.45364  12.81984  1.000 28.83829  ? 301 ALA A CA  1 
ATOM   1010 C C   . ALA A 1 145 ? -5.81752  -7.53296  14.03328  1.000 25.74613  ? 301 ALA A C   1 
ATOM   1011 O O   . ALA A 1 145 ? -5.69715  -8.45256  14.84838  1.000 23.28401  ? 301 ALA A O   1 
ATOM   1012 C CB  . ALA A 1 145 ? -3.74539  -6.48612  13.09770  1.000 24.06880  ? 301 ALA A CB  1 
ATOM   1013 N N   . ALA A 1 146 ? -6.72042  -6.55575  14.17983  1.000 24.48277  ? 302 ALA A N   1 
ATOM   1014 C CA  . ALA A 1 146 ? -7.63410  -6.50636  15.31817  1.000 28.41797  ? 302 ALA A CA  1 
ATOM   1015 C C   . ALA A 1 146 ? -8.68919  -7.60070  15.22507  1.000 29.70524  ? 302 ALA A C   1 
ATOM   1016 O O   . ALA A 1 146 ? -8.98646  -8.27623  16.21645  1.000 26.02225  ? 302 ALA A O   1 
ATOM   1017 C CB  . ALA A 1 146 ? -8.29688  -5.13133  15.39305  1.000 24.47275  ? 302 ALA A CB  1 
ATOM   1018 N N   . THR A 1 147 ? -9.26358  -7.79351  14.03640  1.000 27.85413  ? 303 THR A N   1 
ATOM   1019 C CA  . THR A 1 147 ? -10.24519 -8.86149  13.84674  1.000 27.25006  ? 303 THR A CA  1 
ATOM   1020 C C   . THR A 1 147 ? -9.64726  -10.22930 14.15283  1.000 30.63083  ? 303 THR A C   1 
ATOM   1021 O O   . THR A 1 147 ? -10.26148 -11.04910 14.84900  1.000 29.61785  ? 303 THR A O   1 
ATOM   1022 C CB  . THR A 1 147 ? -10.77844 -8.81636  12.41912  1.000 27.81785  ? 303 THR A CB  1 
ATOM   1023 O OG1 . THR A 1 147 ? -11.53958 -7.61262  12.25564  1.000 23.78583  ? 303 THR A OG1 1 
ATOM   1024 C CG2 . THR A 1 147 ? -11.67073 -10.02618 12.13282  1.000 33.89937  ? 303 THR A CG2 1 
ATOM   1025 N N   . LYS A 1 148 ? -8.44574  -10.49477 13.63454  1.000 27.00481  ? 304 LYS A N   1 
ATOM   1026 C CA  . LYS A 1 148 ? -7.78792  -11.77247 13.89191  1.000 30.59438  ? 304 LYS A CA  1 
ATOM   1027 C C   . LYS A 1 148 ? -7.43088  -11.91930 15.36668  1.000 30.13448  ? 304 LYS A C   1 
ATOM   1028 O O   . LYS A 1 148 ? -7.66580  -12.97592 15.95778  1.000 31.07982  ? 304 LYS A O   1 
ATOM   1029 C CB  . LYS A 1 148 ? -6.53024  -11.90690 13.02163  1.000 32.02758  ? 304 LYS A CB  1 
ATOM   1030 C CG  . LYS A 1 148 ? -5.78105  -13.24699 13.15067  1.000 37.01725  ? 304 LYS A CG  1 
ATOM   1031 C CD  . LYS A 1 148 ? -6.69438  -14.43023 12.76687  1.000 40.95585  ? 304 LYS A CD  1 
ATOM   1032 C CE  . LYS A 1 148 ? -5.93090  -15.71463 12.43092  1.000 34.28610  ? 304 LYS A CE  1 
ATOM   1033 N NZ  . LYS A 1 148 ? -5.30666  -15.70341 11.05946  1.000 35.91060  ? 304 LYS A NZ  1 
ATOM   1034 N N   . THR A 1 149 ? -6.84912  -10.87607 15.97127  1.000 27.78756  ? 305 THR A N   1 
ATOM   1035 C CA  . THR A 1 149 ? -6.45966  -10.95745 17.37791  1.000 28.77814  ? 305 THR A CA  1 
ATOM   1036 C C   . THR A 1 149 ? -7.66291  -11.24643 18.26565  1.000 28.09493  ? 305 THR A C   1 
ATOM   1037 O O   . THR A 1 149 ? -7.58375  -12.08502 19.16803  1.000 31.32634  ? 305 THR A O   1 
ATOM   1038 C CB  . THR A 1 149 ? -5.77783  -9.66064  17.82625  1.000 30.25122  ? 305 THR A CB  1 
ATOM   1039 O OG1 . THR A 1 149 ? -4.53929  -9.48562  17.12125  1.000 30.57514  ? 305 THR A OG1 1 
ATOM   1040 C CG2 . THR A 1 149 ? -5.48979  -9.68728  19.34415  1.000 28.06478  ? 305 THR A CG2 1 
ATOM   1041 N N   . ALA A 1 150 ? -8.78552  -10.56268 18.02290  1.000 28.73821  ? 306 ALA A N   1 
ATOM   1042 C CA  . ALA A 1 150 ? -9.98466  -10.78086 18.82984  1.000 29.74437  ? 306 ALA A CA  1 
ATOM   1043 C C   . ALA A 1 150 ? -10.46453 -12.21818 18.72290  1.000 31.53973  ? 306 ALA A C   1 
ATOM   1044 O O   . ALA A 1 150 ? -10.80293 -12.84639 19.73209  1.000 34.93786  ? 306 ALA A O   1 
ATOM   1045 C CB  . ALA A 1 150 ? -11.09931 -9.82638  18.40973  1.000 27.97732  ? 306 ALA A CB  1 
ATOM   1046 N N   . ALA A 1 151 ? -10.50436 -12.75609 17.50212  1.000 29.32843  ? 307 ALA A N   1 
ATOM   1047 C CA  . ALA A 1 151 ? -10.98254 -14.12006 17.30924  1.000 30.85031  ? 307 ALA A CA  1 
ATOM   1048 C C   . ALA A 1 151 ? -10.02170 -15.12934 17.91971  1.000 33.27345  ? 307 ALA A C   1 
ATOM   1049 O O   . ALA A 1 151 ? -10.45156 -16.15958 18.45363  1.000 35.10184  ? 307 ALA A O   1 
ATOM   1050 C CB  . ALA A 1 151 ? -11.18449 -14.40910 15.82147  1.000 28.74368  ? 307 ALA A CB  1 
ATOM   1051 N N   . ALA A 1 152 ? -8.71781  -14.84583 17.86542  1.000 27.59463  ? 308 ALA A N   1 
ATOM   1052 C CA  . ALA A 1 152 ? -7.74293  -15.78763 18.39774  1.000 30.01593  ? 308 ALA A CA  1 
ATOM   1053 C C   . ALA A 1 152 ? -7.78449  -15.81869 19.92014  1.000 37.24092  ? 308 ALA A C   1 
ATOM   1054 O O   . ALA A 1 152 ? -7.79851  -16.89547 20.52448  1.000 37.22095  ? 308 ALA A O   1 
ATOM   1055 C CB  . ALA A 1 152 ? -6.34125  -15.43399 17.90727  1.000 30.51353  ? 308 ALA A CB  1 
ATOM   1056 N N   . ILE A 1 153 ? -7.80598  -14.64669 20.56225  1.000 36.30142  ? 309 ILE A N   1 
ATOM   1057 C CA  . ILE A 1 153 ? -7.76694  -14.61978 22.02429  1.000 38.71187  ? 309 ILE A CA  1 
ATOM   1058 C C   . ILE A 1 153 ? -9.05711  -15.18364 22.60216  1.000 38.15676  ? 309 ILE A C   1 
ATOM   1059 O O   . ILE A 1 153 ? -9.03886  -15.90087 23.61050  1.000 36.24466  ? 309 ILE A O   1 
ATOM   1060 C CB  . ILE A 1 153 ? -7.48601  -13.19657 22.54198  1.000 36.91834  ? 309 ILE A CB  1 
ATOM   1061 C CG1 . ILE A 1 153 ? -7.21331  -13.22840 24.04717  1.000 41.29621  ? 309 ILE A CG1 1 
ATOM   1062 C CG2 . ILE A 1 153 ? -8.64816  -12.28805 22.27057  1.000 33.52629  ? 309 ILE A CG2 1 
ATOM   1063 C CD1 . ILE A 1 153 ? -6.20772  -14.28892 24.46816  1.000 34.00599  ? 309 ILE A CD1 1 
ATOM   1064 N N   . LYS A 1 154 ? -10.18995 -14.88448 21.96536  1.000 33.93627  ? 310 LYS A N   1 
ATOM   1065 C CA  . LYS A 1 154 ? -11.45450 -15.47355 22.37832  1.000 37.27962  ? 310 LYS A CA  1 
ATOM   1066 C C   . LYS A 1 154 ? -11.38315 -16.98978 22.32786  1.000 40.68476  ? 310 LYS A C   1 
ATOM   1067 O O   . LYS A 1 154 ? -11.73179 -17.67591 23.29467  1.000 42.90617  ? 310 LYS A O   1 
ATOM   1068 C CB  . LYS A 1 154 ? -12.58458 -14.96542 21.48624  1.000 40.75594  ? 310 LYS A CB  1 
ATOM   1069 C CG  . LYS A 1 154 ? -13.95239 -15.50456 21.86678  1.000 47.86512  ? 310 LYS A CG  1 
ATOM   1070 C CD  . LYS A 1 154 ? -15.04197 -14.79701 21.09169  1.000 48.09986  ? 310 LYS A CD  1 
ATOM   1071 C CE  . LYS A 1 154 ? -16.03185 -15.78218 20.51803  1.000 48.78022  ? 310 LYS A CE  1 
ATOM   1072 N NZ  . LYS A 1 154 ? -17.31952 -15.68064 21.26901  1.000 56.14289  ? 310 LYS A NZ  1 
ATOM   1073 N N   . MET A 1 155 ? -10.93434 -17.52937 21.19724  1.000 43.34835  ? 311 MET A N   1 
ATOM   1074 C CA  . MET A 1 155 ? -10.79866 -18.97463 21.05912  1.000 46.18220  ? 311 MET A CA  1 
ATOM   1075 C C   . MET A 1 155 ? -9.85332  -19.54742 22.11222  1.000 41.52579  ? 311 MET A C   1 
ATOM   1076 O O   . MET A 1 155 ? -10.15022 -20.57691 22.72676  1.000 41.90110  ? 311 MET A O   1 
ATOM   1077 C CB  . MET A 1 155 ? -10.30205 -19.30543 19.65083  1.000 46.92570  ? 311 MET A CB  1 
ATOM   1078 C CG  . MET A 1 155 ? -10.97281 -20.48981 18.98033  1.000 52.45098  ? 311 MET A CG  1 
ATOM   1079 S SD  . MET A 1 155 ? -10.20518 -20.85075 17.38658  1.000 72.31666  ? 311 MET A SD  1 
ATOM   1080 C CE  . MET A 1 155 ? -8.45609  -20.85895 17.83493  1.000 52.84206  ? 311 MET A CE  1 
ATOM   1081 N N   . ASN A 1 156 ? -8.71266  -18.88864 22.34486  1.000 40.57418  ? 312 ASN A N   1 
ATOM   1082 C CA  . ASN A 1 156 ? -7.70149  -19.44286 23.24533  1.000 41.40057  ? 312 ASN A CA  1 
ATOM   1083 C C   . ASN A 1 156 ? -8.09752  -19.32518 24.71948  1.000 40.05619  ? 312 ASN A C   1 
ATOM   1084 O O   . ASN A 1 156 ? -7.82980  -20.24305 25.50681  1.000 38.52785  ? 312 ASN A O   1 
ATOM   1085 C CB  . ASN A 1 156 ? -6.35405  -18.76400 23.01607  1.000 35.41104  ? 312 ASN A CB  1 
ATOM   1086 C CG  . ASN A 1 156 ? -5.64211  -19.28201 21.79670  1.000 47.37411  ? 312 ASN A CG  1 
ATOM   1087 O OD1 . ASN A 1 156 ? -6.19924  -19.32656 20.69068  1.000 48.74607  ? 312 ASN A OD1 1 
ATOM   1088 N ND2 . ASN A 1 156 ? -4.39470  -19.71204 21.99484  1.000 53.24968  ? 312 ASN A ND2 1 
ATOM   1089 N N   . THR A 1 157 ? -8.69826  -18.19401 25.11261  1.000 40.00419  ? 313 THR A N   1 
ATOM   1090 C CA  . THR A 1 157 ? -9.16892  -18.02990 26.48454  1.000 41.85160  ? 313 THR A CA  1 
ATOM   1091 C C   . THR A 1 157 ? -10.23171 -19.06727 26.82266  1.000 45.22596  ? 313 THR A C   1 
ATOM   1092 O O   . THR A 1 157 ? -10.20414 -19.67127 27.89913  1.000 41.22312  ? 313 THR A O   1 
ATOM   1093 C CB  . THR A 1 157 ? -9.73814  -16.62415 26.66995  1.000 43.97068  ? 313 THR A CB  1 
ATOM   1094 O OG1 . THR A 1 157 ? -8.70228  -15.66939 26.45616  1.000 50.13548  ? 313 THR A OG1 1 
ATOM   1095 C CG2 . THR A 1 157 ? -10.32697 -16.42946 28.07933  1.000 49.09255  ? 313 THR A CG2 1 
ATOM   1096 N N   . GLU A 1 158 ? -11.19641 -19.26507 25.91699  1.000 39.96496  ? 314 GLU A N   1 
ATOM   1097 C CA  . GLU A 1 158 ? -12.24246 -20.26102 26.12718  1.000 46.23909  ? 314 GLU A CA  1 
ATOM   1098 C C   . GLU A 1 158 ? -11.65813 -21.65574 26.27942  1.000 46.59867  ? 314 GLU A C   1 
ATOM   1099 O O   . GLU A 1 158 ? -12.16408 -22.44866 27.07900  1.000 45.31398  ? 314 GLU A O   1 
ATOM   1100 C CB  . GLU A 1 158 ? -13.26572 -20.22933 24.97710  1.000 42.87962  ? 314 GLU A CB  1 
ATOM   1101 C CG  . GLU A 1 158 ? -14.33052 -19.13420 25.13941  1.000 53.77702  ? 314 GLU A CG  1 
ATOM   1102 C CD  . GLU A 1 158 ? -15.20217 -18.90590 23.89379  1.000 58.18239  ? 314 GLU A CD  1 
ATOM   1103 O OE1 . GLU A 1 158 ? -16.20235 -18.15673 24.00938  1.000 64.85401  ? 314 GLU A OE1 1 
ATOM   1104 O OE2 . GLU A 1 158 ? -14.90386 -19.46931 22.80971  1.000 56.99558  ? 314 GLU A OE2 1 
ATOM   1105 N N   . ALA A 1 159 ? -10.58539 -21.96280 25.54582  1.000 43.43077  ? 315 ALA A N   1 
ATOM   1106 C CA  . ALA A 1 159 ? -9.92131  -23.25184 25.70738  1.000 40.49459  ? 315 ALA A CA  1 
ATOM   1107 C C   . ALA A 1 159 ? -9.30529  -23.38602 27.09813  1.000 46.25174  ? 315 ALA A C   1 
ATOM   1108 O O   . ALA A 1 159 ? -9.54332  -24.37645 27.79987  1.000 47.27030  ? 315 ALA A O   1 
ATOM   1109 C CB  . ALA A 1 159 ? -8.85749  -23.43639 24.62555  1.000 36.70093  ? 315 ALA A CB  1 
ATOM   1110 N N   . ILE A 1 160 ? -8.51774  -22.39271 27.51930  1.000 44.13234  ? 316 ILE A N   1 
ATOM   1111 C CA  . ILE A 1 160 ? -7.80999  -22.49621 28.79432  1.000 45.71577  ? 316 ILE A CA  1 
ATOM   1112 C C   . ILE A 1 160 ? -8.78906  -22.46131 29.96370  1.000 45.35533  ? 316 ILE A C   1 
ATOM   1113 O O   . ILE A 1 160 ? -8.61660  -23.17595 30.95425  1.000 45.09433  ? 316 ILE A O   1 
ATOM   1114 C CB  . ILE A 1 160 ? -6.75101  -21.38302 28.91784  1.000 44.88697  ? 316 ILE A CB  1 
ATOM   1115 C CG1 . ILE A 1 160 ? -5.65485  -21.53509 27.86048  1.000 37.20882  ? 316 ILE A CG1 1 
ATOM   1116 C CG2 . ILE A 1 160 ? -6.15601  -21.35815 30.32721  1.000 37.90092  ? 316 ILE A CG2 1 
ATOM   1117 C CD1 . ILE A 1 160 ? -4.76560  -20.30189 27.74965  1.000 35.37793  ? 316 ILE A CD1 1 
ATOM   1118 N N   . GLU A 1 161 ? -9.82526  -21.62863 29.88081  1.000 49.51154  ? 317 GLU A N   1 
ATOM   1119 C CA  . GLU A 1 161 ? -10.78264 -21.58057 30.97985  1.000 52.60339  ? 317 GLU A CA  1 
ATOM   1120 C C   . GLU A 1 161 ? -11.59697 -22.86190 31.08170  1.000 54.94408  ? 317 GLU A C   1 
ATOM   1121 O O   . GLU A 1 161 ? -12.11204 -23.16855 32.16248  1.000 55.28402  ? 317 GLU A O   1 
ATOM   1122 C CB  . GLU A 1 161 ? -11.71255 -20.36414 30.84069  1.000 58.58400  ? 317 GLU A CB  1 
ATOM   1123 C CG  . GLU A 1 161 ? -10.98966 -19.00175 30.95545  1.000 53.59632  ? 317 GLU A CG  1 
ATOM   1124 C CD  . GLU A 1 161 ? -10.47777 -18.72198 32.36403  1.000 55.55405  ? 317 GLU A CD  1 
ATOM   1125 O OE1 . GLU A 1 161 ? -11.20653 -18.06176 33.14020  1.000 55.58770  ? 317 GLU A OE1 1 
ATOM   1126 O OE2 . GLU A 1 161 ? -9.35625  -19.17896 32.69990  1.000 47.09323  ? 317 GLU A OE2 1 
ATOM   1127 N N   . ALA A 1 162 ? -11.70616 -23.62438 29.99354  1.000 53.15055  ? 318 ALA A N   1 
ATOM   1128 C CA  . ALA A 1 162 ? -12.45884 -24.87094 30.01368  1.000 58.06090  ? 318 ALA A CA  1 
ATOM   1129 C C   . ALA A 1 162 ? -11.59662 -26.08271 30.34434  1.000 55.56974  ? 318 ALA A C   1 
ATOM   1130 O O   . ALA A 1 162 ? -12.13890 -27.11122 30.76456  1.000 53.57473  ? 318 ALA A O   1 
ATOM   1131 C CB  . ALA A 1 162 ? -13.16477 -25.09063 28.66557  1.000 53.48602  ? 318 ALA A CB  1 
ATOM   1132 N N   . ALA A 1 163 ? -10.27950 -25.99021 30.16783  1.000 56.36641  ? 319 ALA A N   1 
ATOM   1133 C CA  . ALA A 1 163 ? -9.37384  -27.08195 30.53492  1.000 60.56282  ? 319 ALA A CA  1 
ATOM   1134 C C   . ALA A 1 163 ? -9.14163  -27.09522 32.04343  1.000 55.94016  ? 319 ALA A C   1 
ATOM   1135 O O   . ALA A 1 163 ? -8.67653  -28.09088 32.59546  1.000 62.72438  ? 319 ALA A O   1 
ATOM   1136 C CB  . ALA A 1 163 ? -8.03911  -26.96056 29.78998  1.000 46.34710  ? 319 ALA A CB  1 
HETATM 1137 O O   . HOH B 2 .   ? 4.57866   33.33573  -11.65578 1.000 55.60420  ? 401 HOH A O   1 
HETATM 1138 O O   . HOH B 2 .   ? 13.15629  11.11453  -15.17397 1.000 33.13924  ? 402 HOH A O   1 
HETATM 1139 O O   . HOH B 2 .   ? -2.11389  8.19516   -17.95706 1.000 34.85139  ? 403 HOH A O   1 
HETATM 1140 O O   . HOH B 2 .   ? 3.97672   1.93277   -20.63957 1.000 36.05490  ? 404 HOH A O   1 
HETATM 1141 O O   . HOH B 2 .   ? 5.68651   26.21585  -15.15936 1.000 48.31569  ? 405 HOH A O   1 
HETATM 1142 O O   . HOH B 2 .   ? -3.22261  -1.30802  -14.82199 1.000 35.16757  ? 406 HOH A O   1 
HETATM 1143 O O   . HOH B 2 .   ? -3.98669  -26.50833 41.39998  1.000 40.19244  ? 407 HOH A O   1 
HETATM 1144 O O   . HOH B 2 .   ? 8.98104   -2.60785  -11.94133 1.000 24.23021  ? 408 HOH A O   1 
HETATM 1145 O O   . HOH B 2 .   ? 4.04936   16.99364  -33.69329 1.000 34.49682  ? 409 HOH A O   1 
HETATM 1146 O O   . HOH B 2 .   ? 1.11972   -6.18498  -8.27912  1.000 33.40385  ? 410 HOH A O   1 
HETATM 1147 O O   . HOH B 2 .   ? 2.12964   4.95669   -19.53539 1.000 34.05123  ? 411 HOH A O   1 
HETATM 1148 O O   . HOH B 2 .   ? -9.15771  7.03826   -15.55888 1.000 32.01799  ? 412 HOH A O   1 
HETATM 1149 O O   . HOH B 2 .   ? 1.22582   -25.29667 37.77958  1.000 35.96149  ? 413 HOH A O   1 
HETATM 1150 O O   . HOH B 2 .   ? -14.34906 -22.06310 28.44290  1.000 46.11544  ? 414 HOH A O   1 
HETATM 1151 O O   . HOH B 2 .   ? 1.00718   12.18340  -27.77106 1.000 44.63327  ? 415 HOH A O   1 
HETATM 1152 O O   . HOH B 2 .   ? 1.81779   -21.28125 27.95644  1.000 30.17232  ? 416 HOH A O   1 
HETATM 1153 O O   . HOH B 2 .   ? 11.67843  -0.88259  -5.72467  1.000 31.67400  ? 417 HOH A O   1 
HETATM 1154 O O   . HOH B 2 .   ? 11.44992  16.05996  -17.18366 1.000 29.17514  ? 418 HOH A O   1 
HETATM 1155 O O   . HOH B 2 .   ? -5.01016  -3.52982  14.98015  1.000 26.90561  ? 419 HOH A O   1 
HETATM 1156 O O   . HOH B 2 .   ? 2.62845   14.82204  -30.68390 1.000 44.74789  ? 420 HOH A O   1 
HETATM 1157 O O   . HOH B 2 .   ? -3.79474  -16.89714 21.21628  1.000 33.63469  ? 421 HOH A O   1 
HETATM 1158 O O   . HOH B 2 .   ? -6.36235  -1.53136  -7.67379  1.000 33.24750  ? 422 HOH A O   1 
HETATM 1159 O O   . HOH B 2 .   ? 13.72661  18.85261  -12.32918 1.000 28.30753  ? 423 HOH A O   1 
HETATM 1160 O O   . HOH B 2 .   ? -3.47008  11.13323  -17.82397 1.000 35.06890  ? 424 HOH A O   1 
HETATM 1161 O O   . HOH B 2 .   ? 3.81270   -3.87692  -24.14007 1.000 28.50723  ? 425 HOH A O   1 
HETATM 1162 O O   . HOH B 2 .   ? -12.96385 -11.37550 15.24890  1.000 37.07742  ? 426 HOH A O   1 
HETATM 1163 O O   . HOH B 2 .   ? 14.96829  3.51784   -5.37879  1.000 35.85878  ? 427 HOH A O   1 
HETATM 1164 O O   . HOH B 2 .   ? 4.64967   -3.24907  -4.74235  1.000 24.20484  ? 428 HOH A O   1 
HETATM 1165 O O   . HOH B 2 .   ? -4.31350  -11.56413 5.84798   1.000 41.82115  ? 429 HOH A O   1 
HETATM 1166 O O   . HOH B 2 .   ? 2.77361   22.59760  -10.38944 1.000 42.42128  ? 430 HOH A O   1 
HETATM 1167 O O   . HOH B 2 .   ? 4.08634   33.24210  -9.20418  1.000 51.69565  ? 431 HOH A O   1 
HETATM 1168 O O   . HOH B 2 .   ? -0.24503  -2.70970  -20.74161 1.000 40.03990  ? 432 HOH A O   1 
HETATM 1169 O O   . HOH B 2 .   ? 11.46873  18.12221  -15.70545 1.000 22.55860  ? 433 HOH A O   1 
HETATM 1170 O O   . HOH B 2 .   ? -7.78640  0.14177   3.99590   1.000 35.18706  ? 434 HOH A O   1 
HETATM 1171 O O   . HOH B 2 .   ? -2.41750  -6.25725  -4.13061  1.000 31.02369  ? 435 HOH A O   1 
HETATM 1172 O O   . HOH B 2 .   ? 9.18806   17.87149  -5.97774  1.000 33.11563  ? 436 HOH A O   1 
HETATM 1173 O O   . HOH B 2 .   ? -5.62532  -21.88696 24.47004  1.000 42.10184  ? 437 HOH A O   1 
HETATM 1174 O O   . HOH B 2 .   ? 15.82552  5.91287   -3.41822  1.000 34.51698  ? 438 HOH A O   1 
HETATM 1175 O O   . HOH B 2 .   ? 9.61938   4.79147   -18.49372 1.000 27.85467  ? 439 HOH A O   1 
HETATM 1176 O O   . HOH B 2 .   ? -5.23043  11.13184  -20.10439 1.000 40.35909  ? 440 HOH A O   1 
HETATM 1177 O O   . HOH B 2 .   ? 15.72503  7.53252   -9.46034  1.000 34.70813  ? 441 HOH A O   1 
HETATM 1178 O O   . HOH B 2 .   ? 3.28127   15.60387  -1.78084  1.000 44.39870  ? 442 HOH A O   1 
HETATM 1179 O O   . HOH B 2 .   ? 15.87166  4.93263   -9.12229  1.000 40.34394  ? 443 HOH A O   1 
HETATM 1180 O O   . HOH B 2 .   ? 12.09660  6.35346   -2.82036  1.000 35.35048  ? 444 HOH A O   1 
HETATM 1181 O O   . HOH B 2 .   ? -8.01692  -1.00366  -9.95750  1.000 35.95853  ? 445 HOH A O   1 
HETATM 1182 O O   . HOH B 2 .   ? -2.96987  -17.02572 18.58439  1.000 34.27127  ? 446 HOH A O   1 
HETATM 1183 O O   . HOH B 2 .   ? 17.40807  6.62647   -5.56648  1.000 31.53500  ? 447 HOH A O   1 
HETATM 1184 O O   . HOH B 2 .   ? 10.89532  18.65794  -33.96636 1.000 43.44423  ? 448 HOH A O   1 
HETATM 1185 O O   . HOH B 2 .   ? 13.25257  5.09425   -16.17349 1.000 28.66133  ? 449 HOH A O   1 
HETATM 1186 O O   . HOH B 2 .   ? -14.23905 -12.37011 17.88676  1.000 40.38148  ? 450 HOH A O   1 
HETATM 1187 O O   . HOH B 2 .   ? 9.89603   18.70141  -19.67448 1.000 40.79044  ? 451 HOH A O   1 
HETATM 1188 O O   . HOH B 2 .   ? -5.45485  -4.11968  -8.33778  1.000 39.91464  ? 452 HOH A O   1 
HETATM 1189 O O   . HOH B 2 .   ? -5.08235  -8.46919  -3.10853  1.000 52.29089  ? 453 HOH A O   1 
HETATM 1190 O O   . HOH B 2 .   ? 3.59634   30.88152  -8.05559  1.000 52.00901  ? 454 HOH A O   1 
HETATM 1191 O O   . HOH B 2 .   ? 14.25525  17.81978  -14.91746 1.000 34.94987  ? 455 HOH A O   1 
# 
